data_8BCJ
#
_entry.id   8BCJ
#
_cell.length_a   91.689
_cell.length_b   143.000
_cell.length_c   72.982
_cell.angle_alpha   90.000
_cell.angle_beta   90.000
_cell.angle_gamma   90.000
#
_symmetry.space_group_name_H-M   'P 21 21 2'
#
loop_
_entity.id
_entity.type
_entity.pdbx_description
1 polymer 'Probable short-chain dehydrogenase'
2 non-polymer 'L(+)-TARTARIC ACID'
3 non-polymer 'NADP NICOTINAMIDE-ADENINE-DINUCLEOTIDE PHOSPHATE'
4 non-polymer IMIDAZOLE
5 water water
#
_entity_poly.entity_id   1
_entity_poly.type   'polypeptide(L)'
_entity_poly.pdbx_seq_one_letter_code
;GHMRNVMLITGASRGIGAATALLAAERGYAVVLNYLRNREAAEALRQRIERQGGEALAVAADVAEEGDVERLFASIDERF
GRLDVLVNNAGMLEAQTRLENIDAARLHRVFATNVTGSFLCAREAVKRLSTRHGGRGGSIVNVSSMASRLGSPNEYIDYA
AAKGAIDSMTIGLAREVAAEGIRVNAVRPGLIDTEIHASGGEPGRIERLKGGIPLGRGGTAEEVARAILWLASDEASYST
GTFIDVSGGR
;
_entity_poly.pdbx_strand_id   A,B,C,D
#
loop_
_chem_comp.id
_chem_comp.type
_chem_comp.name
_chem_comp.formula
IMD non-polymer IMIDAZOLE 'C3 H5 N2 1'
NAP non-polymer 'NADP NICOTINAMIDE-ADENINE-DINUCLEOTIDE PHOSPHATE' 'C21 H28 N7 O17 P3'
TLA non-polymer 'L(+)-TARTARIC ACID' 'C4 H6 O6'
#
# COMPACT_ATOMS: atom_id res chain seq x y z
N MET A 3 -14.02 37.15 -8.71
CA MET A 3 -13.57 37.07 -7.29
C MET A 3 -13.76 35.68 -6.66
N ARG A 4 -14.84 34.98 -7.01
CA ARG A 4 -14.99 33.61 -6.58
C ARG A 4 -13.88 32.75 -7.18
N ASN A 5 -13.40 31.75 -6.41
CA ASN A 5 -12.60 30.69 -7.02
C ASN A 5 -13.49 29.90 -7.96
N VAL A 6 -12.89 29.35 -9.01
CA VAL A 6 -13.60 28.65 -10.07
C VAL A 6 -13.21 27.17 -10.03
N MET A 7 -14.20 26.30 -10.00
CA MET A 7 -14.02 24.86 -9.98
C MET A 7 -14.69 24.22 -11.19
N LEU A 8 -13.93 23.43 -11.94
CA LEU A 8 -14.48 22.57 -12.97
C LEU A 8 -14.71 21.19 -12.37
N ILE A 9 -15.92 20.66 -12.54
N ILE A 9 -15.92 20.66 -12.53
CA ILE A 9 -16.27 19.30 -12.16
CA ILE A 9 -16.26 19.29 -12.18
C ILE A 9 -16.64 18.55 -13.43
C ILE A 9 -16.60 18.57 -13.47
N THR A 10 -15.81 17.58 -13.85
CA THR A 10 -16.19 16.76 -14.99
C THR A 10 -17.26 15.76 -14.54
N GLY A 11 -18.21 15.47 -15.42
CA GLY A 11 -19.31 14.61 -15.04
C GLY A 11 -20.11 15.13 -13.87
N ALA A 12 -20.54 16.39 -13.97
CA ALA A 12 -21.27 17.06 -12.91
C ALA A 12 -22.79 16.90 -13.03
N SER A 13 -23.27 16.23 -14.07
CA SER A 13 -24.72 16.18 -14.30
C SER A 13 -25.45 15.23 -13.37
N ARG A 14 -24.78 14.25 -12.80
CA ARG A 14 -25.41 13.21 -11.99
C ARG A 14 -24.47 12.81 -10.86
N GLY A 15 -25.02 12.08 -9.88
CA GLY A 15 -24.18 11.31 -8.97
C GLY A 15 -23.24 12.15 -8.12
N ILE A 16 -22.02 11.62 -7.96
CA ILE A 16 -21.02 12.31 -7.13
C ILE A 16 -20.69 13.68 -7.67
N GLY A 17 -20.59 13.81 -9.00
CA GLY A 17 -20.25 15.11 -9.58
C GLY A 17 -21.30 16.14 -9.28
N ALA A 18 -22.58 15.77 -9.40
CA ALA A 18 -23.65 16.70 -9.12
C ALA A 18 -23.64 17.14 -7.67
N ALA A 19 -23.41 16.19 -6.75
CA ALA A 19 -23.35 16.55 -5.34
C ALA A 19 -22.17 17.46 -5.06
N THR A 20 -21.04 17.20 -5.73
CA THR A 20 -19.86 18.03 -5.55
C THR A 20 -20.13 19.43 -6.08
N ALA A 21 -20.79 19.55 -7.22
CA ALA A 21 -21.09 20.86 -7.77
C ALA A 21 -21.99 21.67 -6.84
N LEU A 22 -23.04 21.05 -6.31
N LEU A 22 -23.03 21.04 -6.31
CA LEU A 22 -23.92 21.78 -5.42
CA LEU A 22 -23.93 21.75 -5.42
C LEU A 22 -23.21 22.20 -4.14
C LEU A 22 -23.19 22.21 -4.17
N LEU A 23 -22.40 21.32 -3.57
CA LEU A 23 -21.67 21.67 -2.35
C LEU A 23 -20.66 22.76 -2.61
N ALA A 24 -19.97 22.70 -3.75
CA ALA A 24 -18.99 23.72 -4.06
C ALA A 24 -19.64 25.07 -4.19
N ALA A 25 -20.81 25.12 -4.84
CA ALA A 25 -21.53 26.39 -4.94
C ALA A 25 -21.93 26.89 -3.55
N GLU A 26 -22.39 26.00 -2.68
CA GLU A 26 -22.74 26.39 -1.32
C GLU A 26 -21.53 26.95 -0.57
N ARG A 27 -20.35 26.47 -0.89
CA ARG A 27 -19.09 26.93 -0.29
C ARG A 27 -18.51 28.14 -1.00
N GLY A 28 -19.18 28.69 -2.02
CA GLY A 28 -18.77 29.93 -2.64
C GLY A 28 -17.98 29.82 -3.92
N TYR A 29 -17.79 28.64 -4.47
CA TYR A 29 -17.14 28.51 -5.76
C TYR A 29 -18.10 28.85 -6.89
N ALA A 30 -17.57 29.45 -7.95
CA ALA A 30 -18.21 29.42 -9.26
C ALA A 30 -17.91 28.04 -9.84
N VAL A 31 -18.91 27.41 -10.46
CA VAL A 31 -18.77 26.01 -10.85
CA VAL A 31 -18.80 26.00 -10.85
C VAL A 31 -19.01 25.85 -12.34
N VAL A 32 -18.14 25.06 -12.97
CA VAL A 32 -18.34 24.62 -14.34
C VAL A 32 -18.82 23.18 -14.28
N LEU A 33 -20.02 22.95 -14.80
CA LEU A 33 -20.69 21.66 -14.81
CA LEU A 33 -20.67 21.64 -14.80
C LEU A 33 -20.49 21.03 -16.18
N ASN A 34 -19.52 20.13 -16.29
CA ASN A 34 -19.37 19.37 -17.54
C ASN A 34 -20.29 18.17 -17.54
N TYR A 35 -20.80 17.86 -18.73
N TYR A 35 -20.76 17.83 -18.74
CA TYR A 35 -21.68 16.72 -18.92
CA TYR A 35 -21.62 16.66 -18.93
C TYR A 35 -21.44 16.18 -20.32
C TYR A 35 -21.35 16.06 -20.30
N LEU A 36 -22.09 15.06 -20.62
N LEU A 36 -21.67 14.76 -20.45
CA LEU A 36 -22.03 14.50 -21.97
CA LEU A 36 -21.51 14.07 -21.73
C LEU A 36 -23.44 14.16 -22.44
C LEU A 36 -22.77 14.21 -22.59
N ARG A 37 -24.05 13.14 -21.86
N ARG A 37 -23.92 13.80 -22.06
CA ARG A 37 -25.34 12.65 -22.32
CA ARG A 37 -25.18 13.80 -22.81
C ARG A 37 -26.54 13.20 -21.57
C ARG A 37 -26.39 14.19 -21.98
N ASN A 38 -26.36 13.98 -20.50
N ASN A 38 -26.35 14.09 -20.65
CA ASN A 38 -27.49 14.45 -19.70
CA ASN A 38 -27.49 14.46 -19.79
C ASN A 38 -27.48 15.99 -19.59
C ASN A 38 -27.56 15.99 -19.62
N ARG A 39 -27.76 16.66 -20.71
N ARG A 39 -27.82 16.66 -20.75
CA ARG A 39 -27.84 18.10 -20.74
CA ARG A 39 -27.84 18.12 -20.75
C ARG A 39 -28.87 18.64 -19.75
C ARG A 39 -28.89 18.66 -19.78
N GLU A 40 -30.09 18.08 -19.78
CA GLU A 40 -31.15 18.63 -18.95
C GLU A 40 -30.82 18.52 -17.47
N ALA A 41 -30.22 17.41 -17.05
CA ALA A 41 -29.81 17.29 -15.66
C ALA A 41 -28.77 18.34 -15.29
N ALA A 42 -27.80 18.57 -16.17
CA ALA A 42 -26.79 19.58 -15.91
C ALA A 42 -27.40 20.98 -15.87
N GLU A 43 -28.30 21.28 -16.81
CA GLU A 43 -28.93 22.59 -16.84
CA GLU A 43 -28.92 22.60 -16.84
C GLU A 43 -29.78 22.83 -15.61
N ALA A 44 -30.46 21.78 -15.11
CA ALA A 44 -31.25 21.94 -13.89
C ALA A 44 -30.37 22.26 -12.70
N LEU A 45 -29.19 21.64 -12.61
N LEU A 45 -29.18 21.65 -12.62
CA LEU A 45 -28.25 21.99 -11.54
CA LEU A 45 -28.25 21.98 -11.56
C LEU A 45 -27.72 23.40 -11.70
C LEU A 45 -27.71 23.39 -11.70
N ARG A 46 -27.35 23.79 -12.92
CA ARG A 46 -26.94 25.16 -13.17
CA ARG A 46 -26.94 25.16 -13.18
C ARG A 46 -28.01 26.13 -12.70
N GLN A 47 -29.25 25.84 -13.05
CA GLN A 47 -30.36 26.72 -12.69
C GLN A 47 -30.53 26.82 -11.19
N ARG A 48 -30.44 25.70 -10.48
CA ARG A 48 -30.51 25.73 -9.03
C ARG A 48 -29.42 26.62 -8.44
N ILE A 49 -28.19 26.50 -8.95
CA ILE A 49 -27.09 27.30 -8.41
C ILE A 49 -27.29 28.79 -8.73
N GLU A 50 -27.63 29.10 -9.98
CA GLU A 50 -27.79 30.49 -10.40
C GLU A 50 -28.96 31.15 -9.71
N ARG A 51 -30.08 30.46 -9.60
CA ARG A 51 -31.25 31.06 -8.99
CA ARG A 51 -31.25 31.08 -8.99
C ARG A 51 -30.99 31.47 -7.55
N GLN A 52 -30.12 30.73 -6.85
CA GLN A 52 -29.73 31.01 -5.48
C GLN A 52 -28.60 32.04 -5.40
N GLY A 53 -28.26 32.69 -6.49
CA GLY A 53 -27.27 33.74 -6.47
C GLY A 53 -25.86 33.31 -6.80
N GLY A 54 -25.66 32.05 -7.17
CA GLY A 54 -24.33 31.55 -7.48
C GLY A 54 -23.98 31.74 -8.94
N GLU A 55 -22.81 31.24 -9.30
CA GLU A 55 -22.29 31.34 -10.66
C GLU A 55 -22.01 29.93 -11.15
N ALA A 56 -22.57 29.60 -12.32
CA ALA A 56 -22.42 28.26 -12.86
C ALA A 56 -22.49 28.35 -14.37
N LEU A 57 -21.78 27.42 -15.02
CA LEU A 57 -21.68 27.31 -16.47
C LEU A 57 -21.75 25.83 -16.81
N ALA A 58 -22.69 25.43 -17.65
CA ALA A 58 -22.83 24.03 -18.05
C ALA A 58 -22.24 23.86 -19.44
N VAL A 59 -21.37 22.86 -19.62
CA VAL A 59 -20.64 22.67 -20.87
C VAL A 59 -20.62 21.20 -21.24
N ALA A 60 -21.12 20.88 -22.43
CA ALA A 60 -21.03 19.54 -22.97
C ALA A 60 -19.62 19.27 -23.46
N ALA A 61 -19.04 18.16 -23.04
CA ALA A 61 -17.75 17.75 -23.58
C ALA A 61 -17.50 16.31 -23.20
N ASP A 62 -17.10 15.51 -24.18
CA ASP A 62 -16.66 14.15 -23.92
C ASP A 62 -15.20 14.20 -23.51
N VAL A 63 -14.91 13.86 -22.24
CA VAL A 63 -13.55 14.06 -21.74
C VAL A 63 -12.56 13.15 -22.45
N ALA A 64 -13.02 12.08 -23.11
CA ALA A 64 -12.14 11.22 -23.87
C ALA A 64 -11.60 11.89 -25.14
N GLU A 65 -12.23 12.97 -25.58
CA GLU A 65 -11.94 13.59 -26.87
C GLU A 65 -11.13 14.86 -26.66
N GLU A 66 -9.90 14.85 -27.16
N GLU A 66 -9.90 14.84 -27.16
CA GLU A 66 -9.01 15.98 -26.91
CA GLU A 66 -9.00 15.96 -26.95
C GLU A 66 -9.61 17.29 -27.42
C GLU A 66 -9.61 17.27 -27.42
N GLY A 67 -10.30 17.25 -28.57
CA GLY A 67 -10.90 18.46 -29.08
C GLY A 67 -12.02 19.00 -28.20
N ASP A 68 -12.83 18.10 -27.64
CA ASP A 68 -13.88 18.53 -26.72
C ASP A 68 -13.27 19.13 -25.46
N VAL A 69 -12.18 18.54 -24.97
CA VAL A 69 -11.52 19.05 -23.77
C VAL A 69 -10.96 20.44 -24.02
N GLU A 70 -10.33 20.64 -25.19
N GLU A 70 -10.32 20.64 -25.18
CA GLU A 70 -9.85 21.97 -25.53
CA GLU A 70 -9.84 21.98 -25.53
C GLU A 70 -10.99 22.98 -25.51
C GLU A 70 -11.00 22.98 -25.50
N ARG A 71 -12.12 22.62 -26.13
CA ARG A 71 -13.27 23.52 -26.18
CA ARG A 71 -13.27 23.52 -26.18
C ARG A 71 -13.84 23.77 -24.78
N LEU A 72 -13.90 22.72 -23.95
CA LEU A 72 -14.40 22.88 -22.59
C LEU A 72 -13.60 23.95 -21.84
N PHE A 73 -12.27 23.85 -21.89
CA PHE A 73 -11.46 24.80 -21.15
C PHE A 73 -11.48 26.19 -21.79
N ALA A 74 -11.63 26.28 -23.11
CA ALA A 74 -11.79 27.58 -23.75
C ALA A 74 -13.07 28.26 -23.27
N SER A 75 -14.14 27.48 -23.07
CA SER A 75 -15.38 28.07 -22.55
C SER A 75 -15.19 28.61 -21.13
N ILE A 76 -14.40 27.92 -20.32
CA ILE A 76 -14.06 28.43 -18.99
C ILE A 76 -13.28 29.73 -19.11
N ASP A 77 -12.26 29.73 -19.97
CA ASP A 77 -11.47 30.95 -20.17
C ASP A 77 -12.39 32.12 -20.50
N GLU A 78 -13.36 31.90 -21.40
CA GLU A 78 -14.23 32.98 -21.86
C GLU A 78 -15.16 33.45 -20.75
N ARG A 79 -15.75 32.52 -20.00
CA ARG A 79 -16.75 32.91 -19.00
C ARG A 79 -16.10 33.47 -17.76
N PHE A 80 -15.04 32.85 -17.28
CA PHE A 80 -14.44 33.17 -15.99
C PHE A 80 -13.03 33.73 -16.05
N GLY A 81 -12.24 33.40 -17.08
CA GLY A 81 -10.90 33.93 -17.21
C GLY A 81 -9.91 33.42 -16.20
N ARG A 82 -10.25 32.36 -15.47
N ARG A 82 -10.24 32.34 -15.49
CA ARG A 82 -9.38 31.77 -14.47
CA ARG A 82 -9.40 31.79 -14.43
C ARG A 82 -9.87 30.36 -14.21
C ARG A 82 -9.94 30.43 -14.03
N LEU A 83 -9.07 29.61 -13.46
CA LEU A 83 -9.47 28.30 -12.96
C LEU A 83 -8.66 28.07 -11.69
N ASP A 84 -9.28 27.48 -10.68
CA ASP A 84 -8.62 27.22 -9.41
C ASP A 84 -8.61 25.75 -9.01
N VAL A 85 -9.64 24.99 -9.34
CA VAL A 85 -9.75 23.58 -8.97
C VAL A 85 -10.31 22.80 -10.15
N LEU A 86 -9.73 21.63 -10.38
CA LEU A 86 -10.31 20.60 -11.24
C LEU A 86 -10.68 19.39 -10.39
N VAL A 87 -11.93 18.95 -10.49
CA VAL A 87 -12.35 17.65 -10.00
C VAL A 87 -12.56 16.73 -11.19
N ASN A 88 -11.68 15.73 -11.29
CA ASN A 88 -11.70 14.73 -12.37
C ASN A 88 -12.66 13.63 -11.93
N ASN A 89 -13.94 13.90 -12.06
CA ASN A 89 -14.98 12.99 -11.59
C ASN A 89 -15.59 12.12 -12.68
N ALA A 90 -15.64 12.59 -13.93
CA ALA A 90 -16.29 11.80 -14.99
C ALA A 90 -15.69 10.39 -15.01
N GLY A 91 -16.55 9.40 -15.08
CA GLY A 91 -16.11 8.02 -15.11
C GLY A 91 -17.26 7.14 -15.51
N MET A 92 -16.93 5.92 -15.89
N MET A 92 -16.93 5.92 -15.89
CA MET A 92 -17.96 5.01 -16.37
CA MET A 92 -17.94 5.00 -16.38
C MET A 92 -17.41 3.58 -16.36
C MET A 92 -17.41 3.58 -16.29
N LEU A 93 -18.33 2.63 -16.36
CA LEU A 93 -18.01 1.22 -16.43
C LEU A 93 -19.02 0.56 -17.34
N GLU A 94 -18.71 -0.64 -17.80
CA GLU A 94 -19.56 -1.42 -18.69
C GLU A 94 -20.03 -2.67 -17.97
N ALA A 95 -20.83 -3.48 -18.67
CA ALA A 95 -21.52 -4.60 -18.05
C ALA A 95 -20.57 -5.49 -17.28
N GLN A 96 -21.02 -5.96 -16.12
CA GLN A 96 -20.21 -6.90 -15.35
C GLN A 96 -19.82 -8.07 -16.23
N THR A 97 -18.58 -8.53 -16.05
CA THR A 97 -17.93 -9.48 -16.95
C THR A 97 -16.74 -10.07 -16.22
N ARG A 98 -16.26 -11.19 -16.77
CA ARG A 98 -14.93 -11.71 -16.47
CA ARG A 98 -14.92 -11.69 -16.46
C ARG A 98 -13.94 -11.15 -17.49
N LEU A 99 -12.66 -11.11 -17.10
CA LEU A 99 -11.63 -10.61 -17.98
C LEU A 99 -11.57 -11.39 -19.26
N GLU A 100 -11.84 -12.69 -19.21
N GLU A 100 -11.85 -12.69 -19.21
CA GLU A 100 -11.76 -13.48 -20.43
CA GLU A 100 -11.76 -13.47 -20.43
C GLU A 100 -12.81 -13.09 -21.47
C GLU A 100 -12.77 -13.03 -21.49
N ASN A 101 -13.76 -12.21 -21.13
CA ASN A 101 -14.72 -11.69 -22.10
C ASN A 101 -14.61 -10.19 -22.34
N ILE A 102 -13.51 -9.56 -21.93
CA ILE A 102 -13.24 -8.15 -22.19
C ILE A 102 -12.40 -8.08 -23.46
N ASP A 103 -12.90 -7.38 -24.49
CA ASP A 103 -12.17 -7.20 -25.73
C ASP A 103 -11.48 -5.84 -25.80
N ALA A 104 -10.69 -5.66 -26.86
CA ALA A 104 -9.90 -4.45 -27.00
C ALA A 104 -10.77 -3.22 -27.13
N ALA A 105 -11.92 -3.34 -27.82
CA ALA A 105 -12.78 -2.19 -27.98
C ALA A 105 -13.30 -1.70 -26.64
N ARG A 106 -13.68 -2.63 -25.76
CA ARG A 106 -14.13 -2.25 -24.42
C ARG A 106 -13.00 -1.59 -23.63
N LEU A 107 -11.80 -2.19 -23.66
CA LEU A 107 -10.68 -1.59 -22.95
C LEU A 107 -10.44 -0.17 -23.44
N HIS A 108 -10.49 0.06 -24.75
N HIS A 108 -10.50 0.05 -24.75
CA HIS A 108 -10.28 1.41 -25.24
CA HIS A 108 -10.30 1.39 -25.30
C HIS A 108 -11.34 2.36 -24.68
C HIS A 108 -11.33 2.37 -24.75
N ARG A 109 -12.61 1.97 -24.71
CA ARG A 109 -13.65 2.89 -24.25
C ARG A 109 -13.47 3.21 -22.76
N VAL A 110 -13.20 2.17 -21.96
CA VAL A 110 -13.12 2.34 -20.51
C VAL A 110 -11.90 3.16 -20.14
N PHE A 111 -10.76 2.89 -20.76
CA PHE A 111 -9.59 3.71 -20.50
CA PHE A 111 -9.57 3.70 -20.51
C PHE A 111 -9.75 5.11 -21.06
N ALA A 112 -10.46 5.27 -22.18
CA ALA A 112 -10.59 6.60 -22.77
C ALA A 112 -11.31 7.55 -21.83
N THR A 113 -12.45 7.13 -21.26
CA THR A 113 -13.17 8.02 -20.37
C THR A 113 -12.45 8.17 -19.04
N ASN A 114 -12.11 7.05 -18.39
CA ASN A 114 -11.63 7.10 -17.01
C ASN A 114 -10.21 7.58 -16.91
N VAL A 115 -9.35 7.21 -17.85
CA VAL A 115 -7.93 7.49 -17.72
C VAL A 115 -7.54 8.64 -18.64
N THR A 116 -7.70 8.45 -19.95
CA THR A 116 -7.34 9.52 -20.87
C THR A 116 -8.08 10.81 -20.53
N GLY A 117 -9.37 10.73 -20.21
CA GLY A 117 -10.11 11.94 -19.90
C GLY A 117 -9.54 12.68 -18.70
N SER A 118 -9.14 11.94 -17.67
CA SER A 118 -8.54 12.56 -16.49
C SER A 118 -7.17 13.16 -16.81
N PHE A 119 -6.36 12.46 -17.61
CA PHE A 119 -5.09 13.03 -18.06
C PHE A 119 -5.32 14.32 -18.85
N LEU A 120 -6.25 14.31 -19.81
CA LEU A 120 -6.42 15.46 -20.69
C LEU A 120 -6.95 16.66 -19.91
N CYS A 121 -7.87 16.43 -18.99
CA CYS A 121 -8.38 17.54 -18.20
C CYS A 121 -7.31 18.02 -17.22
N ALA A 122 -6.53 17.11 -16.64
CA ALA A 122 -5.44 17.55 -15.77
C ALA A 122 -4.45 18.40 -16.55
N ARG A 123 -4.14 18.00 -17.78
CA ARG A 123 -3.22 18.75 -18.61
CA ARG A 123 -3.22 18.75 -18.60
C ARG A 123 -3.70 20.17 -18.84
N GLU A 124 -4.94 20.33 -19.26
N GLU A 124 -4.94 20.33 -19.26
CA GLU A 124 -5.47 21.68 -19.48
CA GLU A 124 -5.48 21.68 -19.48
C GLU A 124 -5.58 22.45 -18.17
C GLU A 124 -5.59 22.45 -18.17
N ALA A 125 -5.86 21.76 -17.06
CA ALA A 125 -5.91 22.45 -15.78
C ALA A 125 -4.52 22.93 -15.39
N VAL A 126 -3.49 22.11 -15.58
CA VAL A 126 -2.12 22.55 -15.30
C VAL A 126 -1.79 23.81 -16.10
N LYS A 127 -2.22 23.85 -17.36
CA LYS A 127 -1.94 25.01 -18.20
CA LYS A 127 -1.94 25.01 -18.20
C LYS A 127 -2.61 26.28 -17.70
N ARG A 128 -3.63 26.18 -16.85
CA ARG A 128 -4.27 27.36 -16.28
C ARG A 128 -3.90 27.62 -14.83
N LEU A 129 -3.68 26.57 -14.04
N LEU A 129 -3.66 26.56 -14.05
CA LEU A 129 -3.35 26.76 -12.64
CA LEU A 129 -3.36 26.71 -12.64
C LEU A 129 -1.88 27.05 -12.42
C LEU A 129 -1.88 26.99 -12.39
N SER A 130 -1.02 26.49 -13.26
CA SER A 130 0.41 26.53 -12.97
C SER A 130 0.93 27.95 -12.89
N THR A 131 1.79 28.19 -11.90
CA THR A 131 2.56 29.43 -11.88
C THR A 131 3.51 29.58 -13.07
N ARG A 132 3.76 28.52 -13.83
N ARG A 132 3.74 28.53 -13.84
CA ARG A 132 4.51 28.66 -15.09
CA ARG A 132 4.52 28.67 -15.07
C ARG A 132 3.71 29.45 -16.12
C ARG A 132 3.71 29.30 -16.20
N HIS A 133 2.37 29.36 -16.07
CA HIS A 133 1.51 29.74 -17.19
C HIS A 133 0.46 30.79 -16.83
N GLY A 134 0.77 31.68 -15.90
CA GLY A 134 -0.13 32.76 -15.57
C GLY A 134 -1.11 32.45 -14.45
N GLY A 135 -1.04 31.25 -13.89
CA GLY A 135 -1.97 30.87 -12.85
C GLY A 135 -1.49 31.24 -11.48
N ARG A 136 -2.36 31.01 -10.51
CA ARG A 136 -2.11 31.30 -9.11
C ARG A 136 -1.87 30.05 -8.29
N GLY A 137 -1.73 28.89 -8.94
CA GLY A 137 -1.77 27.63 -8.26
C GLY A 137 -3.19 27.16 -8.06
N GLY A 138 -3.33 26.02 -7.41
CA GLY A 138 -4.66 25.48 -7.15
C GLY A 138 -4.55 24.00 -6.82
N SER A 139 -5.62 23.28 -7.12
CA SER A 139 -5.67 21.88 -6.77
C SER A 139 -6.43 21.08 -7.80
N ILE A 140 -6.05 19.82 -7.89
CA ILE A 140 -6.72 18.81 -8.67
C ILE A 140 -7.11 17.69 -7.74
N VAL A 141 -8.34 17.22 -7.84
CA VAL A 141 -8.80 16.05 -7.10
C VAL A 141 -9.29 15.04 -8.13
N ASN A 142 -8.62 13.90 -8.21
CA ASN A 142 -9.05 12.81 -9.05
C ASN A 142 -10.03 11.93 -8.28
N VAL A 143 -10.97 11.34 -8.99
CA VAL A 143 -11.88 10.36 -8.40
C VAL A 143 -11.44 8.98 -8.85
N SER A 144 -10.89 8.24 -7.91
CA SER A 144 -10.49 6.85 -8.12
C SER A 144 -11.63 5.93 -7.71
N SER A 145 -11.33 4.82 -7.05
CA SER A 145 -12.31 3.84 -6.61
C SER A 145 -11.60 2.84 -5.74
N MET A 146 -12.33 2.27 -4.77
CA MET A 146 -11.78 1.12 -4.07
C MET A 146 -11.47 -0.04 -5.01
N ALA A 147 -12.08 -0.05 -6.19
CA ALA A 147 -11.72 -1.06 -7.19
C ALA A 147 -10.23 -1.09 -7.49
N SER A 148 -9.53 0.04 -7.36
CA SER A 148 -8.09 -0.02 -7.65
C SER A 148 -7.37 -0.96 -6.70
N ARG A 149 -7.88 -1.10 -5.48
CA ARG A 149 -7.27 -1.94 -4.46
C ARG A 149 -7.87 -3.33 -4.43
N LEU A 150 -9.14 -3.46 -4.74
CA LEU A 150 -9.84 -4.73 -4.62
C LEU A 150 -9.84 -5.52 -5.92
N GLY A 151 -9.73 -4.85 -7.07
CA GLY A 151 -9.54 -5.49 -8.35
C GLY A 151 -10.81 -5.81 -9.13
N SER A 152 -11.99 -5.63 -8.55
N SER A 152 -11.98 -5.68 -8.53
CA SER A 152 -13.27 -5.90 -9.20
CA SER A 152 -13.25 -5.90 -9.19
C SER A 152 -13.35 -7.28 -9.87
C SER A 152 -13.32 -7.27 -9.90
N PRO A 153 -12.91 -8.34 -9.22
CA PRO A 153 -13.02 -9.67 -9.84
C PRO A 153 -14.47 -10.02 -10.11
N ASN A 154 -14.71 -10.69 -11.24
CA ASN A 154 -16.05 -11.11 -11.61
CA ASN A 154 -16.01 -11.11 -11.72
C ASN A 154 -16.96 -9.95 -11.96
N GLU A 155 -16.45 -8.72 -12.00
CA GLU A 155 -17.26 -7.54 -12.28
C GLU A 155 -16.65 -6.73 -13.40
N TYR A 156 -15.48 -6.12 -13.21
CA TYR A 156 -14.94 -5.26 -14.25
CA TYR A 156 -14.94 -5.26 -14.25
C TYR A 156 -13.48 -4.96 -13.95
N ILE A 157 -12.61 -5.96 -14.15
CA ILE A 157 -11.19 -5.75 -13.92
C ILE A 157 -10.66 -4.64 -14.81
N ASP A 158 -11.27 -4.42 -15.98
CA ASP A 158 -10.87 -3.28 -16.82
C ASP A 158 -11.01 -1.95 -16.09
N TYR A 159 -12.16 -1.74 -15.46
CA TYR A 159 -12.40 -0.54 -14.67
C TYR A 159 -11.47 -0.45 -13.47
N ALA A 160 -11.25 -1.56 -12.78
CA ALA A 160 -10.32 -1.55 -11.64
C ALA A 160 -8.94 -1.13 -12.10
N ALA A 161 -8.50 -1.63 -13.25
CA ALA A 161 -7.21 -1.23 -13.80
C ALA A 161 -7.19 0.26 -14.15
N ALA A 162 -8.26 0.76 -14.75
CA ALA A 162 -8.35 2.20 -15.03
C ALA A 162 -8.16 3.02 -13.76
N LYS A 163 -8.76 2.57 -12.67
CA LYS A 163 -8.63 3.31 -11.41
C LYS A 163 -7.25 3.13 -10.78
N GLY A 164 -6.62 1.97 -10.95
CA GLY A 164 -5.21 1.85 -10.56
C GLY A 164 -4.34 2.83 -11.30
N ALA A 165 -4.64 3.07 -12.59
CA ALA A 165 -3.91 4.06 -13.36
C ALA A 165 -4.10 5.45 -12.76
N ILE A 166 -5.33 5.78 -12.33
CA ILE A 166 -5.58 7.05 -11.67
C ILE A 166 -4.75 7.19 -10.41
N ASP A 167 -4.65 6.13 -9.61
CA ASP A 167 -3.86 6.24 -8.39
C ASP A 167 -2.42 6.60 -8.69
N SER A 168 -1.82 5.92 -9.68
CA SER A 168 -0.43 6.21 -10.02
C SER A 168 -0.28 7.59 -10.64
N MET A 169 -1.24 8.01 -11.46
CA MET A 169 -1.19 9.37 -12.02
C MET A 169 -1.29 10.42 -10.92
N THR A 170 -2.08 10.15 -9.88
CA THR A 170 -2.21 11.09 -8.76
C THR A 170 -0.85 11.30 -8.11
N ILE A 171 -0.13 10.22 -7.84
N ILE A 171 -0.15 10.21 -7.80
CA ILE A 171 1.17 10.32 -7.18
CA ILE A 171 1.16 10.30 -7.18
C ILE A 171 2.17 11.01 -8.08
C ILE A 171 2.12 11.04 -8.09
N GLY A 172 2.24 10.59 -9.35
CA GLY A 172 3.20 11.19 -10.26
C GLY A 172 2.94 12.66 -10.49
N LEU A 173 1.69 13.01 -10.78
CA LEU A 173 1.40 14.41 -11.07
C LEU A 173 1.61 15.26 -9.83
N ALA A 174 1.22 14.77 -8.65
CA ALA A 174 1.49 15.51 -7.43
C ALA A 174 2.97 15.87 -7.33
N ARG A 175 3.84 14.89 -7.57
N ARG A 175 3.84 14.88 -7.53
CA ARG A 175 5.27 15.11 -7.45
CA ARG A 175 5.27 15.18 -7.43
C ARG A 175 5.80 16.00 -8.56
C ARG A 175 5.69 16.15 -8.53
N GLU A 176 5.14 16.00 -9.72
CA GLU A 176 5.58 16.79 -10.87
C GLU A 176 5.23 18.26 -10.75
N VAL A 177 4.05 18.61 -10.25
CA VAL A 177 3.57 20.00 -10.30
C VAL A 177 3.52 20.66 -8.92
N ALA A 178 4.04 20.00 -7.90
CA ALA A 178 4.11 20.64 -6.58
C ALA A 178 4.82 21.99 -6.64
N ALA A 179 5.89 22.09 -7.41
CA ALA A 179 6.69 23.31 -7.43
C ALA A 179 6.01 24.42 -8.23
N GLU A 180 4.88 24.14 -8.88
N GLU A 180 4.90 24.18 -8.90
CA GLU A 180 4.13 25.09 -9.68
CA GLU A 180 4.20 25.24 -9.61
C GLU A 180 2.85 25.53 -8.99
C GLU A 180 2.84 25.53 -8.99
N GLY A 181 2.72 25.24 -7.70
CA GLY A 181 1.60 25.69 -6.93
C GLY A 181 0.39 24.81 -6.96
N ILE A 182 0.49 23.60 -7.48
CA ILE A 182 -0.68 22.74 -7.67
C ILE A 182 -0.55 21.50 -6.79
N ARG A 183 -1.56 21.26 -5.94
CA ARG A 183 -1.67 20.01 -5.21
C ARG A 183 -2.56 19.05 -5.98
N VAL A 184 -2.27 17.75 -5.88
CA VAL A 184 -3.00 16.71 -6.61
C VAL A 184 -3.27 15.57 -5.65
N ASN A 185 -4.54 15.24 -5.44
CA ASN A 185 -4.92 14.19 -4.52
C ASN A 185 -6.08 13.42 -5.13
N ALA A 186 -6.51 12.35 -4.49
CA ALA A 186 -7.64 11.57 -4.99
C ALA A 186 -8.52 11.08 -3.85
N VAL A 187 -9.79 10.85 -4.19
N VAL A 187 -9.77 10.76 -4.21
CA VAL A 187 -10.69 10.09 -3.32
CA VAL A 187 -10.73 10.13 -3.32
C VAL A 187 -10.87 8.70 -3.91
C VAL A 187 -11.07 8.76 -3.89
N ARG A 188 -11.05 7.72 -3.03
CA ARG A 188 -11.43 6.36 -3.44
C ARG A 188 -12.78 6.05 -2.82
N PRO A 189 -13.86 6.31 -3.51
CA PRO A 189 -15.17 5.90 -2.98
C PRO A 189 -15.30 4.39 -3.02
N GLY A 190 -16.12 3.87 -2.11
CA GLY A 190 -16.46 2.47 -2.04
C GLY A 190 -17.78 2.24 -2.73
N LEU A 191 -18.80 1.85 -2.01
CA LEU A 191 -20.13 1.57 -2.58
C LEU A 191 -21.03 2.77 -2.31
N ILE A 192 -21.17 3.65 -3.30
CA ILE A 192 -21.90 4.91 -3.19
C ILE A 192 -23.17 4.82 -4.01
N ASP A 193 -24.25 5.33 -3.46
CA ASP A 193 -25.56 5.23 -4.10
C ASP A 193 -25.68 6.23 -5.24
N THR A 194 -25.35 5.78 -6.44
CA THR A 194 -25.55 6.52 -7.68
C THR A 194 -26.05 5.54 -8.72
N GLU A 195 -26.33 6.04 -9.92
CA GLU A 195 -26.81 5.20 -11.03
C GLU A 195 -25.72 4.34 -11.64
N ILE A 196 -24.47 4.45 -11.20
CA ILE A 196 -23.39 3.73 -11.87
C ILE A 196 -23.57 2.22 -11.73
N HIS A 197 -24.09 1.74 -10.60
CA HIS A 197 -24.20 0.29 -10.41
C HIS A 197 -25.17 -0.32 -11.40
N ALA A 198 -26.30 0.35 -11.60
CA ALA A 198 -27.25 -0.06 -12.62
C ALA A 198 -26.62 -0.06 -14.00
N SER A 199 -25.69 0.87 -14.26
CA SER A 199 -25.08 0.94 -15.57
C SER A 199 -24.22 -0.28 -15.84
N GLY A 200 -23.72 -0.95 -14.82
CA GLY A 200 -23.03 -2.21 -14.95
C GLY A 200 -23.93 -3.42 -14.95
N GLY A 201 -25.24 -3.22 -14.89
CA GLY A 201 -26.21 -4.28 -14.89
C GLY A 201 -26.76 -4.69 -13.55
N GLU A 202 -26.51 -3.94 -12.48
CA GLU A 202 -26.88 -4.36 -11.14
C GLU A 202 -27.38 -3.21 -10.28
N PRO A 203 -28.63 -2.80 -10.47
CA PRO A 203 -29.18 -1.72 -9.62
C PRO A 203 -29.11 -2.03 -8.14
N GLY A 204 -29.22 -3.30 -7.77
CA GLY A 204 -29.19 -3.69 -6.37
C GLY A 204 -27.84 -4.05 -5.82
N ARG A 205 -26.76 -3.55 -6.42
CA ARG A 205 -25.42 -3.96 -6.01
C ARG A 205 -25.12 -3.61 -4.55
N ILE A 206 -25.44 -2.38 -4.13
CA ILE A 206 -25.14 -2.00 -2.76
C ILE A 206 -25.89 -2.90 -1.79
N GLU A 207 -27.17 -3.15 -2.06
CA GLU A 207 -27.98 -4.00 -1.17
CA GLU A 207 -27.97 -3.99 -1.16
C GLU A 207 -27.38 -5.39 -1.06
N ARG A 208 -26.87 -5.94 -2.17
CA ARG A 208 -26.25 -7.25 -2.12
C ARG A 208 -25.01 -7.25 -1.22
N LEU A 209 -24.21 -6.19 -1.30
CA LEU A 209 -22.91 -6.14 -0.63
C LEU A 209 -22.94 -5.48 0.74
N LYS A 210 -24.04 -4.87 1.17
CA LYS A 210 -23.94 -4.00 2.34
C LYS A 210 -23.67 -4.76 3.63
N GLY A 211 -24.09 -6.03 3.72
CA GLY A 211 -23.81 -6.79 4.91
C GLY A 211 -22.33 -6.99 5.17
N GLY A 212 -21.51 -6.87 4.14
CA GLY A 212 -20.07 -6.97 4.25
C GLY A 212 -19.33 -5.67 4.44
N ILE A 213 -20.00 -4.54 4.33
CA ILE A 213 -19.34 -3.23 4.54
C ILE A 213 -19.21 -3.01 6.05
N PRO A 214 -18.03 -2.67 6.56
CA PRO A 214 -17.91 -2.50 8.02
C PRO A 214 -18.96 -1.57 8.62
N LEU A 215 -19.22 -0.42 7.99
CA LEU A 215 -20.24 0.50 8.50
C LEU A 215 -21.66 0.04 8.19
N GLY A 216 -21.84 -1.00 7.39
CA GLY A 216 -23.14 -1.65 7.27
C GLY A 216 -24.13 -0.96 6.36
N ARG A 217 -23.70 -0.02 5.54
CA ARG A 217 -24.57 0.71 4.64
C ARG A 217 -23.72 1.21 3.49
N GLY A 218 -24.39 1.50 2.38
CA GLY A 218 -23.75 2.25 1.32
C GLY A 218 -23.51 3.70 1.73
N GLY A 219 -22.62 4.34 1.00
CA GLY A 219 -22.35 5.75 1.17
C GLY A 219 -23.19 6.63 0.27
N THR A 220 -23.14 7.93 0.53
CA THR A 220 -23.87 8.88 -0.30
C THR A 220 -22.93 9.73 -1.14
N ALA A 221 -23.50 10.25 -2.23
CA ALA A 221 -22.75 11.16 -3.08
C ALA A 221 -22.29 12.38 -2.30
N GLU A 222 -23.11 12.85 -1.37
CA GLU A 222 -22.74 14.00 -0.53
C GLU A 222 -21.54 13.68 0.37
N GLU A 223 -21.45 12.46 0.87
CA GLU A 223 -20.26 12.07 1.65
C GLU A 223 -19.00 12.17 0.79
N VAL A 224 -19.05 11.67 -0.44
CA VAL A 224 -17.89 11.78 -1.30
C VAL A 224 -17.57 13.24 -1.60
N ALA A 225 -18.60 14.04 -1.90
CA ALA A 225 -18.40 15.44 -2.19
C ALA A 225 -17.63 16.16 -1.08
N ARG A 226 -17.94 15.85 0.17
CA ARG A 226 -17.27 16.52 1.27
C ARG A 226 -15.78 16.22 1.29
N ALA A 227 -15.40 14.98 1.01
CA ALA A 227 -13.98 14.63 0.96
C ALA A 227 -13.28 15.32 -0.20
N ILE A 228 -13.93 15.37 -1.36
CA ILE A 228 -13.38 16.08 -2.51
C ILE A 228 -13.14 17.54 -2.16
N LEU A 229 -14.16 18.19 -1.60
CA LEU A 229 -14.03 19.61 -1.27
C LEU A 229 -12.92 19.84 -0.24
N TRP A 230 -12.76 18.93 0.72
CA TRP A 230 -11.70 19.13 1.71
C TRP A 230 -10.35 19.12 1.03
N LEU A 231 -10.11 18.13 0.17
CA LEU A 231 -8.83 18.03 -0.51
C LEU A 231 -8.59 19.21 -1.43
N ALA A 232 -9.65 19.78 -2.00
CA ALA A 232 -9.52 20.95 -2.86
C ALA A 232 -9.26 22.22 -2.08
N SER A 233 -9.59 22.25 -0.80
CA SER A 233 -9.55 23.44 0.02
C SER A 233 -8.18 23.70 0.63
N ASP A 234 -8.02 24.92 1.11
CA ASP A 234 -6.79 25.33 1.78
C ASP A 234 -6.56 24.58 3.08
N GLU A 235 -7.58 23.92 3.63
N GLU A 235 -7.57 23.90 3.63
CA GLU A 235 -7.35 23.10 4.80
CA GLU A 235 -7.33 23.12 4.83
C GLU A 235 -6.29 22.06 4.54
C GLU A 235 -6.41 21.94 4.56
N ALA A 236 -6.27 21.53 3.30
CA ALA A 236 -5.39 20.43 2.90
C ALA A 236 -4.07 20.94 2.33
N SER A 237 -3.61 22.10 2.80
CA SER A 237 -2.47 22.77 2.20
C SER A 237 -1.15 22.02 2.30
N TYR A 238 -1.02 21.03 3.18
CA TYR A 238 0.19 20.22 3.22
C TYR A 238 -0.07 18.79 2.76
N SER A 239 -1.12 18.56 1.99
CA SER A 239 -1.42 17.23 1.48
C SER A 239 -1.39 17.25 -0.04
N THR A 240 -0.49 16.47 -0.60
CA THR A 240 -0.45 16.25 -2.03
C THR A 240 0.08 14.85 -2.26
N GLY A 241 -0.45 14.18 -3.27
CA GLY A 241 -0.12 12.79 -3.49
C GLY A 241 -0.76 11.84 -2.52
N THR A 242 -1.90 12.19 -1.93
CA THR A 242 -2.55 11.29 -0.98
C THR A 242 -4.00 11.05 -1.39
N PHE A 243 -4.64 10.20 -0.59
CA PHE A 243 -5.94 9.63 -0.91
C PHE A 243 -6.82 9.70 0.33
N ILE A 244 -8.09 9.99 0.14
CA ILE A 244 -9.11 9.77 1.17
C ILE A 244 -9.99 8.65 0.68
N ASP A 245 -10.01 7.52 1.40
N ASP A 245 -10.03 7.56 1.40
CA ASP A 245 -10.93 6.42 1.11
CA ASP A 245 -10.95 6.49 1.08
C ASP A 245 -12.28 6.73 1.74
C ASP A 245 -12.28 6.83 1.73
N VAL A 246 -13.33 6.72 0.93
CA VAL A 246 -14.69 7.05 1.37
C VAL A 246 -15.51 5.79 1.12
N SER A 247 -15.30 4.77 1.94
CA SER A 247 -15.74 3.42 1.63
C SER A 247 -16.35 2.71 2.81
N GLY A 248 -16.57 3.37 3.94
CA GLY A 248 -17.21 2.67 5.04
C GLY A 248 -16.40 1.53 5.59
N GLY A 249 -15.08 1.54 5.37
CA GLY A 249 -14.21 0.48 5.82
C GLY A 249 -13.93 -0.59 4.79
N ARG A 250 -14.60 -0.56 3.64
CA ARG A 250 -14.35 -1.50 2.54
C ARG A 250 -13.00 -1.17 1.91
N GLY B 1 6.76 -35.60 -16.22
CA GLY B 1 6.86 -36.51 -17.39
C GLY B 1 7.91 -36.02 -18.34
N HIS B 2 7.95 -36.58 -19.55
CA HIS B 2 9.00 -36.21 -20.48
C HIS B 2 8.74 -34.91 -21.21
N MET B 3 7.48 -34.45 -21.25
N MET B 3 7.47 -34.46 -21.26
CA MET B 3 7.14 -33.27 -22.01
CA MET B 3 7.13 -33.26 -22.01
C MET B 3 7.40 -32.00 -21.20
C MET B 3 7.40 -32.00 -21.20
N ARG B 4 8.02 -31.01 -21.83
CA ARG B 4 8.21 -29.74 -21.19
C ARG B 4 6.88 -29.03 -21.00
N ASN B 5 6.82 -28.20 -19.95
CA ASN B 5 5.77 -27.20 -19.85
C ASN B 5 6.00 -26.13 -20.90
N VAL B 6 4.98 -25.32 -21.15
CA VAL B 6 5.03 -24.34 -22.23
C VAL B 6 4.82 -22.94 -21.66
N MET B 7 5.76 -22.05 -21.94
CA MET B 7 5.70 -20.67 -21.47
C MET B 7 5.72 -19.71 -22.65
N LEU B 8 4.75 -18.80 -22.70
CA LEU B 8 4.78 -17.67 -23.61
C LEU B 8 5.40 -16.48 -22.88
N ILE B 9 6.44 -15.89 -23.47
CA ILE B 9 7.01 -14.64 -22.99
CA ILE B 9 6.99 -14.64 -22.99
C ILE B 9 6.70 -13.58 -24.05
N THR B 10 5.87 -12.61 -23.70
CA THR B 10 5.65 -11.52 -24.62
C THR B 10 6.88 -10.61 -24.58
N GLY B 11 7.23 -10.05 -25.73
CA GLY B 11 8.42 -9.22 -25.79
C GLY B 11 9.69 -9.95 -25.37
N ALA B 12 9.91 -11.14 -25.95
CA ALA B 12 11.03 -11.98 -25.58
C ALA B 12 12.31 -11.67 -26.34
N SER B 13 12.27 -10.76 -27.32
CA SER B 13 13.41 -10.62 -28.21
C SER B 13 14.60 -9.91 -27.58
N ARG B 14 14.39 -9.10 -26.53
CA ARG B 14 15.44 -8.27 -25.96
C ARG B 14 15.21 -8.15 -24.46
N GLY B 15 16.22 -7.64 -23.74
CA GLY B 15 16.01 -7.16 -22.38
C GLY B 15 15.56 -8.24 -21.41
N ILE B 16 14.65 -7.84 -20.52
CA ILE B 16 14.12 -8.74 -19.50
C ILE B 16 13.47 -9.96 -20.12
N GLY B 17 12.68 -9.76 -21.18
CA GLY B 17 12.02 -10.89 -21.82
C GLY B 17 12.99 -11.92 -22.36
N ALA B 18 14.07 -11.45 -22.97
CA ALA B 18 15.06 -12.37 -23.52
C ALA B 18 15.74 -13.14 -22.40
N ALA B 19 16.07 -12.47 -21.30
CA ALA B 19 16.70 -13.16 -20.18
C ALA B 19 15.75 -14.17 -19.56
N THR B 20 14.47 -13.82 -19.49
CA THR B 20 13.45 -14.72 -18.96
C THR B 20 13.29 -15.94 -19.86
N ALA B 21 13.28 -15.74 -21.17
CA ALA B 21 13.16 -16.87 -22.08
C ALA B 21 14.35 -17.80 -21.98
N LEU B 22 15.57 -17.25 -21.93
CA LEU B 22 16.77 -18.07 -21.81
CA LEU B 22 16.76 -18.08 -21.82
C LEU B 22 16.74 -18.89 -20.53
N LEU B 23 16.37 -18.26 -19.42
CA LEU B 23 16.32 -19.00 -18.15
C LEU B 23 15.20 -20.04 -18.17
N ALA B 24 14.02 -19.66 -18.66
CA ALA B 24 12.91 -20.61 -18.67
C ALA B 24 13.23 -21.84 -19.50
N ALA B 25 13.96 -21.66 -20.60
CA ALA B 25 14.30 -22.78 -21.46
C ALA B 25 15.18 -23.79 -20.78
N GLU B 26 15.83 -23.41 -19.69
CA GLU B 26 16.65 -24.28 -18.86
CA GLU B 26 16.62 -24.34 -18.89
C GLU B 26 15.93 -24.70 -17.57
N ARG B 27 14.65 -24.38 -17.43
CA ARG B 27 13.88 -24.59 -16.23
C ARG B 27 12.62 -25.41 -16.50
N GLY B 28 12.60 -26.15 -17.60
CA GLY B 28 11.54 -27.09 -17.85
C GLY B 28 10.48 -26.56 -18.77
N TYR B 29 10.77 -25.49 -19.53
CA TYR B 29 9.81 -24.91 -20.43
C TYR B 29 10.31 -24.93 -21.86
N ALA B 30 9.42 -25.33 -22.76
CA ALA B 30 9.50 -24.91 -24.15
C ALA B 30 8.97 -23.49 -24.18
N VAL B 31 9.69 -22.61 -24.87
N VAL B 31 9.67 -22.61 -24.89
CA VAL B 31 9.41 -21.19 -24.80
CA VAL B 31 9.43 -21.17 -24.77
C VAL B 31 8.88 -20.66 -26.12
C VAL B 31 8.96 -20.57 -26.09
N VAL B 32 7.87 -19.82 -26.04
CA VAL B 32 7.36 -19.07 -27.17
C VAL B 32 7.91 -17.65 -27.06
N LEU B 33 8.75 -17.29 -28.02
CA LEU B 33 9.47 -16.01 -28.06
C LEU B 33 8.65 -15.06 -28.92
N ASN B 34 7.77 -14.28 -28.30
CA ASN B 34 7.05 -13.26 -29.04
C ASN B 34 7.97 -12.08 -29.30
N TYR B 35 7.92 -11.56 -30.51
CA TYR B 35 8.66 -10.37 -30.86
C TYR B 35 7.79 -9.48 -31.72
N LEU B 36 8.25 -8.26 -31.91
CA LEU B 36 7.61 -7.33 -32.84
C LEU B 36 8.64 -6.72 -33.78
N ARG B 37 9.44 -5.80 -33.31
CA ARG B 37 10.39 -5.11 -34.19
C ARG B 37 11.72 -5.83 -34.35
N ASN B 38 12.01 -6.86 -33.55
CA ASN B 38 13.35 -7.48 -33.57
C ASN B 38 13.30 -8.98 -33.86
N ARG B 39 12.82 -9.32 -35.05
CA ARG B 39 12.81 -10.71 -35.48
C ARG B 39 14.19 -11.35 -35.40
N GLU B 40 15.22 -10.65 -35.90
CA GLU B 40 16.55 -11.27 -35.93
C GLU B 40 17.03 -11.61 -34.53
N ALA B 41 16.79 -10.72 -33.56
CA ALA B 41 17.18 -11.02 -32.19
C ALA B 41 16.42 -12.23 -31.66
N ALA B 42 15.12 -12.32 -31.95
CA ALA B 42 14.34 -13.45 -31.47
C ALA B 42 14.79 -14.74 -32.11
N GLU B 43 15.09 -14.72 -33.41
CA GLU B 43 15.55 -15.94 -34.09
C GLU B 43 16.92 -16.37 -33.56
N ALA B 44 17.81 -15.42 -33.27
CA ALA B 44 19.10 -15.78 -32.69
C ALA B 44 18.91 -16.41 -31.31
N LEU B 45 17.96 -15.89 -30.54
N LEU B 45 17.96 -15.89 -30.52
CA LEU B 45 17.64 -16.46 -29.24
CA LEU B 45 17.68 -16.50 -29.23
C LEU B 45 17.09 -17.87 -29.38
C LEU B 45 17.11 -17.90 -29.40
N ARG B 46 16.18 -18.07 -30.34
CA ARG B 46 15.67 -19.42 -30.62
C ARG B 46 16.83 -20.36 -30.93
N GLN B 47 17.76 -19.94 -31.78
CA GLN B 47 18.88 -20.80 -32.14
C GLN B 47 19.78 -21.06 -30.93
N ARG B 48 20.04 -20.04 -30.12
CA ARG B 48 20.83 -20.24 -28.91
C ARG B 48 20.15 -21.27 -28.01
N ILE B 49 18.83 -21.18 -27.85
CA ILE B 49 18.11 -22.10 -26.98
C ILE B 49 18.16 -23.51 -27.55
N GLU B 50 17.94 -23.66 -28.86
CA GLU B 50 17.95 -24.98 -29.49
C GLU B 50 19.33 -25.61 -29.50
N ARG B 51 20.40 -24.80 -29.41
CA ARG B 51 21.75 -25.32 -29.28
C ARG B 51 22.11 -25.66 -27.83
N GLN B 52 21.48 -25.03 -26.84
CA GLN B 52 21.60 -25.48 -25.46
C GLN B 52 20.73 -26.71 -25.17
N GLY B 53 20.12 -27.32 -26.19
CA GLY B 53 19.24 -28.46 -26.03
C GLY B 53 17.76 -28.17 -25.80
N GLY B 54 17.34 -26.91 -25.85
CA GLY B 54 15.98 -26.52 -25.52
C GLY B 54 15.05 -26.51 -26.72
N GLU B 55 13.82 -26.03 -26.47
CA GLU B 55 12.78 -25.92 -27.48
C GLU B 55 12.23 -24.50 -27.47
N ALA B 56 12.10 -23.90 -28.64
CA ALA B 56 11.64 -22.52 -28.74
C ALA B 56 10.95 -22.30 -30.08
N LEU B 57 9.92 -21.44 -30.05
CA LEU B 57 9.17 -21.02 -31.22
C LEU B 57 9.12 -19.51 -31.20
N ALA B 58 9.56 -18.85 -32.26
CA ALA B 58 9.48 -17.40 -32.35
C ALA B 58 8.25 -16.99 -33.13
N VAL B 59 7.50 -16.02 -32.63
CA VAL B 59 6.23 -15.62 -33.23
C VAL B 59 6.09 -14.10 -33.20
N ALA B 60 5.90 -13.50 -34.37
CA ALA B 60 5.62 -12.07 -34.45
C ALA B 60 4.20 -11.78 -33.97
N ALA B 61 4.07 -10.81 -33.08
CA ALA B 61 2.75 -10.31 -32.71
C ALA B 61 2.90 -9.00 -31.96
N ASP B 62 2.11 -7.99 -32.36
CA ASP B 62 1.95 -6.76 -31.57
C ASP B 62 0.89 -7.04 -30.53
N VAL B 63 1.27 -7.07 -29.25
CA VAL B 63 0.32 -7.42 -28.21
C VAL B 63 -0.83 -6.44 -28.11
N ALA B 64 -0.66 -5.22 -28.61
CA ALA B 64 -1.75 -4.24 -28.59
C ALA B 64 -2.90 -4.63 -29.50
N GLU B 65 -2.68 -5.55 -30.44
CA GLU B 65 -3.60 -5.85 -31.52
C GLU B 65 -4.26 -7.19 -31.28
N GLU B 66 -5.58 -7.15 -31.06
CA GLU B 66 -6.34 -8.35 -30.72
CA GLU B 66 -6.32 -8.36 -30.70
C GLU B 66 -6.15 -9.46 -31.74
N GLY B 67 -6.14 -9.11 -33.04
CA GLY B 67 -5.96 -10.12 -34.06
C GLY B 67 -4.61 -10.80 -33.96
N ASP B 68 -3.55 -10.02 -33.71
CA ASP B 68 -2.22 -10.60 -33.56
C ASP B 68 -2.16 -11.51 -32.34
N VAL B 69 -2.81 -11.12 -31.25
CA VAL B 69 -2.81 -11.93 -30.03
C VAL B 69 -3.55 -13.24 -30.26
N GLU B 70 -4.69 -13.20 -30.93
CA GLU B 70 -5.40 -14.43 -31.24
C GLU B 70 -4.52 -15.36 -32.05
N ARG B 71 -3.85 -14.83 -33.09
CA ARG B 71 -2.99 -15.67 -33.92
CA ARG B 71 -2.99 -15.67 -33.92
C ARG B 71 -1.79 -16.19 -33.14
N LEU B 72 -1.24 -15.35 -32.25
CA LEU B 72 -0.09 -15.77 -31.44
C LEU B 72 -0.43 -17.01 -30.65
N PHE B 73 -1.58 -16.99 -29.98
CA PHE B 73 -1.96 -18.16 -29.19
C PHE B 73 -2.36 -19.34 -30.06
N ALA B 74 -2.96 -19.10 -31.22
CA ALA B 74 -3.24 -20.20 -32.14
C ALA B 74 -1.95 -20.87 -32.60
N SER B 75 -0.90 -20.08 -32.81
CA SER B 75 0.40 -20.66 -33.16
C SER B 75 0.92 -21.57 -32.06
N ILE B 76 0.69 -21.19 -30.80
CA ILE B 76 1.11 -22.01 -29.68
C ILE B 76 0.30 -23.30 -29.68
N ASP B 77 -1.02 -23.19 -29.86
CA ASP B 77 -1.88 -24.37 -29.94
C ASP B 77 -1.36 -25.35 -30.98
N GLU B 78 -1.00 -24.84 -32.17
CA GLU B 78 -0.60 -25.71 -33.27
C GLU B 78 0.75 -26.36 -32.99
N ARG B 79 1.71 -25.62 -32.45
CA ARG B 79 3.05 -26.16 -32.22
C ARG B 79 3.09 -27.08 -31.01
N PHE B 80 2.49 -26.68 -29.89
CA PHE B 80 2.62 -27.37 -28.63
C PHE B 80 1.32 -27.99 -28.11
N GLY B 81 0.16 -27.48 -28.52
CA GLY B 81 -1.08 -28.07 -28.06
C GLY B 81 -1.36 -27.90 -26.58
N ARG B 82 -0.70 -26.95 -25.92
CA ARG B 82 -0.82 -26.79 -24.49
C ARG B 82 -0.18 -25.46 -24.11
N LEU B 83 -0.49 -24.98 -22.92
CA LEU B 83 0.11 -23.76 -22.37
C LEU B 83 0.12 -23.91 -20.86
N ASP B 84 1.19 -23.43 -20.22
CA ASP B 84 1.27 -23.51 -18.76
C ASP B 84 1.50 -22.16 -18.11
N VAL B 85 2.26 -21.28 -18.73
CA VAL B 85 2.62 -20.00 -18.14
C VAL B 85 2.58 -18.90 -19.19
N LEU B 86 2.05 -17.74 -18.81
CA LEU B 86 2.17 -16.50 -19.56
C LEU B 86 3.02 -15.54 -18.74
N VAL B 87 4.05 -14.98 -19.36
CA VAL B 87 4.78 -13.83 -18.82
C VAL B 87 4.43 -12.62 -19.69
N ASN B 88 3.70 -11.68 -19.09
CA ASN B 88 3.29 -10.45 -19.76
C ASN B 88 4.41 -9.43 -19.59
N ASN B 89 5.45 -9.58 -20.40
CA ASN B 89 6.64 -8.75 -20.30
C ASN B 89 6.67 -7.61 -21.29
N ALA B 90 6.08 -7.74 -22.48
CA ALA B 90 6.13 -6.65 -23.47
C ALA B 90 5.70 -5.33 -22.84
N GLY B 91 6.51 -4.29 -23.07
CA GLY B 91 6.16 -2.98 -22.54
C GLY B 91 7.04 -1.95 -23.21
N MET B 92 6.67 -0.69 -23.04
N MET B 92 6.65 -0.70 -23.07
CA MET B 92 7.30 0.39 -23.78
CA MET B 92 7.39 0.39 -23.70
C MET B 92 6.95 1.73 -23.15
C MET B 92 7.03 1.71 -23.04
N LEU B 93 7.83 2.72 -23.36
CA LEU B 93 7.58 4.08 -22.90
C LEU B 93 8.09 5.01 -23.99
N GLU B 94 7.71 6.27 -23.87
CA GLU B 94 8.05 7.33 -24.81
C GLU B 94 8.88 8.41 -24.10
N ALA B 95 9.20 9.46 -24.82
CA ALA B 95 10.20 10.42 -24.39
C ALA B 95 9.87 11.05 -23.05
N GLN B 96 10.90 11.26 -22.25
CA GLN B 96 10.74 11.97 -20.99
C GLN B 96 10.06 13.30 -21.24
N THR B 97 9.05 13.59 -20.43
CA THR B 97 8.21 14.75 -20.62
C THR B 97 7.45 15.03 -19.33
N ARG B 98 6.87 16.21 -19.25
N ARG B 98 6.85 16.22 -19.27
CA ARG B 98 5.88 16.54 -18.23
CA ARG B 98 5.86 16.54 -18.25
C ARG B 98 4.48 16.25 -18.77
C ARG B 98 4.46 16.25 -18.78
N LEU B 99 3.53 16.02 -17.84
CA LEU B 99 2.17 15.62 -18.20
C LEU B 99 1.50 16.67 -19.05
N GLU B 100 1.81 17.93 -18.83
CA GLU B 100 1.19 18.97 -19.64
C GLU B 100 1.53 18.84 -21.12
N ASN B 101 2.52 18.01 -21.48
CA ASN B 101 2.91 17.81 -22.87
C ASN B 101 2.63 16.38 -23.38
N ILE B 102 1.81 15.62 -22.66
CA ILE B 102 1.37 14.27 -23.06
C ILE B 102 0.01 14.43 -23.73
N ASP B 103 -0.12 14.00 -24.98
CA ASP B 103 -1.39 14.10 -25.69
C ASP B 103 -2.13 12.75 -25.72
N ALA B 104 -3.36 12.79 -26.24
CA ALA B 104 -4.19 11.60 -26.29
C ALA B 104 -3.56 10.50 -27.14
N ALA B 105 -2.90 10.88 -28.24
CA ALA B 105 -2.29 9.89 -29.10
C ALA B 105 -1.22 9.10 -28.35
N ARG B 106 -0.39 9.80 -27.58
CA ARG B 106 0.63 9.12 -26.78
C ARG B 106 0.00 8.21 -25.73
N LEU B 107 -1.00 8.71 -25.01
CA LEU B 107 -1.68 7.89 -24.03
C LEU B 107 -2.22 6.60 -24.65
N HIS B 108 -2.84 6.73 -25.82
CA HIS B 108 -3.37 5.54 -26.47
CA HIS B 108 -3.37 5.54 -26.48
C HIS B 108 -2.27 4.55 -26.79
N ARG B 109 -1.15 5.02 -27.35
CA ARG B 109 -0.08 4.08 -27.70
C ARG B 109 0.47 3.38 -26.46
N VAL B 110 0.71 4.14 -25.40
CA VAL B 110 1.34 3.61 -24.20
C VAL B 110 0.40 2.64 -23.48
N PHE B 111 -0.87 2.98 -23.38
CA PHE B 111 -1.81 2.04 -22.78
CA PHE B 111 -1.85 2.07 -22.79
C PHE B 111 -2.05 0.83 -23.67
N ALA B 112 -2.01 1.01 -24.99
CA ALA B 112 -2.25 -0.12 -25.90
C ALA B 112 -1.21 -1.22 -25.67
N THR B 113 0.06 -0.87 -25.64
CA THR B 113 1.07 -1.92 -25.47
C THR B 113 1.07 -2.44 -24.05
N ASN B 114 1.16 -1.54 -23.08
CA ASN B 114 1.44 -1.95 -21.70
C ASN B 114 0.22 -2.53 -21.02
N VAL B 115 -0.96 -2.00 -21.28
CA VAL B 115 -2.17 -2.42 -20.56
C VAL B 115 -3.03 -3.33 -21.42
N THR B 116 -3.51 -2.83 -22.55
CA THR B 116 -4.34 -3.66 -23.41
C THR B 116 -3.62 -4.95 -23.78
N GLY B 117 -2.35 -4.86 -24.14
CA GLY B 117 -1.64 -6.08 -24.52
C GLY B 117 -1.61 -7.11 -23.42
N SER B 118 -1.39 -6.67 -22.17
CA SER B 118 -1.39 -7.60 -21.05
C SER B 118 -2.77 -8.17 -20.78
N PHE B 119 -3.83 -7.34 -20.86
CA PHE B 119 -5.20 -7.87 -20.77
C PHE B 119 -5.45 -8.92 -21.84
N LEU B 120 -5.14 -8.61 -23.10
CA LEU B 120 -5.52 -9.49 -24.20
C LEU B 120 -4.78 -10.82 -24.09
N CYS B 121 -3.51 -10.78 -23.75
CA CYS B 121 -2.78 -12.04 -23.58
C CYS B 121 -3.28 -12.81 -22.36
N ALA B 122 -3.56 -12.12 -21.26
CA ALA B 122 -4.11 -12.81 -20.10
C ALA B 122 -5.44 -13.48 -20.44
N ARG B 123 -6.27 -12.83 -21.25
N ARG B 123 -6.29 -12.81 -21.22
CA ARG B 123 -7.55 -13.39 -21.68
CA ARG B 123 -7.54 -13.40 -21.65
C ARG B 123 -7.34 -14.69 -22.46
C ARG B 123 -7.30 -14.73 -22.36
N GLU B 124 -6.42 -14.69 -23.43
N GLU B 124 -6.48 -14.72 -23.42
CA GLU B 124 -6.17 -15.92 -24.17
CA GLU B 124 -6.22 -15.96 -24.15
C GLU B 124 -5.56 -16.99 -23.29
C GLU B 124 -5.59 -17.02 -23.26
N ALA B 125 -4.73 -16.60 -22.33
CA ALA B 125 -4.15 -17.58 -21.42
C ALA B 125 -5.23 -18.20 -20.53
N VAL B 126 -6.13 -17.38 -19.97
CA VAL B 126 -7.18 -17.94 -19.12
C VAL B 126 -8.01 -18.95 -19.90
N LYS B 127 -8.31 -18.67 -21.17
N LYS B 127 -8.33 -18.66 -21.16
CA LYS B 127 -9.14 -19.56 -21.97
CA LYS B 127 -9.14 -19.56 -21.94
C LYS B 127 -8.48 -20.91 -22.22
C LYS B 127 -8.51 -20.94 -22.04
N ARG B 128 -7.19 -21.03 -21.99
CA ARG B 128 -6.46 -22.28 -22.12
C ARG B 128 -6.06 -22.90 -20.80
N LEU B 129 -5.68 -22.10 -19.81
N LEU B 129 -5.66 -22.10 -19.82
CA LEU B 129 -5.18 -22.64 -18.54
CA LEU B 129 -5.17 -22.63 -18.54
C LEU B 129 -6.31 -23.06 -17.62
C LEU B 129 -6.30 -23.06 -17.62
N SER B 130 -7.45 -22.40 -17.71
CA SER B 130 -8.49 -22.61 -16.70
C SER B 130 -8.98 -24.05 -16.67
N THR B 131 -9.17 -24.58 -15.45
CA THR B 131 -9.78 -25.89 -15.31
C THR B 131 -11.23 -25.90 -15.77
N ARG B 132 -11.90 -24.74 -15.86
N ARG B 132 -11.90 -24.73 -15.83
CA ARG B 132 -13.24 -24.71 -16.42
CA ARG B 132 -13.24 -24.67 -16.42
C ARG B 132 -13.26 -24.97 -17.92
C ARG B 132 -13.21 -25.10 -17.88
N HIS B 133 -12.13 -24.80 -18.59
CA HIS B 133 -12.04 -24.92 -20.03
C HIS B 133 -11.19 -26.12 -20.44
N GLY B 134 -11.03 -27.08 -19.54
CA GLY B 134 -10.26 -28.27 -19.84
C GLY B 134 -8.78 -28.15 -19.62
N GLY B 135 -8.30 -27.04 -19.07
CA GLY B 135 -6.89 -26.88 -18.81
C GLY B 135 -6.49 -27.53 -17.51
N ARG B 136 -5.18 -27.45 -17.24
CA ARG B 136 -4.55 -28.02 -16.06
C ARG B 136 -4.24 -26.95 -15.01
N GLY B 137 -4.67 -25.72 -15.22
CA GLY B 137 -4.20 -24.61 -14.42
C GLY B 137 -2.84 -24.13 -14.89
N GLY B 138 -2.30 -23.17 -14.17
CA GLY B 138 -1.02 -22.58 -14.55
C GLY B 138 -0.83 -21.25 -13.86
N SER B 139 0.01 -20.40 -14.47
N SER B 139 -0.01 -20.43 -14.47
CA SER B 139 0.47 -19.18 -13.81
CA SER B 139 0.22 -19.13 -13.87
C SER B 139 0.70 -18.06 -14.82
C SER B 139 0.45 -18.07 -14.92
N ILE B 140 0.27 -16.84 -14.45
CA ILE B 140 0.51 -15.62 -15.21
C ILE B 140 1.39 -14.76 -14.34
N VAL B 141 2.46 -14.23 -14.91
CA VAL B 141 3.30 -13.24 -14.25
C VAL B 141 3.28 -11.98 -15.10
N ASN B 142 2.75 -10.89 -14.53
CA ASN B 142 2.78 -9.60 -15.18
C ASN B 142 4.06 -8.87 -14.80
N VAL B 143 4.59 -8.07 -15.71
CA VAL B 143 5.74 -7.23 -15.42
C VAL B 143 5.21 -5.81 -15.26
N SER B 144 5.25 -5.34 -14.03
CA SER B 144 4.87 -3.97 -13.67
C SER B 144 6.14 -3.13 -13.66
N SER B 145 6.26 -2.20 -12.70
CA SER B 145 7.39 -1.30 -12.58
C SER B 145 7.28 -0.58 -11.26
N MET B 146 8.43 -0.20 -10.70
CA MET B 146 8.40 0.72 -9.57
C MET B 146 7.74 2.05 -9.94
N ALA B 147 7.64 2.37 -11.23
CA ALA B 147 6.91 3.56 -11.66
C ALA B 147 5.48 3.57 -11.14
N SER B 148 4.85 2.42 -10.96
CA SER B 148 3.47 2.46 -10.48
C SER B 148 3.37 3.06 -9.09
N ARG B 149 4.43 2.95 -8.30
CA ARG B 149 4.49 3.47 -6.93
C ARG B 149 5.14 4.84 -6.88
N LEU B 150 6.11 5.12 -7.73
CA LEU B 150 6.84 6.38 -7.69
C LEU B 150 6.21 7.45 -8.55
N GLY B 151 5.48 7.08 -9.60
CA GLY B 151 4.76 8.03 -10.41
C GLY B 151 5.48 8.60 -11.61
N SER B 152 6.79 8.35 -11.75
CA SER B 152 7.58 8.86 -12.86
C SER B 152 7.38 10.37 -13.12
N PRO B 153 7.37 11.19 -12.09
CA PRO B 153 7.20 12.63 -12.32
C PRO B 153 8.32 13.17 -13.21
N ASN B 154 7.95 14.10 -14.09
CA ASN B 154 8.88 14.76 -15.00
C ASN B 154 9.47 13.81 -16.02
N GLU B 155 8.97 12.58 -16.11
CA GLU B 155 9.46 11.63 -17.09
C GLU B 155 8.33 11.01 -17.88
N TYR B 156 7.47 10.24 -17.24
CA TYR B 156 6.45 9.54 -18.00
CA TYR B 156 6.43 9.56 -18.00
C TYR B 156 5.31 9.09 -17.08
N ILE B 157 4.54 10.05 -16.59
CA ILE B 157 3.41 9.72 -15.75
C ILE B 157 2.43 8.81 -16.49
N ASP B 158 2.37 8.92 -17.83
CA ASP B 158 1.54 8.02 -18.61
C ASP B 158 1.93 6.56 -18.41
N TYR B 159 3.23 6.27 -18.48
CA TYR B 159 3.72 4.91 -18.26
C TYR B 159 3.53 4.47 -16.81
N ALA B 160 3.75 5.37 -15.86
CA ALA B 160 3.47 5.04 -14.47
C ALA B 160 2.02 4.63 -14.29
N ALA B 161 1.11 5.39 -14.89
CA ALA B 161 -0.31 5.05 -14.83
C ALA B 161 -0.59 3.70 -15.48
N ALA B 162 0.03 3.42 -16.63
CA ALA B 162 -0.13 2.10 -17.24
C ALA B 162 0.28 0.98 -16.29
N LYS B 163 1.38 1.16 -15.57
CA LYS B 163 1.85 0.13 -14.65
C LYS B 163 0.96 0.06 -13.40
N GLY B 164 0.40 1.18 -12.95
CA GLY B 164 -0.62 1.11 -11.92
C GLY B 164 -1.83 0.29 -12.33
N ALA B 165 -2.21 0.41 -13.60
CA ALA B 165 -3.29 -0.43 -14.15
C ALA B 165 -2.92 -1.91 -14.07
N ILE B 166 -1.67 -2.24 -14.42
CA ILE B 166 -1.20 -3.62 -14.31
C ILE B 166 -1.29 -4.10 -12.87
N ASP B 167 -0.93 -3.26 -11.89
CA ASP B 167 -0.99 -3.73 -10.51
C ASP B 167 -2.42 -4.10 -10.14
N SER B 168 -3.40 -3.25 -10.49
CA SER B 168 -4.79 -3.54 -10.17
C SER B 168 -5.31 -4.74 -10.94
N MET B 169 -4.91 -4.89 -12.21
CA MET B 169 -5.32 -6.09 -12.96
C MET B 169 -4.74 -7.35 -12.32
N THR B 170 -3.53 -7.28 -11.79
CA THR B 170 -2.90 -8.44 -11.14
C THR B 170 -3.76 -8.89 -9.97
N ILE B 171 -4.17 -7.93 -9.15
N ILE B 171 -4.15 -7.94 -9.13
CA ILE B 171 -4.98 -8.25 -7.96
CA ILE B 171 -4.98 -8.23 -7.97
C ILE B 171 -6.34 -8.78 -8.38
C ILE B 171 -6.32 -8.81 -8.41
N GLY B 172 -7.02 -8.09 -9.29
CA GLY B 172 -8.36 -8.50 -9.67
C GLY B 172 -8.39 -9.84 -10.39
N LEU B 173 -7.47 -10.04 -11.35
CA LEU B 173 -7.46 -11.31 -12.07
C LEU B 173 -7.09 -12.45 -11.14
N ALA B 174 -6.13 -12.24 -10.23
CA ALA B 174 -5.80 -13.29 -9.27
C ALA B 174 -7.05 -13.76 -8.53
N ARG B 175 -7.86 -12.83 -8.05
CA ARG B 175 -9.06 -13.21 -7.32
CA ARG B 175 -9.06 -13.22 -7.32
C ARG B 175 -10.08 -13.87 -8.24
N GLU B 176 -10.17 -13.41 -9.49
CA GLU B 176 -11.18 -13.94 -10.40
C GLU B 176 -10.90 -15.36 -10.83
N VAL B 177 -9.63 -15.77 -10.98
CA VAL B 177 -9.30 -17.07 -11.53
C VAL B 177 -8.66 -18.01 -10.52
N ALA B 178 -8.61 -17.64 -9.25
CA ALA B 178 -7.98 -18.49 -8.25
C ALA B 178 -8.62 -19.88 -8.19
N ALA B 179 -9.93 -19.96 -8.29
CA ALA B 179 -10.61 -21.25 -8.14
C ALA B 179 -10.55 -22.11 -9.38
N GLU B 180 -10.01 -21.62 -10.48
CA GLU B 180 -9.86 -22.42 -11.69
C GLU B 180 -8.40 -22.73 -11.97
N GLY B 181 -7.56 -22.71 -10.94
CA GLY B 181 -6.23 -23.24 -11.01
C GLY B 181 -5.16 -22.32 -11.55
N ILE B 182 -5.45 -21.04 -11.69
CA ILE B 182 -4.51 -20.09 -12.26
C ILE B 182 -4.05 -19.15 -11.16
N ARG B 183 -2.73 -19.04 -10.96
CA ARG B 183 -2.18 -17.99 -10.10
C ARG B 183 -1.77 -16.80 -10.96
N VAL B 184 -1.86 -15.60 -10.39
CA VAL B 184 -1.52 -14.37 -11.11
C VAL B 184 -0.71 -13.49 -10.16
N ASN B 185 0.50 -13.15 -10.53
CA ASN B 185 1.38 -12.33 -9.70
C ASN B 185 2.11 -11.37 -10.60
N ALA B 186 2.89 -10.47 -10.00
CA ALA B 186 3.65 -9.51 -10.78
C ALA B 186 5.00 -9.24 -10.14
N VAL B 187 5.96 -8.90 -10.99
N VAL B 187 5.93 -8.81 -10.98
CA VAL B 187 7.21 -8.31 -10.53
CA VAL B 187 7.26 -8.36 -10.57
C VAL B 187 7.17 -6.82 -10.79
C VAL B 187 7.36 -6.87 -10.89
N ARG B 188 7.84 -6.07 -9.93
CA ARG B 188 8.05 -4.64 -10.12
C ARG B 188 9.54 -4.41 -10.19
N PRO B 189 10.13 -4.40 -11.38
CA PRO B 189 11.54 -4.03 -11.47
C PRO B 189 11.73 -2.54 -11.22
N GLY B 190 12.93 -2.21 -10.72
CA GLY B 190 13.34 -0.84 -10.52
C GLY B 190 14.14 -0.35 -11.70
N LEU B 191 15.40 -0.07 -11.54
CA LEU B 191 16.26 0.43 -12.62
C LEU B 191 17.10 -0.74 -13.14
N ILE B 192 16.69 -1.33 -14.25
CA ILE B 192 17.33 -2.52 -14.81
C ILE B 192 18.05 -2.13 -16.09
N ASP B 193 19.24 -2.68 -16.29
CA ASP B 193 20.08 -2.30 -17.43
C ASP B 193 19.60 -2.96 -18.72
N THR B 194 18.69 -2.29 -19.41
CA THR B 194 18.18 -2.67 -20.70
C THR B 194 18.16 -1.41 -21.56
N GLU B 195 17.74 -1.57 -22.81
CA GLU B 195 17.61 -0.46 -23.74
C GLU B 195 16.39 0.44 -23.46
N ILE B 196 15.54 0.13 -22.49
CA ILE B 196 14.34 0.92 -22.33
C ILE B 196 14.65 2.38 -21.96
N HIS B 197 15.69 2.60 -21.16
CA HIS B 197 15.99 3.96 -20.72
C HIS B 197 16.40 4.82 -21.91
N ALA B 198 17.26 4.29 -22.78
CA ALA B 198 17.59 4.97 -24.03
C ALA B 198 16.33 5.26 -24.84
N SER B 199 15.36 4.34 -24.84
CA SER B 199 14.15 4.55 -25.61
C SER B 199 13.33 5.73 -25.09
N GLY B 200 13.48 6.08 -23.82
CA GLY B 200 12.84 7.24 -23.22
C GLY B 200 13.62 8.52 -23.42
N GLY B 201 14.80 8.43 -24.03
CA GLY B 201 15.64 9.57 -24.29
C GLY B 201 16.86 9.68 -23.40
N GLU B 202 17.13 8.71 -22.54
CA GLU B 202 18.20 8.85 -21.55
C GLU B 202 18.97 7.55 -21.37
N PRO B 203 19.92 7.27 -22.27
CA PRO B 203 20.73 6.07 -22.10
C PRO B 203 21.47 6.03 -20.77
N GLY B 204 21.80 7.18 -20.20
CA GLY B 204 22.54 7.22 -18.96
C GLY B 204 21.69 7.31 -17.71
N ARG B 205 20.41 6.92 -17.80
CA ARG B 205 19.50 7.10 -16.67
C ARG B 205 19.97 6.36 -15.43
N ILE B 206 20.42 5.10 -15.57
CA ILE B 206 20.87 4.37 -14.39
C ILE B 206 22.07 5.05 -13.75
N GLU B 207 23.04 5.48 -14.55
CA GLU B 207 24.21 6.18 -14.01
C GLU B 207 23.79 7.44 -13.26
N ARG B 208 22.78 8.15 -13.75
CA ARG B 208 22.30 9.34 -13.06
C ARG B 208 21.71 9.00 -11.70
N LEU B 209 20.96 7.90 -11.63
CA LEU B 209 20.15 7.60 -10.46
C LEU B 209 20.77 6.60 -9.49
N LYS B 210 21.85 5.93 -9.86
CA LYS B 210 22.25 4.77 -9.06
C LYS B 210 22.69 5.16 -7.65
N GLY B 211 23.21 6.37 -7.45
CA GLY B 211 23.64 6.78 -6.12
C GLY B 211 22.51 6.82 -5.13
N GLY B 212 21.27 6.93 -5.59
CA GLY B 212 20.11 6.91 -4.75
C GLY B 212 19.45 5.56 -4.56
N ILE B 213 19.89 4.52 -5.26
CA ILE B 213 19.37 3.16 -5.08
C ILE B 213 20.05 2.56 -3.85
N PRO B 214 19.31 2.00 -2.89
CA PRO B 214 20.00 1.47 -1.69
C PRO B 214 21.14 0.52 -2.01
N LEU B 215 20.95 -0.42 -2.93
CA LEU B 215 22.02 -1.34 -3.30
C LEU B 215 23.11 -0.68 -4.15
N GLY B 216 22.90 0.54 -4.62
CA GLY B 216 23.99 1.31 -5.21
C GLY B 216 24.34 0.96 -6.64
N ARG B 217 23.50 0.21 -7.34
CA ARG B 217 23.76 -0.19 -8.72
C ARG B 217 22.42 -0.46 -9.37
N GLY B 218 22.40 -0.43 -10.70
CA GLY B 218 21.29 -0.97 -11.46
C GLY B 218 21.21 -2.47 -11.33
N GLY B 219 20.04 -2.98 -11.62
CA GLY B 219 19.80 -4.41 -11.68
C GLY B 219 20.06 -4.98 -13.07
N THR B 220 20.08 -6.31 -13.16
CA THR B 220 20.26 -6.96 -14.45
C THR B 220 18.96 -7.63 -14.88
N ALA B 221 18.85 -7.85 -16.20
CA ALA B 221 17.72 -8.57 -16.75
C ALA B 221 17.63 -9.98 -16.16
N GLU B 222 18.78 -10.60 -15.92
CA GLU B 222 18.81 -11.95 -15.33
CA GLU B 222 18.80 -11.94 -15.33
C GLU B 222 18.23 -11.96 -13.92
N GLU B 223 18.48 -10.89 -13.15
CA GLU B 223 17.88 -10.79 -11.81
C GLU B 223 16.37 -10.76 -11.89
N VAL B 224 15.83 -10.00 -12.84
CA VAL B 224 14.38 -9.97 -12.96
C VAL B 224 13.85 -11.32 -13.40
N ALA B 225 14.53 -11.95 -14.38
CA ALA B 225 14.12 -13.26 -14.87
C ALA B 225 13.97 -14.27 -13.75
N ARG B 226 14.89 -14.24 -12.79
N ARG B 226 14.90 -14.25 -12.80
CA ARG B 226 14.84 -15.23 -11.71
CA ARG B 226 14.84 -15.22 -11.70
C ARG B 226 13.60 -15.07 -10.85
C ARG B 226 13.58 -15.06 -10.88
N ALA B 227 13.17 -13.82 -10.60
CA ALA B 227 11.97 -13.57 -9.82
C ALA B 227 10.74 -14.00 -10.60
N ILE B 228 10.70 -13.71 -11.89
CA ILE B 228 9.59 -14.15 -12.74
C ILE B 228 9.48 -15.67 -12.71
N LEU B 229 10.60 -16.36 -12.90
CA LEU B 229 10.57 -17.81 -12.90
C LEU B 229 10.10 -18.36 -11.55
N TRP B 230 10.50 -17.74 -10.46
CA TRP B 230 10.09 -18.21 -9.14
C TRP B 230 8.57 -18.15 -9.01
N LEU B 231 7.99 -17.00 -9.38
CA LEU B 231 6.54 -16.84 -9.30
C LEU B 231 5.80 -17.78 -10.24
N ALA B 232 6.40 -18.13 -11.37
CA ALA B 232 5.78 -19.08 -12.28
C ALA B 232 5.88 -20.51 -11.80
N SER B 233 6.82 -20.80 -10.92
CA SER B 233 7.17 -22.16 -10.52
C SER B 233 6.22 -22.66 -9.44
N ASP B 234 6.29 -23.96 -9.21
CA ASP B 234 5.49 -24.54 -8.13
C ASP B 234 6.02 -24.16 -6.76
N GLU B 235 7.22 -23.58 -6.65
CA GLU B 235 7.61 -23.11 -5.32
CA GLU B 235 7.67 -23.02 -5.38
C GLU B 235 6.69 -21.99 -4.84
N ALA B 236 6.03 -21.26 -5.73
CA ALA B 236 5.11 -20.17 -5.38
C ALA B 236 3.65 -20.64 -5.32
N SER B 237 3.43 -21.92 -4.98
CA SER B 237 2.10 -22.52 -5.07
C SER B 237 1.06 -21.89 -4.14
N TYR B 238 1.46 -21.15 -3.12
CA TYR B 238 0.51 -20.48 -2.26
C TYR B 238 0.58 -18.96 -2.38
N SER B 239 1.07 -18.45 -3.51
CA SER B 239 1.16 -17.02 -3.75
C SER B 239 0.34 -16.68 -4.99
N THR B 240 -0.66 -15.84 -4.80
CA THR B 240 -1.42 -15.30 -5.91
C THR B 240 -1.89 -13.91 -5.51
N GLY B 241 -1.94 -13.00 -6.49
CA GLY B 241 -2.28 -11.62 -6.22
C GLY B 241 -1.21 -10.84 -5.54
N THR B 242 0.05 -11.27 -5.65
CA THR B 242 1.14 -10.61 -4.94
CA THR B 242 1.15 -10.66 -4.95
C THR B 242 2.17 -10.08 -5.91
N PHE B 243 3.12 -9.35 -5.33
CA PHE B 243 4.14 -8.60 -6.03
C PHE B 243 5.49 -8.92 -5.40
N ILE B 244 6.52 -8.96 -6.21
CA ILE B 244 7.90 -8.95 -5.72
C ILE B 244 8.58 -7.76 -6.37
N ASP B 245 9.10 -6.85 -5.57
CA ASP B 245 9.89 -5.75 -6.10
C ASP B 245 11.31 -6.23 -6.35
N VAL B 246 11.84 -5.89 -7.51
CA VAL B 246 13.19 -6.25 -7.94
C VAL B 246 13.87 -4.93 -8.29
N SER B 247 14.19 -4.14 -7.25
CA SER B 247 14.50 -2.74 -7.41
C SER B 247 15.69 -2.32 -6.57
N GLY B 248 16.36 -3.24 -5.89
CA GLY B 248 17.50 -2.86 -5.09
C GLY B 248 17.16 -1.93 -3.94
N GLY B 249 15.90 -1.92 -3.52
CA GLY B 249 15.44 -1.08 -2.45
C GLY B 249 14.77 0.21 -2.89
N ARG B 250 14.78 0.51 -4.17
CA ARG B 250 14.08 1.68 -4.72
C ARG B 250 12.59 1.45 -4.63
N HIS C 2 -27.45 21.35 23.18
CA HIS C 2 -26.68 22.45 23.83
C HIS C 2 -25.24 22.05 24.25
N MET C 3 -25.03 20.79 24.65
CA MET C 3 -23.74 20.39 25.21
C MET C 3 -22.71 20.14 24.12
N ARG C 4 -21.45 20.47 24.44
N ARG C 4 -21.46 20.46 24.45
CA ARG C 4 -20.35 20.26 23.50
CA ARG C 4 -20.38 20.23 23.51
C ARG C 4 -19.97 18.79 23.43
C ARG C 4 -20.05 18.75 23.41
N ASN C 5 -19.56 18.36 22.24
CA ASN C 5 -18.84 17.10 22.13
CA ASN C 5 -18.84 17.10 22.14
C ASN C 5 -17.50 17.22 22.85
N VAL C 6 -16.99 16.09 23.32
CA VAL C 6 -15.79 16.05 24.14
C VAL C 6 -14.69 15.31 23.41
N MET C 7 -13.53 15.97 23.28
CA MET C 7 -12.36 15.41 22.62
C MET C 7 -11.19 15.32 23.59
N LEU C 8 -10.65 14.12 23.75
CA LEU C 8 -9.38 13.93 24.44
C LEU C 8 -8.26 13.95 23.42
N ILE C 9 -7.24 14.78 23.64
CA ILE C 9 -6.03 14.80 22.84
C ILE C 9 -4.87 14.40 23.75
N THR C 10 -4.25 13.25 23.49
CA THR C 10 -3.05 12.90 24.25
C THR C 10 -1.87 13.74 23.73
N GLY C 11 -0.98 14.13 24.63
CA GLY C 11 0.12 15.00 24.25
C GLY C 11 -0.30 16.32 23.62
N ALA C 12 -1.17 17.04 24.33
CA ALA C 12 -1.75 18.28 23.87
C ALA C 12 -1.03 19.53 24.35
N SER C 13 0.05 19.39 25.10
CA SER C 13 0.73 20.55 25.67
C SER C 13 1.60 21.30 24.66
N ARG C 14 2.03 20.64 23.59
CA ARG C 14 2.98 21.21 22.65
C ARG C 14 2.67 20.67 21.26
N GLY C 15 3.28 21.28 20.26
CA GLY C 15 3.34 20.70 18.92
C GLY C 15 1.99 20.46 18.28
N ILE C 16 1.88 19.33 17.58
CA ILE C 16 0.64 19.00 16.88
C ILE C 16 -0.53 18.91 17.82
N GLY C 17 -0.33 18.30 18.99
CA GLY C 17 -1.42 18.16 19.93
C GLY C 17 -1.97 19.49 20.41
N ALA C 18 -1.09 20.45 20.68
CA ALA C 18 -1.54 21.76 21.12
C ALA C 18 -2.32 22.46 20.02
N ALA C 19 -1.84 22.38 18.76
CA ALA C 19 -2.56 23.01 17.66
C ALA C 19 -3.92 22.35 17.49
N THR C 20 -3.97 21.03 17.66
CA THR C 20 -5.22 20.30 17.57
C THR C 20 -6.20 20.75 18.65
N ALA C 21 -5.70 20.94 19.87
CA ALA C 21 -6.54 21.37 20.97
C ALA C 21 -7.14 22.73 20.68
N LEU C 22 -6.31 23.69 20.25
CA LEU C 22 -6.82 25.03 19.99
C LEU C 22 -7.85 25.02 18.86
N LEU C 23 -7.59 24.26 17.80
CA LEU C 23 -8.53 24.21 16.68
C LEU C 23 -9.82 23.52 17.11
N ALA C 24 -9.70 22.41 17.84
CA ALA C 24 -10.89 21.71 18.26
C ALA C 24 -11.80 22.60 19.11
N ALA C 25 -11.20 23.49 19.92
N ALA C 25 -11.24 23.23 20.14
CA ALA C 25 -11.99 24.46 20.68
CA ALA C 25 -12.07 23.96 21.11
C ALA C 25 -12.61 25.51 19.76
C ALA C 25 -12.98 24.96 20.41
N GLU C 26 -11.86 26.01 18.79
N GLU C 26 -12.71 25.23 19.13
CA GLU C 26 -12.45 26.94 17.83
CA GLU C 26 -13.53 26.08 18.29
C GLU C 26 -13.62 26.33 17.10
C GLU C 26 -14.36 25.29 17.29
N ARG C 27 -13.63 25.02 16.92
N ARG C 27 -14.41 23.96 17.43
CA ARG C 27 -14.69 24.31 16.23
CA ARG C 27 -15.13 23.09 16.50
C ARG C 27 -15.72 23.73 17.17
C ARG C 27 -16.22 22.26 17.17
N GLY C 28 -15.68 24.10 18.45
N GLY C 28 -16.71 22.71 18.31
CA GLY C 28 -16.78 23.83 19.35
CA GLY C 28 -17.78 22.01 19.00
C GLY C 28 -16.57 22.68 20.32
C GLY C 28 -17.32 21.04 20.04
N TYR C 29 -15.44 22.01 20.27
N TYR C 29 -16.09 21.15 20.52
CA TYR C 29 -15.24 20.90 21.20
CA TYR C 29 -15.55 20.21 21.49
C TYR C 29 -14.81 21.39 22.56
C TYR C 29 -15.10 20.91 22.76
N ALA C 30 -15.34 20.73 23.60
N ALA C 30 -15.48 20.33 23.89
CA ALA C 30 -14.70 20.73 24.90
CA ALA C 30 -14.76 20.54 25.13
C ALA C 30 -13.48 19.82 24.80
C ALA C 30 -13.51 19.67 25.09
N VAL C 31 -12.35 20.28 25.32
CA VAL C 31 -11.08 19.61 25.06
C VAL C 31 -10.41 19.16 26.35
N VAL C 32 -9.97 17.92 26.37
CA VAL C 32 -9.14 17.40 27.44
C VAL C 32 -7.71 17.36 26.93
N LEU C 33 -6.85 18.17 27.55
CA LEU C 33 -5.45 18.30 27.16
C LEU C 33 -4.62 17.41 28.08
N ASN C 34 -4.27 16.23 27.60
CA ASN C 34 -3.36 15.37 28.34
C ASN C 34 -1.92 15.77 28.07
N TYR C 35 -1.07 15.60 29.07
CA TYR C 35 0.35 15.88 28.92
C TYR C 35 1.12 14.97 29.85
N LEU C 36 2.44 14.89 29.63
CA LEU C 36 3.32 14.07 30.47
C LEU C 36 3.91 14.88 31.61
N ARG C 37 4.59 15.98 31.29
N ARG C 37 4.58 15.99 31.28
CA ARG C 37 5.24 16.81 32.31
CA ARG C 37 5.25 16.81 32.29
C ARG C 37 5.04 18.30 32.12
C ARG C 37 5.12 18.31 32.08
N ASN C 38 4.69 18.80 30.93
CA ASN C 38 4.61 20.24 30.70
C ASN C 38 3.26 20.81 31.16
N ARG C 39 3.12 20.85 32.49
CA ARG C 39 1.90 21.36 33.10
C ARG C 39 1.64 22.82 32.74
N GLU C 40 2.68 23.66 32.84
CA GLU C 40 2.46 25.09 32.59
C GLU C 40 1.95 25.34 31.19
N ALA C 41 2.52 24.66 30.21
CA ALA C 41 2.08 24.86 28.84
C ALA C 41 0.64 24.40 28.65
N ALA C 42 0.30 23.24 29.23
CA ALA C 42 -1.05 22.73 29.07
C ALA C 42 -2.08 23.63 29.75
N GLU C 43 -1.75 24.10 30.96
CA GLU C 43 -2.66 24.99 31.66
C GLU C 43 -2.82 26.32 30.93
N ALA C 44 -1.74 26.84 30.32
CA ALA C 44 -1.85 28.07 29.54
C ALA C 44 -2.77 27.89 28.33
N LEU C 45 -2.73 26.73 27.68
N LEU C 45 -2.72 26.72 27.69
CA LEU C 45 -3.65 26.47 26.58
CA LEU C 45 -3.63 26.44 26.58
C LEU C 45 -5.08 26.37 27.06
C LEU C 45 -5.07 26.37 27.07
N ARG C 46 -5.30 25.70 28.20
CA ARG C 46 -6.64 25.68 28.77
C ARG C 46 -7.14 27.10 29.02
N GLN C 47 -6.29 27.95 29.59
CA GLN C 47 -6.71 29.32 29.88
C GLN C 47 -7.05 30.08 28.60
N ARG C 48 -6.26 29.89 27.54
CA ARG C 48 -6.60 30.54 26.28
CA ARG C 48 -6.59 30.53 26.27
C ARG C 48 -7.95 30.09 25.77
N ILE C 49 -8.23 28.78 25.85
CA ILE C 49 -9.52 28.25 25.40
C ILE C 49 -10.66 28.83 26.23
N GLU C 50 -10.50 28.89 27.55
CA GLU C 50 -11.56 29.42 28.41
C GLU C 50 -11.75 30.92 28.21
N ARG C 51 -10.67 31.67 28.02
N ARG C 51 -10.67 31.68 28.02
CA ARG C 51 -10.80 33.11 27.83
CA ARG C 51 -10.82 33.12 27.84
C ARG C 51 -11.60 33.43 26.58
C ARG C 51 -11.60 33.43 26.57
N GLN C 52 -11.53 32.55 25.58
CA GLN C 52 -12.27 32.71 24.34
C GLN C 52 -13.66 32.11 24.40
N GLY C 53 -14.11 31.67 25.58
CA GLY C 53 -15.46 31.17 25.75
C GLY C 53 -15.64 29.67 25.66
N GLY C 54 -14.56 28.89 25.60
CA GLY C 54 -14.64 27.45 25.46
C GLY C 54 -14.46 26.73 26.77
N GLU C 55 -14.34 25.40 26.66
CA GLU C 55 -14.20 24.50 27.79
C GLU C 55 -12.99 23.60 27.59
N ALA C 56 -12.20 23.45 28.64
CA ALA C 56 -11.01 22.61 28.54
C ALA C 56 -10.61 22.15 29.93
N LEU C 57 -9.86 21.04 29.98
CA LEU C 57 -9.34 20.45 31.20
C LEU C 57 -7.97 19.91 30.87
N ALA C 58 -6.97 20.20 31.67
CA ALA C 58 -5.64 19.62 31.48
C ALA C 58 -5.40 18.52 32.51
N VAL C 59 -4.86 17.39 32.08
CA VAL C 59 -4.62 16.23 32.96
C VAL C 59 -3.27 15.63 32.67
N ALA C 60 -2.43 15.50 33.70
CA ALA C 60 -1.16 14.82 33.55
C ALA C 60 -1.40 13.30 33.57
N ALA C 61 -0.86 12.59 32.59
CA ALA C 61 -0.92 11.14 32.61
C ALA C 61 0.08 10.62 31.58
N ASP C 62 0.88 9.65 32.00
CA ASP C 62 1.81 8.97 31.10
C ASP C 62 1.04 7.87 30.39
N VAL C 63 0.84 8.03 29.08
CA VAL C 63 0.00 7.07 28.36
C VAL C 63 0.58 5.66 28.36
N ALA C 64 1.87 5.51 28.62
CA ALA C 64 2.45 4.18 28.72
C ALA C 64 1.97 3.42 29.95
N GLU C 65 1.43 4.12 30.95
CA GLU C 65 1.10 3.56 32.25
C GLU C 65 -0.40 3.33 32.35
N GLU C 66 -0.79 2.05 32.42
N GLU C 66 -0.77 2.05 32.44
CA GLU C 66 -2.19 1.71 32.48
CA GLU C 66 -2.19 1.66 32.50
C GLU C 66 -2.92 2.43 33.62
C GLU C 66 -2.93 2.38 33.62
N GLY C 67 -2.29 2.55 34.79
CA GLY C 67 -2.96 3.25 35.87
C GLY C 67 -3.18 4.73 35.59
N ASP C 68 -2.24 5.36 34.90
CA ASP C 68 -2.41 6.76 34.54
C ASP C 68 -3.52 6.92 33.50
N VAL C 69 -3.56 6.01 32.53
CA VAL C 69 -4.61 6.07 31.51
C VAL C 69 -5.98 5.91 32.15
N GLU C 70 -6.12 4.96 33.06
CA GLU C 70 -7.42 4.78 33.70
C GLU C 70 -7.80 6.03 34.49
N ARG C 71 -6.85 6.65 35.16
CA ARG C 71 -7.13 7.86 35.91
C ARG C 71 -7.52 9.01 34.99
N LEU C 72 -6.80 9.14 33.87
CA LEU C 72 -7.11 10.16 32.88
C LEU C 72 -8.57 10.06 32.45
N PHE C 73 -9.00 8.87 32.08
CA PHE C 73 -10.37 8.72 31.60
C PHE C 73 -11.38 8.87 32.73
N ALA C 74 -11.06 8.42 33.95
CA ALA C 74 -11.95 8.70 35.08
C ALA C 74 -12.15 10.20 35.27
N SER C 75 -11.08 10.99 35.11
CA SER C 75 -11.21 12.43 35.25
C SER C 75 -12.11 13.03 34.18
N ILE C 76 -12.05 12.49 32.97
CA ILE C 76 -12.96 12.92 31.90
C ILE C 76 -14.39 12.59 32.28
N ASP C 77 -14.61 11.37 32.75
CA ASP C 77 -15.95 10.96 33.16
C ASP C 77 -16.52 11.95 34.17
N GLU C 78 -15.71 12.38 35.13
CA GLU C 78 -16.22 13.28 36.17
C GLU C 78 -16.46 14.70 35.66
N ARG C 79 -15.59 15.22 34.81
CA ARG C 79 -15.71 16.60 34.35
C ARG C 79 -16.80 16.76 33.30
N PHE C 80 -16.95 15.79 32.40
CA PHE C 80 -17.81 15.91 31.24
C PHE C 80 -18.90 14.84 31.15
N GLY C 81 -18.69 13.65 31.73
CA GLY C 81 -19.70 12.61 31.70
C GLY C 81 -19.94 11.98 30.35
N ARG C 82 -19.06 12.22 29.38
N ARG C 82 -19.03 12.17 29.40
CA ARG C 82 -19.20 11.71 28.03
CA ARG C 82 -19.18 11.70 28.04
C ARG C 82 -17.83 11.80 27.38
C ARG C 82 -17.85 11.87 27.34
N LEU C 83 -17.68 11.12 26.25
CA LEU C 83 -16.51 11.26 25.39
C LEU C 83 -16.99 11.02 23.97
N ASP C 84 -16.46 11.80 23.02
CA ASP C 84 -16.86 11.67 21.62
C ASP C 84 -15.71 11.38 20.68
N VAL C 85 -14.52 11.91 20.96
CA VAL C 85 -13.36 11.73 20.08
C VAL C 85 -12.12 11.50 20.94
N LEU C 86 -11.30 10.55 20.53
CA LEU C 86 -9.93 10.41 21.02
C LEU C 86 -8.97 10.71 19.89
N VAL C 87 -8.01 11.58 20.16
CA VAL C 87 -6.86 11.81 19.28
C VAL C 87 -5.64 11.24 19.99
N ASN C 88 -5.12 10.12 19.45
CA ASN C 88 -3.94 9.45 19.98
C ASN C 88 -2.72 10.14 19.37
N ASN C 89 -2.34 11.27 19.95
CA ASN C 89 -1.27 12.11 19.43
C ASN C 89 0.04 11.97 20.18
N ALA C 90 0.01 11.64 21.47
CA ALA C 90 1.26 11.52 22.22
C ALA C 90 2.21 10.56 21.52
N GLY C 91 3.46 10.98 21.38
CA GLY C 91 4.46 10.15 20.74
C GLY C 91 5.82 10.70 21.08
N MET C 92 6.84 9.89 20.84
N MET C 92 6.85 9.89 20.82
CA MET C 92 8.19 10.33 21.12
CA MET C 92 8.20 10.16 21.33
C MET C 92 9.17 9.45 20.34
C MET C 92 9.21 9.34 20.55
N LEU C 93 10.41 9.90 20.36
CA LEU C 93 11.53 9.18 19.78
C LEU C 93 12.78 9.53 20.57
N GLU C 94 13.83 8.78 20.36
CA GLU C 94 15.11 8.98 21.01
C GLU C 94 16.21 9.26 19.98
N ALA C 95 17.40 9.55 20.48
CA ALA C 95 18.49 10.06 19.66
C ALA C 95 18.69 9.20 18.42
N GLN C 96 18.96 9.85 17.31
CA GLN C 96 19.15 9.12 16.06
C GLN C 96 20.27 8.10 16.21
N THR C 97 19.96 6.84 15.87
N THR C 97 20.08 6.98 15.53
CA THR C 97 20.79 5.68 16.19
CA THR C 97 20.94 5.82 15.69
C THR C 97 20.48 4.60 15.16
C THR C 97 20.71 4.87 14.53
N ARG C 98 21.53 3.90 14.68
N ARG C 98 21.63 3.92 14.38
CA ARG C 98 21.34 2.76 13.77
CA ARG C 98 21.40 2.72 13.58
C ARG C 98 20.80 1.58 14.54
C ARG C 98 20.83 1.61 14.47
N LEU C 99 20.11 0.68 13.82
CA LEU C 99 19.46 -0.43 14.52
C LEU C 99 20.46 -1.27 15.30
N GLU C 100 21.69 -1.42 14.78
CA GLU C 100 22.66 -2.22 15.50
C GLU C 100 23.01 -1.66 16.87
N ASN C 101 22.63 -0.42 17.16
CA ASN C 101 22.90 0.20 18.46
C ASN C 101 21.64 0.45 19.27
N ILE C 102 20.51 -0.12 18.87
CA ILE C 102 19.25 0.02 19.61
C ILE C 102 19.11 -1.21 20.51
N ASP C 103 18.96 -0.97 21.81
CA ASP C 103 18.85 -2.07 22.77
C ASP C 103 17.41 -2.29 23.23
N ALA C 104 17.22 -3.37 24.00
CA ALA C 104 15.87 -3.75 24.40
C ALA C 104 15.21 -2.68 25.25
N ALA C 105 15.95 -2.02 26.12
CA ALA C 105 15.37 -1.00 26.98
C ALA C 105 14.83 0.16 26.16
N ARG C 106 15.56 0.56 25.11
CA ARG C 106 15.06 1.62 24.24
C ARG C 106 13.81 1.18 23.51
N LEU C 107 13.81 -0.03 22.95
CA LEU C 107 12.63 -0.53 22.26
C LEU C 107 11.43 -0.53 23.18
N HIS C 108 11.61 -0.95 24.43
N HIS C 108 11.62 -0.95 24.44
CA HIS C 108 10.48 -0.94 25.34
CA HIS C 108 10.52 -0.95 25.39
C HIS C 108 9.96 0.47 25.57
C HIS C 108 9.97 0.45 25.60
N ARG C 109 10.85 1.44 25.77
CA ARG C 109 10.37 2.80 26.02
C ARG C 109 9.60 3.36 24.82
N VAL C 110 10.15 3.15 23.62
CA VAL C 110 9.58 3.71 22.41
C VAL C 110 8.23 3.05 22.10
N PHE C 111 8.15 1.73 22.23
CA PHE C 111 6.87 1.08 22.02
CA PHE C 111 6.89 1.04 22.03
C PHE C 111 5.88 1.40 23.12
N ALA C 112 6.35 1.59 24.36
CA ALA C 112 5.43 1.87 25.45
C ALA C 112 4.66 3.16 25.21
N THR C 113 5.36 4.25 24.84
CA THR C 113 4.65 5.50 24.62
C THR C 113 3.84 5.46 23.34
N ASN C 114 4.47 5.09 22.23
CA ASN C 114 3.84 5.25 20.92
C ASN C 114 2.79 4.21 20.66
N VAL C 115 3.02 2.97 21.06
CA VAL C 115 2.13 1.86 20.72
C VAL C 115 1.23 1.52 21.89
N THR C 116 1.80 1.09 23.02
CA THR C 116 0.99 0.73 24.16
C THR C 116 0.09 1.88 24.57
N GLY C 117 0.61 3.10 24.62
CA GLY C 117 -0.22 4.23 25.01
C GLY C 117 -1.43 4.42 24.11
N SER C 118 -1.24 4.27 22.78
CA SER C 118 -2.34 4.40 21.84
C SER C 118 -3.34 3.25 22.00
N PHE C 119 -2.86 2.03 22.23
CA PHE C 119 -3.77 0.92 22.50
C PHE C 119 -4.58 1.18 23.77
N LEU C 120 -3.91 1.58 24.86
CA LEU C 120 -4.59 1.72 26.14
C LEU C 120 -5.64 2.82 26.08
N CYS C 121 -5.31 3.94 25.43
CA CYS C 121 -6.30 5.01 25.31
C CYS C 121 -7.43 4.61 24.37
N ALA C 122 -7.13 3.91 23.27
CA ALA C 122 -8.19 3.42 22.40
C ALA C 122 -9.12 2.49 23.16
N ARG C 123 -8.56 1.64 24.02
N ARG C 123 -8.56 1.63 24.00
CA ARG C 123 -9.35 0.70 24.80
CA ARG C 123 -9.37 0.71 24.79
C ARG C 123 -10.33 1.44 25.71
C ARG C 123 -10.35 1.48 25.67
N GLU C 124 -9.85 2.46 26.43
CA GLU C 124 -10.74 3.22 27.29
C GLU C 124 -11.73 4.04 26.48
N ALA C 125 -11.37 4.47 25.28
CA ALA C 125 -12.31 5.16 24.43
C ALA C 125 -13.40 4.22 23.95
N VAL C 126 -13.04 3.01 23.50
CA VAL C 126 -14.06 2.06 23.05
C VAL C 126 -15.07 1.79 24.15
N LYS C 127 -14.59 1.66 25.40
N LYS C 127 -14.60 1.63 25.39
CA LYS C 127 -15.48 1.36 26.51
CA LYS C 127 -15.50 1.35 26.49
C LYS C 127 -16.50 2.45 26.77
C LYS C 127 -16.59 2.41 26.62
N ARG C 128 -16.26 3.65 26.30
CA ARG C 128 -17.18 4.77 26.45
C ARG C 128 -17.95 5.15 25.21
N LEU C 129 -17.32 5.07 24.04
N LEU C 129 -17.32 5.05 24.04
CA LEU C 129 -17.98 5.45 22.79
CA LEU C 129 -17.98 5.42 22.79
C LEU C 129 -18.90 4.35 22.24
C LEU C 129 -18.92 4.35 22.27
N SER C 130 -18.59 3.08 22.49
CA SER C 130 -19.30 1.99 21.83
C SER C 130 -20.78 1.99 22.16
N THR C 131 -21.60 1.79 21.13
CA THR C 131 -23.03 1.58 21.37
C THR C 131 -23.29 0.29 22.15
N ARG C 132 -22.34 -0.65 22.18
CA ARG C 132 -22.52 -1.83 23.03
C ARG C 132 -22.54 -1.45 24.51
N HIS C 133 -21.88 -0.36 24.87
CA HIS C 133 -21.70 0.04 26.26
C HIS C 133 -22.44 1.33 26.60
N GLY C 134 -23.51 1.61 25.87
CA GLY C 134 -24.33 2.78 26.14
C GLY C 134 -23.81 4.07 25.58
N GLY C 135 -22.79 4.03 24.73
CA GLY C 135 -22.30 5.23 24.12
C GLY C 135 -23.10 5.62 22.90
N ARG C 136 -22.75 6.79 22.37
CA ARG C 136 -23.36 7.35 21.17
C ARG C 136 -22.51 7.15 19.93
N GLY C 137 -21.42 6.38 20.02
CA GLY C 137 -20.46 6.29 18.94
C GLY C 137 -19.51 7.47 18.98
N GLY C 138 -18.62 7.50 18.01
CA GLY C 138 -17.67 8.60 17.91
C GLY C 138 -16.52 8.19 17.03
N SER C 139 -15.36 8.78 17.29
CA SER C 139 -14.23 8.45 16.45
C SER C 139 -12.93 8.55 17.20
N ILE C 140 -11.96 7.82 16.66
CA ILE C 140 -10.57 7.79 17.12
C ILE C 140 -9.72 8.19 15.94
N VAL C 141 -8.78 9.10 16.15
CA VAL C 141 -7.80 9.47 15.16
C VAL C 141 -6.43 9.16 15.75
N ASN C 142 -5.73 8.21 15.16
CA ASN C 142 -4.36 7.92 15.56
C ASN C 142 -3.39 8.80 14.80
N VAL C 143 -2.30 9.19 15.42
CA VAL C 143 -1.25 9.93 14.74
C VAL C 143 -0.10 8.97 14.47
N SER C 144 0.07 8.65 13.20
CA SER C 144 1.16 7.82 12.71
C SER C 144 2.31 8.71 12.28
N SER C 145 3.00 8.35 11.20
CA SER C 145 4.13 9.11 10.69
C SER C 145 4.46 8.55 9.32
N MET C 146 5.02 9.41 8.45
CA MET C 146 5.58 8.87 7.22
C MET C 146 6.70 7.88 7.50
N ALA C 147 7.29 7.92 8.70
CA ALA C 147 8.26 6.89 9.09
C ALA C 147 7.74 5.47 8.93
N SER C 148 6.45 5.24 9.10
CA SER C 148 5.96 3.87 8.96
C SER C 148 6.19 3.34 7.56
N ARG C 149 6.20 4.24 6.57
CA ARG C 149 6.36 3.88 5.17
C ARG C 149 7.80 4.02 4.71
N LEU C 150 8.55 4.96 5.24
CA LEU C 150 9.92 5.21 4.80
C LEU C 150 10.95 4.46 5.62
N GLY C 151 10.64 4.12 6.86
CA GLY C 151 11.47 3.24 7.65
C GLY C 151 12.50 3.91 8.55
N SER C 152 12.70 5.22 8.43
CA SER C 152 13.65 5.99 9.23
C SER C 152 15.04 5.37 9.26
N PRO C 153 15.59 4.93 8.14
CA PRO C 153 16.95 4.38 8.15
C PRO C 153 17.97 5.40 8.63
N ASN C 154 18.94 4.93 9.40
N ASN C 154 18.93 4.93 9.42
CA ASN C 154 19.99 5.76 9.97
CA ASN C 154 20.00 5.73 10.01
C ASN C 154 19.45 6.83 10.93
C ASN C 154 19.49 6.71 11.05
N GLU C 155 18.20 6.67 11.37
N GLU C 155 18.20 6.70 11.36
CA GLU C 155 17.57 7.63 12.27
CA GLU C 155 17.60 7.65 12.29
C GLU C 155 16.96 6.92 13.47
C GLU C 155 16.95 6.93 13.46
N TYR C 156 15.89 6.18 13.23
CA TYR C 156 15.19 5.55 14.35
CA TYR C 156 15.19 5.55 14.35
C TYR C 156 14.22 4.49 13.81
N ILE C 157 14.77 3.36 13.36
CA ILE C 157 13.91 2.29 12.88
C ILE C 157 12.97 1.80 13.97
N ASP C 158 13.37 1.90 15.24
CA ASP C 158 12.47 1.59 16.34
C ASP C 158 11.17 2.40 16.28
N TYR C 159 11.30 3.71 16.09
CA TYR C 159 10.14 4.58 16.00
C TYR C 159 9.34 4.32 14.74
N ALA C 160 10.02 4.06 13.61
CA ALA C 160 9.31 3.71 12.38
C ALA C 160 8.48 2.46 12.59
N ALA C 161 9.04 1.46 13.27
CA ALA C 161 8.31 0.23 13.57
C ALA C 161 7.11 0.51 14.47
N ALA C 162 7.28 1.36 15.49
CA ALA C 162 6.17 1.75 16.33
C ALA C 162 5.04 2.34 15.51
N LYS C 163 5.37 3.18 14.53
CA LYS C 163 4.34 3.81 13.70
C LYS C 163 3.72 2.81 12.72
N GLY C 164 4.49 1.82 12.26
CA GLY C 164 3.89 0.74 11.48
C GLY C 164 2.89 -0.06 12.30
N ALA C 165 3.17 -0.25 13.60
CA ALA C 165 2.21 -0.88 14.48
C ALA C 165 0.93 -0.06 14.58
N ILE C 166 1.05 1.26 14.66
CA ILE C 166 -0.12 2.14 14.69
C ILE C 166 -0.94 1.98 13.41
N ASP C 167 -0.28 1.87 12.26
CA ASP C 167 -1.04 1.74 11.02
C ASP C 167 -1.88 0.46 11.04
N SER C 168 -1.30 -0.66 11.49
CA SER C 168 -2.04 -1.91 11.54
C SER C 168 -3.14 -1.87 12.58
N MET C 169 -2.88 -1.24 13.72
CA MET C 169 -3.92 -1.10 14.74
C MET C 169 -5.08 -0.27 14.22
N THR C 170 -4.79 0.76 13.42
CA THR C 170 -5.85 1.59 12.84
C THR C 170 -6.77 0.75 11.97
N ILE C 171 -6.18 -0.07 11.10
CA ILE C 171 -6.96 -0.92 10.21
C ILE C 171 -7.77 -1.94 11.01
N GLY C 172 -7.10 -2.65 11.92
CA GLY C 172 -7.80 -3.69 12.68
C GLY C 172 -8.90 -3.15 13.57
N LEU C 173 -8.61 -2.08 14.32
CA LEU C 173 -9.63 -1.53 15.21
C LEU C 173 -10.79 -0.97 14.40
N ALA C 174 -10.51 -0.30 13.29
CA ALA C 174 -11.60 0.20 12.46
C ALA C 174 -12.56 -0.94 12.09
N ARG C 175 -12.04 -2.06 11.65
CA ARG C 175 -12.91 -3.16 11.29
CA ARG C 175 -12.91 -3.16 11.28
C ARG C 175 -13.61 -3.74 12.51
N GLU C 176 -12.93 -3.79 13.65
CA GLU C 176 -13.51 -4.44 14.83
C GLU C 176 -14.68 -3.65 15.40
N VAL C 177 -14.62 -2.32 15.42
CA VAL C 177 -15.62 -1.52 16.13
C VAL C 177 -16.52 -0.72 15.18
N ALA C 178 -16.45 -0.97 13.88
CA ALA C 178 -17.32 -0.26 12.92
C ALA C 178 -18.79 -0.43 13.27
N ALA C 179 -19.21 -1.63 13.65
CA ALA C 179 -20.61 -1.90 13.90
C ALA C 179 -21.10 -1.32 15.21
N GLU C 180 -20.22 -0.82 16.07
N GLU C 180 -20.19 -0.81 16.05
CA GLU C 180 -20.64 -0.19 17.31
CA GLU C 180 -20.51 -0.20 17.33
C GLU C 180 -20.46 1.32 17.28
C GLU C 180 -20.50 1.32 17.27
N GLY C 181 -20.45 1.90 16.09
CA GLY C 181 -20.55 3.33 15.93
C GLY C 181 -19.27 4.11 16.05
N ILE C 182 -18.12 3.45 16.01
CA ILE C 182 -16.83 4.10 16.19
C ILE C 182 -16.08 4.01 14.87
N ARG C 183 -15.68 5.16 14.33
CA ARG C 183 -14.76 5.23 13.20
C ARG C 183 -13.33 5.37 13.74
N VAL C 184 -12.37 4.79 13.03
CA VAL C 184 -10.96 4.82 13.44
C VAL C 184 -10.13 5.12 12.20
N ASN C 185 -9.37 6.21 12.23
CA ASN C 185 -8.56 6.63 11.10
C ASN C 185 -7.24 7.15 11.63
N ALA C 186 -6.32 7.47 10.72
CA ALA C 186 -5.02 7.98 11.13
C ALA C 186 -4.55 9.07 10.17
N VAL C 187 -3.72 9.95 10.68
CA VAL C 187 -2.95 10.89 9.88
CA VAL C 187 -2.95 10.90 9.89
C VAL C 187 -1.50 10.45 9.91
N ARG C 188 -0.81 10.60 8.77
CA ARG C 188 0.64 10.38 8.70
C ARG C 188 1.30 11.71 8.42
N PRO C 189 1.75 12.44 9.41
CA PRO C 189 2.50 13.67 9.13
C PRO C 189 3.87 13.33 8.58
N GLY C 190 4.41 14.24 7.77
CA GLY C 190 5.77 14.16 7.29
C GLY C 190 6.68 14.98 8.15
N LEU C 191 7.30 16.00 7.62
CA LEU C 191 8.27 16.81 8.36
C LEU C 191 7.53 18.05 8.85
N ILE C 192 7.14 18.05 10.13
CA ILE C 192 6.34 19.12 10.73
C ILE C 192 7.20 19.87 11.73
N ASP C 193 7.07 21.19 11.73
CA ASP C 193 7.92 22.03 12.58
C ASP C 193 7.46 21.99 14.03
N THR C 194 8.02 21.05 14.79
CA THR C 194 7.81 20.93 16.22
C THR C 194 9.17 20.62 16.85
N GLU C 195 9.19 20.47 18.17
CA GLU C 195 10.40 20.13 18.91
C GLU C 195 10.81 18.67 18.80
N ILE C 196 10.03 17.82 18.11
CA ILE C 196 10.37 16.40 18.10
C ILE C 196 11.72 16.16 17.44
N HIS C 197 12.07 16.94 16.41
CA HIS C 197 13.32 16.67 15.69
C HIS C 197 14.52 16.95 16.59
N ALA C 198 14.46 18.04 17.35
CA ALA C 198 15.46 18.31 18.37
C ALA C 198 15.52 17.20 19.41
N SER C 199 14.38 16.57 19.73
CA SER C 199 14.39 15.50 20.73
CA SER C 199 14.39 15.50 20.72
C SER C 199 15.16 14.29 20.24
N GLY C 200 15.34 14.12 18.94
CA GLY C 200 16.17 13.07 18.37
C GLY C 200 17.59 13.53 18.11
N GLY C 201 17.95 14.74 18.57
CA GLY C 201 19.29 15.26 18.41
C GLY C 201 19.54 16.08 17.18
N GLU C 202 18.50 16.40 16.39
CA GLU C 202 18.68 17.11 15.13
C GLU C 202 17.68 18.25 14.96
N PRO C 203 17.93 19.37 15.63
CA PRO C 203 17.00 20.50 15.49
C PRO C 203 16.90 21.05 14.09
N GLY C 204 17.95 20.87 13.27
CA GLY C 204 17.92 21.36 11.90
C GLY C 204 17.40 20.37 10.87
N ARG C 205 16.67 19.34 11.31
CA ARG C 205 16.27 18.27 10.39
C ARG C 205 15.42 18.78 9.22
N ILE C 206 14.45 19.65 9.49
CA ILE C 206 13.60 20.11 8.39
C ILE C 206 14.41 20.91 7.38
N GLU C 207 15.31 21.78 7.85
CA GLU C 207 16.12 22.56 6.93
C GLU C 207 16.98 21.66 6.07
N ARG C 208 17.49 20.57 6.63
CA ARG C 208 18.29 19.62 5.86
C ARG C 208 17.46 18.95 4.77
N LEU C 209 16.22 18.61 5.07
CA LEU C 209 15.42 17.76 4.19
C LEU C 209 14.42 18.49 3.33
N LYS C 210 14.14 19.77 3.59
CA LYS C 210 12.96 20.36 2.96
C LYS C 210 13.12 20.51 1.45
N GLY C 211 14.36 20.61 0.96
CA GLY C 211 14.57 20.71 -0.49
C GLY C 211 14.14 19.48 -1.26
N GLY C 212 14.04 18.34 -0.59
CA GLY C 212 13.52 17.13 -1.18
C GLY C 212 12.04 16.90 -1.01
N ILE C 213 11.34 17.72 -0.24
CA ILE C 213 9.89 17.60 -0.09
C ILE C 213 9.23 18.20 -1.32
N PRO C 214 8.28 17.55 -1.97
CA PRO C 214 7.70 18.18 -3.17
C PRO C 214 7.21 19.61 -2.96
N LEU C 215 6.51 19.87 -1.87
CA LEU C 215 6.05 21.23 -1.62
C LEU C 215 7.16 22.17 -1.17
N GLY C 216 8.36 21.66 -0.89
CA GLY C 216 9.52 22.52 -0.71
C GLY C 216 9.63 23.20 0.63
N ARG C 217 8.89 22.76 1.64
CA ARG C 217 8.89 23.36 2.96
C ARG C 217 8.43 22.31 3.95
N GLY C 218 8.76 22.50 5.22
CA GLY C 218 8.12 21.76 6.27
C GLY C 218 6.68 22.16 6.45
N GLY C 219 5.93 21.29 7.10
CA GLY C 219 4.54 21.57 7.43
C GLY C 219 4.42 22.19 8.79
N THR C 220 3.21 22.64 9.10
CA THR C 220 2.96 23.24 10.40
C THR C 220 2.06 22.33 11.23
N ALA C 221 2.12 22.54 12.54
CA ALA C 221 1.26 21.81 13.45
C ALA C 221 -0.20 22.08 13.12
N GLU C 222 -0.52 23.31 12.73
CA GLU C 222 -1.89 23.66 12.38
C GLU C 222 -2.38 22.89 11.16
N GLU C 223 -1.51 22.66 10.18
CA GLU C 223 -1.90 21.84 9.03
C GLU C 223 -2.28 20.43 9.46
N VAL C 224 -1.48 19.82 10.34
CA VAL C 224 -1.84 18.48 10.80
C VAL C 224 -3.15 18.51 11.56
N ALA C 225 -3.32 19.51 12.43
CA ALA C 225 -4.55 19.63 13.21
C ALA C 225 -5.78 19.65 12.33
N ARG C 226 -5.73 20.34 11.19
CA ARG C 226 -6.90 20.41 10.32
C ARG C 226 -7.29 19.05 9.77
N ALA C 227 -6.30 18.20 9.46
CA ALA C 227 -6.60 16.87 8.94
C ALA C 227 -7.19 15.99 10.04
N ILE C 228 -6.63 16.08 11.26
CA ILE C 228 -7.19 15.36 12.40
C ILE C 228 -8.65 15.75 12.62
N LEU C 229 -8.92 17.05 12.65
CA LEU C 229 -10.27 17.53 12.90
C LEU C 229 -11.21 17.05 11.81
N TRP C 230 -10.76 17.03 10.55
CA TRP C 230 -11.64 16.57 9.48
C TRP C 230 -12.04 15.11 9.72
N LEU C 231 -11.07 14.25 10.03
CA LEU C 231 -11.36 12.84 10.25
C LEU C 231 -12.25 12.61 11.46
N ALA C 232 -12.18 13.50 12.44
CA ALA C 232 -13.06 13.41 13.61
C ALA C 232 -14.44 13.98 13.34
N SER C 233 -14.61 14.74 12.28
CA SER C 233 -15.84 15.50 12.05
C SER C 233 -16.91 14.64 11.38
N ASP C 234 -18.14 15.18 11.38
N ASP C 234 -18.14 15.16 11.38
CA ASP C 234 -19.26 14.55 10.70
CA ASP C 234 -19.25 14.50 10.72
C ASP C 234 -19.02 14.44 9.20
C ASP C 234 -19.07 14.44 9.21
N GLU C 235 -18.15 15.28 8.63
N GLU C 235 -18.19 15.27 8.64
CA GLU C 235 -17.93 15.20 7.19
CA GLU C 235 -17.93 15.18 7.22
C GLU C 235 -17.23 13.90 6.78
C GLU C 235 -17.39 13.80 6.84
N ALA C 236 -16.56 13.22 7.70
CA ALA C 236 -15.86 11.98 7.43
C ALA C 236 -16.70 10.75 7.81
N SER C 237 -18.03 10.88 7.75
CA SER C 237 -18.95 9.86 8.22
C SER C 237 -18.86 8.53 7.46
N TYR C 238 -18.28 8.50 6.28
CA TYR C 238 -18.13 7.24 5.56
C TYR C 238 -16.66 6.85 5.40
N SER C 239 -15.81 7.34 6.29
CA SER C 239 -14.39 7.02 6.26
C SER C 239 -14.01 6.35 7.57
N THR C 240 -13.58 5.10 7.49
CA THR C 240 -13.00 4.39 8.61
C THR C 240 -11.94 3.42 8.09
N GLY C 241 -10.87 3.26 8.87
CA GLY C 241 -9.76 2.45 8.43
C GLY C 241 -8.88 3.10 7.41
N THR C 242 -8.89 4.41 7.32
CA THR C 242 -8.17 5.14 6.29
CA THR C 242 -8.12 5.08 6.28
C THR C 242 -7.11 6.05 6.89
N PHE C 243 -6.27 6.55 6.00
CA PHE C 243 -5.12 7.38 6.32
C PHE C 243 -5.17 8.62 5.46
N ILE C 244 -4.74 9.74 6.01
CA ILE C 244 -4.44 10.93 5.23
C ILE C 244 -3.00 11.29 5.52
N ASP C 245 -2.17 11.33 4.47
CA ASP C 245 -0.79 11.78 4.63
C ASP C 245 -0.77 13.30 4.61
N VAL C 246 -0.06 13.90 5.55
CA VAL C 246 0.11 15.34 5.69
C VAL C 246 1.60 15.59 5.65
N SER C 247 2.16 15.46 4.45
CA SER C 247 3.61 15.33 4.29
C SER C 247 4.15 16.16 3.15
N GLY C 248 3.33 16.99 2.52
CA GLY C 248 3.83 17.78 1.40
C GLY C 248 4.31 16.97 0.22
N GLY C 249 3.84 15.73 0.11
CA GLY C 249 4.26 14.84 -0.96
C GLY C 249 5.36 13.87 -0.58
N ARG C 250 5.95 14.00 0.59
CA ARG C 250 6.96 13.04 1.07
C ARG C 250 6.30 11.70 1.38
N MET D 3 32.91 -23.73 5.14
CA MET D 3 32.53 -23.83 3.70
C MET D 3 31.03 -23.61 3.52
N ARG D 4 30.21 -24.37 4.25
CA ARG D 4 28.77 -24.17 4.18
C ARG D 4 28.42 -22.77 4.70
N ASN D 5 27.43 -22.16 4.06
CA ASN D 5 26.81 -20.98 4.65
C ASN D 5 26.00 -21.40 5.86
N VAL D 6 25.87 -20.48 6.81
CA VAL D 6 25.24 -20.73 8.11
C VAL D 6 23.98 -19.89 8.21
N MET D 7 22.87 -20.55 8.53
CA MET D 7 21.59 -19.89 8.70
C MET D 7 21.06 -20.10 10.12
N LEU D 8 20.75 -18.99 10.80
CA LEU D 8 20.04 -19.06 12.07
C LEU D 8 18.55 -18.90 11.82
N ILE D 9 17.76 -19.82 12.34
CA ILE D 9 16.31 -19.73 12.29
C ILE D 9 15.82 -19.63 13.71
N THR D 10 15.23 -18.50 14.07
CA THR D 10 14.60 -18.41 15.39
C THR D 10 13.26 -19.14 15.37
N GLY D 11 12.93 -19.78 16.49
CA GLY D 11 11.72 -20.60 16.52
C GLY D 11 11.72 -21.71 15.49
N ALA D 12 12.81 -22.48 15.44
CA ALA D 12 12.99 -23.55 14.47
C ALA D 12 12.44 -24.89 14.94
N SER D 13 11.96 -25.00 16.17
CA SER D 13 11.59 -26.31 16.71
C SER D 13 10.28 -26.86 16.15
N ARG D 14 9.40 -25.99 15.65
CA ARG D 14 8.07 -26.40 15.21
C ARG D 14 7.66 -25.55 14.02
N GLY D 15 6.60 -25.97 13.33
CA GLY D 15 5.89 -25.11 12.41
C GLY D 15 6.73 -24.64 11.24
N ILE D 16 6.54 -23.37 10.87
CA ILE D 16 7.25 -22.79 9.73
C ILE D 16 8.76 -22.82 9.94
N GLY D 17 9.21 -22.52 11.15
CA GLY D 17 10.64 -22.54 11.41
C GLY D 17 11.26 -23.91 11.20
N ALA D 18 10.58 -24.97 11.66
CA ALA D 18 11.09 -26.32 11.47
C ALA D 18 11.15 -26.67 9.99
N ALA D 19 10.11 -26.31 9.23
CA ALA D 19 10.13 -26.60 7.81
C ALA D 19 11.24 -25.83 7.11
N THR D 20 11.49 -24.60 7.56
CA THR D 20 12.56 -23.80 6.98
C THR D 20 13.92 -24.40 7.30
N ALA D 21 14.09 -24.92 8.52
CA ALA D 21 15.36 -25.54 8.89
C ALA D 21 15.62 -26.78 8.04
N LEU D 22 14.62 -27.64 7.86
CA LEU D 22 14.82 -28.85 7.07
C LEU D 22 15.13 -28.50 5.62
N LEU D 23 14.40 -27.54 5.06
CA LEU D 23 14.65 -27.16 3.67
C LEU D 23 16.02 -26.53 3.52
N ALA D 24 16.41 -25.66 4.47
CA ALA D 24 17.73 -25.05 4.39
C ALA D 24 18.83 -26.09 4.40
N ALA D 25 18.71 -27.10 5.27
CA ALA D 25 19.71 -28.17 5.29
C ALA D 25 19.73 -28.91 3.96
N GLU D 26 18.56 -29.19 3.39
N GLU D 26 18.56 -29.18 3.38
CA GLU D 26 18.53 -29.84 2.09
CA GLU D 26 18.49 -29.83 2.08
C GLU D 26 19.24 -29.01 1.03
C GLU D 26 19.13 -29.00 0.98
N ARG D 27 19.21 -27.69 1.16
CA ARG D 27 19.85 -26.80 0.19
C ARG D 27 21.29 -26.48 0.56
N GLY D 28 21.84 -27.14 1.57
CA GLY D 28 23.26 -27.06 1.84
C GLY D 28 23.68 -26.14 2.96
N TYR D 29 22.73 -25.51 3.65
CA TYR D 29 23.11 -24.67 4.77
C TYR D 29 23.40 -25.50 6.01
N ALA D 30 24.39 -25.07 6.79
CA ALA D 30 24.44 -25.43 8.20
C ALA D 30 23.38 -24.59 8.90
N VAL D 31 22.65 -25.20 9.86
N VAL D 31 22.64 -25.20 9.82
CA VAL D 31 21.45 -24.62 10.43
CA VAL D 31 21.49 -24.54 10.43
C VAL D 31 21.55 -24.49 11.95
C VAL D 31 21.67 -24.44 11.93
N VAL D 32 21.28 -23.30 12.47
CA VAL D 32 21.15 -23.09 13.90
C VAL D 32 19.66 -23.06 14.21
N LEU D 33 19.22 -24.02 15.03
CA LEU D 33 17.82 -24.19 15.39
CA LEU D 33 17.82 -24.21 15.40
C LEU D 33 17.61 -23.59 16.78
N ASN D 34 17.12 -22.37 16.82
CA ASN D 34 16.78 -21.75 18.08
C ASN D 34 15.39 -22.21 18.51
N TYR D 35 15.20 -22.37 19.82
CA TYR D 35 13.89 -22.70 20.36
C TYR D 35 13.76 -22.05 21.73
N LEU D 36 12.53 -22.01 22.24
CA LEU D 36 12.24 -21.42 23.55
C LEU D 36 12.17 -22.48 24.63
N ARG D 37 11.28 -23.46 24.45
CA ARG D 37 11.09 -24.51 25.44
C ARG D 37 11.06 -25.92 24.88
N ASN D 38 10.77 -26.13 23.60
CA ASN D 38 10.61 -27.46 23.02
C ASN D 38 11.97 -28.03 22.60
N ARG D 39 12.77 -28.35 23.62
CA ARG D 39 14.11 -28.87 23.38
C ARG D 39 14.08 -30.18 22.58
N GLU D 40 13.17 -31.09 22.94
CA GLU D 40 13.16 -32.39 22.28
C GLU D 40 12.80 -32.28 20.81
N ALA D 41 11.84 -31.42 20.47
CA ALA D 41 11.51 -31.22 19.06
C ALA D 41 12.70 -30.66 18.30
N ALA D 42 13.40 -29.68 18.88
CA ALA D 42 14.55 -29.10 18.20
C ALA D 42 15.67 -30.12 18.02
N GLU D 43 15.94 -30.92 19.06
CA GLU D 43 17.01 -31.91 18.96
C GLU D 43 16.68 -33.02 17.98
N ALA D 44 15.41 -33.41 17.90
CA ALA D 44 15.01 -34.39 16.89
C ALA D 44 15.25 -33.85 15.49
N LEU D 45 14.92 -32.59 15.25
CA LEU D 45 15.19 -31.98 13.95
CA LEU D 45 15.19 -31.98 13.95
C LEU D 45 16.69 -31.92 13.68
N ARG D 46 17.47 -31.56 14.71
N ARG D 46 17.48 -31.59 14.70
CA ARG D 46 18.92 -31.53 14.57
CA ARG D 46 18.93 -31.54 14.54
C ARG D 46 19.46 -32.88 14.14
C ARG D 46 19.44 -32.91 14.10
N GLN D 47 18.99 -33.93 14.80
N GLN D 47 18.90 -33.89 14.76
CA GLN D 47 19.51 -35.26 14.50
CA GLN D 47 19.43 -35.23 14.54
C GLN D 47 19.06 -35.74 13.13
C GLN D 47 19.08 -35.67 13.13
N ARG D 48 17.84 -35.41 12.72
CA ARG D 48 17.41 -35.71 11.36
C ARG D 48 18.33 -35.05 10.34
N ILE D 49 18.65 -33.77 10.56
CA ILE D 49 19.56 -33.07 9.65
C ILE D 49 20.92 -33.73 9.66
N GLU D 50 21.40 -34.12 10.84
CA GLU D 50 22.73 -34.69 10.96
C GLU D 50 22.81 -36.08 10.35
N ARG D 51 21.81 -36.93 10.63
CA ARG D 51 21.83 -38.26 10.05
C ARG D 51 21.78 -38.22 8.53
N GLN D 52 21.14 -37.20 7.97
N GLN D 52 21.11 -37.21 7.96
CA GLN D 52 21.05 -37.02 6.53
CA GLN D 52 21.05 -37.04 6.52
C GLN D 52 22.26 -36.31 5.95
C GLN D 52 22.29 -36.39 5.93
N GLY D 53 23.32 -36.14 6.74
CA GLY D 53 24.57 -35.60 6.25
C GLY D 53 24.81 -34.11 6.46
N GLY D 54 23.97 -33.44 7.24
CA GLY D 54 24.10 -32.01 7.43
C GLY D 54 24.80 -31.64 8.72
N GLU D 55 24.83 -30.33 8.97
CA GLU D 55 25.34 -29.79 10.22
C GLU D 55 24.27 -28.90 10.83
N ALA D 56 24.08 -29.06 12.13
CA ALA D 56 23.02 -28.32 12.82
C ALA D 56 23.42 -28.15 14.28
N LEU D 57 22.89 -27.09 14.88
CA LEU D 57 23.14 -26.78 16.29
C LEU D 57 21.82 -26.28 16.86
N ALA D 58 21.36 -26.87 17.96
CA ALA D 58 20.12 -26.44 18.61
C ALA D 58 20.48 -25.59 19.82
N VAL D 59 19.83 -24.44 19.97
CA VAL D 59 20.14 -23.52 21.06
C VAL D 59 18.86 -22.94 21.65
N ALA D 60 18.67 -23.13 22.96
CA ALA D 60 17.58 -22.51 23.69
C ALA D 60 17.88 -21.04 23.90
N ALA D 61 16.93 -20.20 23.54
CA ALA D 61 17.07 -18.77 23.83
C ALA D 61 15.74 -18.10 23.62
N ASP D 62 15.30 -17.32 24.60
CA ASP D 62 14.12 -16.47 24.47
C ASP D 62 14.55 -15.22 23.72
N VAL D 63 14.04 -15.05 22.49
CA VAL D 63 14.47 -13.93 21.67
C VAL D 63 14.10 -12.58 22.30
N ALA D 64 13.14 -12.54 23.22
CA ALA D 64 12.80 -11.29 23.88
C ALA D 64 13.86 -10.84 24.88
N GLU D 65 14.79 -11.72 25.26
CA GLU D 65 15.74 -11.46 26.34
C GLU D 65 17.10 -11.17 25.75
N GLU D 66 17.56 -9.94 25.95
N GLU D 66 17.58 -9.95 25.98
CA GLU D 66 18.85 -9.52 25.41
CA GLU D 66 18.84 -9.52 25.37
C GLU D 66 19.94 -10.51 25.76
C GLU D 66 20.00 -10.42 25.78
N GLY D 67 20.00 -10.91 27.02
CA GLY D 67 21.06 -11.81 27.46
C GLY D 67 21.00 -13.16 26.77
N ASP D 68 19.79 -13.68 26.55
CA ASP D 68 19.67 -14.93 25.80
C ASP D 68 20.10 -14.75 24.35
N VAL D 69 19.76 -13.61 23.73
CA VAL D 69 20.18 -13.35 22.35
C VAL D 69 21.69 -13.26 22.24
N GLU D 70 22.34 -12.57 23.17
N GLU D 70 22.33 -12.56 23.17
CA GLU D 70 23.79 -12.53 23.19
CA GLU D 70 23.80 -12.52 23.21
C GLU D 70 24.37 -13.94 23.25
C GLU D 70 24.37 -13.93 23.25
N ARG D 71 23.85 -14.78 24.16
CA ARG D 71 24.36 -16.14 24.29
C ARG D 71 24.08 -16.98 23.04
N LEU D 72 22.92 -16.81 22.45
CA LEU D 72 22.59 -17.52 21.22
C LEU D 72 23.62 -17.26 20.15
N PHE D 73 23.91 -15.98 19.89
CA PHE D 73 24.87 -15.67 18.84
C PHE D 73 26.28 -16.07 19.22
N ALA D 74 26.63 -16.00 20.51
CA ALA D 74 27.95 -16.46 20.93
C ALA D 74 28.10 -17.95 20.64
N SER D 75 27.02 -18.72 20.84
CA SER D 75 27.07 -20.15 20.56
C SER D 75 27.29 -20.41 19.06
N ILE D 76 26.71 -19.56 18.21
CA ILE D 76 26.96 -19.67 16.78
C ILE D 76 28.43 -19.36 16.48
N ASP D 77 28.95 -18.27 17.06
CA ASP D 77 30.36 -17.93 16.89
C ASP D 77 31.24 -19.12 17.24
N GLU D 78 30.93 -19.82 18.33
N GLU D 78 31.00 -19.76 18.38
CA GLU D 78 31.80 -20.89 18.81
CA GLU D 78 31.81 -20.90 18.79
C GLU D 78 31.73 -22.14 17.93
C GLU D 78 31.75 -22.01 17.74
N ARG D 79 30.53 -22.49 17.46
CA ARG D 79 30.38 -23.70 16.66
C ARG D 79 30.78 -23.49 15.21
N PHE D 80 30.38 -22.36 14.61
CA PHE D 80 30.56 -22.14 13.18
C PHE D 80 31.50 -21.00 12.83
N GLY D 81 31.67 -20.00 13.70
CA GLY D 81 32.58 -18.92 13.41
C GLY D 81 32.16 -17.99 12.30
N ARG D 82 30.90 -18.06 11.86
CA ARG D 82 30.40 -17.24 10.77
C ARG D 82 28.88 -17.28 10.83
N LEU D 83 28.26 -16.33 10.14
CA LEU D 83 26.81 -16.29 9.95
C LEU D 83 26.55 -15.69 8.59
N ASP D 84 25.57 -16.24 7.87
CA ASP D 84 25.22 -15.75 6.56
C ASP D 84 23.79 -15.30 6.41
N VAL D 85 22.85 -15.96 7.09
CA VAL D 85 21.43 -15.66 6.99
C VAL D 85 20.81 -15.71 8.37
N LEU D 86 19.96 -14.72 8.68
CA LEU D 86 19.04 -14.78 9.80
C LEU D 86 17.61 -14.87 9.29
N VAL D 87 16.86 -15.85 9.79
CA VAL D 87 15.42 -15.92 9.59
C VAL D 87 14.77 -15.62 10.93
N ASN D 88 14.14 -14.45 11.03
CA ASN D 88 13.43 -14.01 12.23
C ASN D 88 12.02 -14.61 12.19
N ASN D 89 11.92 -15.87 12.59
CA ASN D 89 10.67 -16.61 12.51
C ASN D 89 9.93 -16.71 13.84
N ALA D 90 10.63 -16.68 14.97
CA ALA D 90 9.96 -16.83 16.25
C ALA D 90 8.84 -15.81 16.39
N GLY D 91 7.67 -16.28 16.81
CA GLY D 91 6.52 -15.42 16.95
C GLY D 91 5.47 -16.14 17.77
N MET D 92 4.51 -15.37 18.24
CA MET D 92 3.51 -15.90 19.15
CA MET D 92 3.47 -15.95 19.07
C MET D 92 2.31 -14.98 19.18
N LEU D 93 1.18 -15.51 19.63
CA LEU D 93 -0.01 -14.71 19.85
C LEU D 93 -0.74 -15.29 21.06
N GLU D 94 -1.67 -14.51 21.59
CA GLU D 94 -2.46 -14.89 22.77
C GLU D 94 -3.94 -15.03 22.37
N ALA D 95 -4.76 -15.37 23.35
CA ALA D 95 -6.13 -15.79 23.07
C ALA D 95 -6.89 -14.73 22.28
N GLN D 96 -7.69 -15.18 21.34
CA GLN D 96 -8.50 -14.24 20.57
C GLN D 96 -9.32 -13.36 21.49
N THR D 97 -9.37 -12.07 21.20
N THR D 97 -9.39 -12.08 21.14
CA THR D 97 -10.17 -11.15 22.01
CA THR D 97 -9.92 -11.02 21.99
C THR D 97 -10.16 -9.80 21.32
C THR D 97 -10.30 -9.83 21.13
N ARG D 98 -11.13 -8.97 21.71
CA ARG D 98 -11.26 -7.62 21.19
CA ARG D 98 -11.32 -7.61 21.23
C ARG D 98 -10.29 -6.69 21.89
N LEU D 99 -9.96 -5.59 21.20
CA LEU D 99 -8.96 -4.65 21.71
C LEU D 99 -9.36 -4.11 23.08
N GLU D 100 -10.65 -3.93 23.34
CA GLU D 100 -11.05 -3.41 24.63
C GLU D 100 -10.68 -4.32 25.80
N ASN D 101 -10.26 -5.55 25.54
N ASN D 101 -10.27 -5.56 25.53
CA ASN D 101 -9.84 -6.47 26.61
CA ASN D 101 -9.85 -6.50 26.56
C ASN D 101 -8.34 -6.71 26.64
C ASN D 101 -8.36 -6.86 26.47
N ILE D 102 -7.57 -6.04 25.81
CA ILE D 102 -6.11 -6.22 25.74
C ILE D 102 -5.48 -5.24 26.72
N ASP D 103 -4.70 -5.76 27.68
CA ASP D 103 -4.05 -4.92 28.68
C ASP D 103 -2.57 -4.73 28.37
N ALA D 104 -1.94 -3.88 29.18
CA ALA D 104 -0.56 -3.51 28.92
C ALA D 104 0.36 -4.71 29.03
N ALA D 105 0.10 -5.61 29.99
CA ALA D 105 0.96 -6.78 30.16
C ALA D 105 0.94 -7.65 28.92
N ARG D 106 -0.24 -7.85 28.33
CA ARG D 106 -0.34 -8.62 27.11
C ARG D 106 0.43 -7.94 25.97
N LEU D 107 0.23 -6.63 25.79
CA LEU D 107 0.96 -5.90 24.75
C LEU D 107 2.46 -6.07 24.92
N HIS D 108 2.94 -5.99 26.15
CA HIS D 108 4.37 -6.14 26.36
CA HIS D 108 4.37 -6.14 26.39
C HIS D 108 4.85 -7.52 25.96
N ARG D 109 4.12 -8.57 26.34
CA ARG D 109 4.56 -9.91 25.99
C ARG D 109 4.59 -10.11 24.48
N VAL D 110 3.52 -9.68 23.80
CA VAL D 110 3.37 -9.89 22.36
C VAL D 110 4.41 -9.09 21.59
N PHE D 111 4.64 -7.84 21.99
CA PHE D 111 5.69 -7.08 21.31
CA PHE D 111 5.68 -7.05 21.34
C PHE D 111 7.08 -7.58 21.66
N ALA D 112 7.30 -8.08 22.88
CA ALA D 112 8.62 -8.56 23.25
C ALA D 112 9.07 -9.70 22.35
N THR D 113 8.21 -10.70 22.15
CA THR D 113 8.62 -11.83 21.33
C THR D 113 8.66 -11.44 19.84
N ASN D 114 7.57 -10.85 19.35
CA ASN D 114 7.42 -10.68 17.91
C ASN D 114 8.26 -9.52 17.36
N VAL D 115 8.38 -8.44 18.14
CA VAL D 115 9.04 -7.23 17.65
C VAL D 115 10.43 -7.10 18.25
N THR D 116 10.52 -6.98 19.57
CA THR D 116 11.83 -6.82 20.18
C THR D 116 12.75 -7.97 19.81
N GLY D 117 12.25 -9.21 19.85
CA GLY D 117 13.10 -10.34 19.51
C GLY D 117 13.67 -10.23 18.11
N SER D 118 12.85 -9.79 17.15
CA SER D 118 13.32 -9.64 15.78
C SER D 118 14.34 -8.51 15.65
N PHE D 119 14.13 -7.40 16.36
CA PHE D 119 15.12 -6.34 16.39
C PHE D 119 16.43 -6.83 16.98
N LEU D 120 16.37 -7.53 18.13
CA LEU D 120 17.59 -7.90 18.83
C LEU D 120 18.40 -8.90 18.00
N CYS D 121 17.73 -9.84 17.35
CA CYS D 121 18.45 -10.79 16.51
C CYS D 121 18.97 -10.12 15.25
N ALA D 122 18.18 -9.23 14.64
CA ALA D 122 18.69 -8.48 13.51
C ALA D 122 19.95 -7.69 13.89
N ARG D 123 19.96 -7.10 15.08
CA ARG D 123 21.12 -6.33 15.55
C ARG D 123 22.36 -7.20 15.61
N GLU D 124 22.26 -8.37 16.23
CA GLU D 124 23.40 -9.27 16.32
CA GLU D 124 23.41 -9.26 16.32
C GLU D 124 23.80 -9.79 14.95
N ALA D 125 22.84 -9.95 14.04
CA ALA D 125 23.18 -10.37 12.69
C ALA D 125 23.92 -9.27 11.95
N VAL D 126 23.46 -8.02 12.06
CA VAL D 126 24.16 -6.92 11.40
C VAL D 126 25.61 -6.86 11.87
N LYS D 127 25.83 -7.07 13.17
N LYS D 127 25.83 -7.04 13.18
CA LYS D 127 27.18 -6.97 13.72
CA LYS D 127 27.19 -6.95 13.69
C LYS D 127 28.12 -8.04 13.18
C LYS D 127 28.12 -7.97 13.02
N ARG D 128 27.59 -9.12 12.61
CA ARG D 128 28.39 -10.18 12.03
C ARG D 128 28.39 -10.21 10.52
N LEU D 129 27.27 -9.84 9.88
N LEU D 129 27.28 -9.83 9.88
CA LEU D 129 27.20 -9.87 8.43
CA LEU D 129 27.19 -9.86 8.43
C LEU D 129 27.80 -8.63 7.77
C LEU D 129 27.80 -8.63 7.77
N SER D 130 27.72 -7.48 8.43
CA SER D 130 28.08 -6.22 7.77
C SER D 130 29.53 -6.22 7.27
N THR D 131 29.71 -5.70 6.05
CA THR D 131 31.06 -5.51 5.54
C THR D 131 31.83 -4.44 6.32
N ARG D 132 31.15 -3.58 7.08
N ARG D 132 31.14 -3.58 7.08
CA ARG D 132 31.85 -2.62 7.91
CA ARG D 132 31.85 -2.62 7.91
C ARG D 132 32.50 -3.28 9.13
C ARG D 132 32.46 -3.25 9.15
N HIS D 133 32.02 -4.45 9.52
CA HIS D 133 32.51 -5.15 10.70
C HIS D 133 33.26 -6.42 10.30
N GLY D 134 33.83 -6.41 9.09
CA GLY D 134 34.63 -7.52 8.61
C GLY D 134 33.85 -8.68 8.05
N GLY D 135 32.53 -8.53 7.86
CA GLY D 135 31.72 -9.62 7.36
C GLY D 135 31.71 -9.67 5.84
N ARG D 136 31.05 -10.71 5.34
CA ARG D 136 30.90 -10.96 3.92
C ARG D 136 29.55 -10.53 3.37
N GLY D 137 28.70 -9.89 4.19
CA GLY D 137 27.34 -9.62 3.79
C GLY D 137 26.46 -10.84 4.01
N GLY D 138 25.19 -10.70 3.65
CA GLY D 138 24.26 -11.79 3.77
C GLY D 138 22.84 -11.27 3.70
N SER D 139 21.93 -11.98 4.36
CA SER D 139 20.55 -11.54 4.29
C SER D 139 19.81 -11.88 5.56
N ILE D 140 18.75 -11.12 5.76
CA ILE D 140 17.81 -11.28 6.86
C ILE D 140 16.44 -11.44 6.22
N VAL D 141 15.68 -12.43 6.68
CA VAL D 141 14.28 -12.59 6.28
C VAL D 141 13.45 -12.53 7.54
N ASN D 142 12.58 -11.54 7.64
CA ASN D 142 11.64 -11.45 8.75
C ASN D 142 10.36 -12.18 8.38
N VAL D 143 9.71 -12.76 9.38
CA VAL D 143 8.42 -13.40 9.15
C VAL D 143 7.36 -12.47 9.74
N SER D 144 6.59 -11.88 8.84
CA SER D 144 5.50 -10.99 9.20
C SER D 144 4.21 -11.80 9.20
N SER D 145 3.11 -11.25 8.70
CA SER D 145 1.83 -11.94 8.66
C SER D 145 0.90 -11.10 7.81
N MET D 146 -0.06 -11.74 7.13
CA MET D 146 -1.13 -10.99 6.51
C MET D 146 -1.90 -10.16 7.53
N ALA D 147 -1.81 -10.52 8.81
CA ALA D 147 -2.43 -9.70 9.84
C ALA D 147 -1.96 -8.25 9.81
N SER D 148 -0.74 -7.98 9.35
CA SER D 148 -0.30 -6.58 9.31
C SER D 148 -1.18 -5.75 8.39
N ARG D 149 -1.74 -6.38 7.36
CA ARG D 149 -2.57 -5.71 6.37
C ARG D 149 -4.06 -5.83 6.69
N LEU D 150 -4.48 -6.93 7.29
CA LEU D 150 -5.89 -7.17 7.57
C LEU D 150 -6.30 -6.70 8.95
N GLY D 151 -5.38 -6.65 9.91
CA GLY D 151 -5.63 -6.03 11.20
C GLY D 151 -6.12 -6.95 12.30
N SER D 152 -6.43 -8.21 11.98
N SER D 152 -6.47 -8.19 11.96
CA SER D 152 -6.90 -9.18 12.95
CA SER D 152 -6.90 -9.18 12.93
C SER D 152 -8.07 -8.71 13.84
C SER D 152 -8.04 -8.68 13.85
N PRO D 153 -9.08 -8.07 13.26
CA PRO D 153 -10.20 -7.62 14.08
C PRO D 153 -10.89 -8.79 14.75
N ASN D 154 -11.31 -8.59 15.99
CA ASN D 154 -12.00 -9.58 16.81
CA ASN D 154 -12.00 -9.59 16.79
C ASN D 154 -11.11 -10.78 17.14
N GLU D 155 -9.82 -10.71 16.85
CA GLU D 155 -8.90 -11.80 17.12
C GLU D 155 -7.70 -11.32 17.92
N TYR D 156 -6.86 -10.48 17.36
CA TYR D 156 -5.65 -10.08 18.06
CA TYR D 156 -5.65 -10.08 18.07
C TYR D 156 -5.02 -8.86 17.40
N ILE D 157 -5.66 -7.71 17.54
CA ILE D 157 -5.11 -6.49 16.95
C ILE D 157 -3.72 -6.19 17.49
N ASP D 158 -3.42 -6.64 18.72
CA ASP D 158 -2.07 -6.52 19.26
C ASP D 158 -1.04 -7.23 18.38
N TYR D 159 -1.33 -8.46 18.00
CA TYR D 159 -0.43 -9.22 17.12
C TYR D 159 -0.36 -8.60 15.73
N ALA D 160 -1.49 -8.13 15.20
CA ALA D 160 -1.47 -7.45 13.91
C ALA D 160 -0.56 -6.25 13.95
N ALA D 161 -0.64 -5.48 15.03
CA ALA D 161 0.24 -4.33 15.22
C ALA D 161 1.70 -4.75 15.30
N ALA D 162 2.00 -5.80 16.04
CA ALA D 162 3.38 -6.29 16.08
C ALA D 162 3.89 -6.62 14.68
N LYS D 163 3.06 -7.22 13.84
CA LYS D 163 3.49 -7.56 12.48
C LYS D 163 3.59 -6.32 11.59
N GLY D 164 2.75 -5.31 11.81
CA GLY D 164 2.95 -4.04 11.12
C GLY D 164 4.28 -3.39 11.48
N ALA D 165 4.69 -3.54 12.75
CA ALA D 165 6.00 -3.06 13.15
C ALA D 165 7.10 -3.80 12.40
N ILE D 166 6.95 -5.11 12.22
CA ILE D 166 7.91 -5.88 11.43
C ILE D 166 7.99 -5.37 10.01
N ASP D 167 6.86 -5.06 9.39
CA ASP D 167 6.90 -4.58 8.01
C ASP D 167 7.73 -3.30 7.92
N SER D 168 7.49 -2.35 8.83
CA SER D 168 8.24 -1.10 8.80
C SER D 168 9.71 -1.32 9.13
N MET D 169 10.03 -2.21 10.08
CA MET D 169 11.43 -2.50 10.36
C MET D 169 12.12 -3.12 9.14
N THR D 170 11.38 -3.95 8.39
CA THR D 170 11.96 -4.55 7.19
C THR D 170 12.39 -3.48 6.20
N ILE D 171 11.52 -2.50 5.96
N ILE D 171 11.50 -2.51 5.94
CA ILE D 171 11.82 -1.44 5.02
CA ILE D 171 11.80 -1.42 5.03
C ILE D 171 12.96 -0.57 5.53
C ILE D 171 12.97 -0.60 5.53
N GLY D 172 12.89 -0.15 6.79
CA GLY D 172 13.92 0.73 7.30
C GLY D 172 15.27 0.06 7.39
N LEU D 173 15.32 -1.19 7.90
CA LEU D 173 16.61 -1.85 8.00
C LEU D 173 17.17 -2.14 6.62
N ALA D 174 16.32 -2.54 5.66
CA ALA D 174 16.81 -2.75 4.30
C ALA D 174 17.52 -1.51 3.79
N ARG D 175 16.91 -0.34 3.98
CA ARG D 175 17.53 0.89 3.49
CA ARG D 175 17.53 0.89 3.50
C ARG D 175 18.78 1.23 4.29
N GLU D 176 18.79 0.95 5.58
CA GLU D 176 19.92 1.30 6.44
C GLU D 176 21.17 0.49 6.16
N VAL D 177 21.05 -0.81 5.89
CA VAL D 177 22.21 -1.68 5.79
C VAL D 177 22.47 -2.18 4.37
N ALA D 178 21.75 -1.66 3.38
CA ALA D 178 22.00 -2.05 1.99
C ALA D 178 23.47 -1.83 1.61
N ALA D 179 24.06 -0.71 2.03
CA ALA D 179 25.42 -0.42 1.62
C ALA D 179 26.46 -1.26 2.34
N GLU D 180 26.04 -2.05 3.36
N GLU D 180 26.09 -2.04 3.35
CA GLU D 180 26.90 -2.94 4.12
CA GLU D 180 27.06 -2.93 4.00
C GLU D 180 26.79 -4.38 3.68
C GLU D 180 26.79 -4.39 3.68
N GLY D 181 26.15 -4.63 2.54
CA GLY D 181 26.08 -5.96 2.00
C GLY D 181 24.99 -6.85 2.52
N ILE D 182 23.99 -6.28 3.19
CA ILE D 182 22.93 -7.07 3.83
C ILE D 182 21.60 -6.71 3.16
N ARG D 183 20.92 -7.72 2.63
CA ARG D 183 19.56 -7.55 2.14
C ARG D 183 18.58 -7.94 3.26
N VAL D 184 17.45 -7.25 3.31
CA VAL D 184 16.45 -7.48 4.36
C VAL D 184 15.09 -7.52 3.68
N ASN D 185 14.37 -8.63 3.83
CA ASN D 185 13.06 -8.80 3.21
C ASN D 185 12.17 -9.52 4.22
N ALA D 186 10.90 -9.71 3.85
CA ALA D 186 9.98 -10.41 4.73
C ALA D 186 9.01 -11.26 3.94
N VAL D 187 8.48 -12.27 4.61
N VAL D 187 8.46 -12.26 4.61
CA VAL D 187 7.36 -13.03 4.09
CA VAL D 187 7.36 -13.07 4.09
C VAL D 187 6.13 -12.69 4.92
C VAL D 187 6.13 -12.81 4.94
N ARG D 188 4.96 -12.68 4.29
CA ARG D 188 3.70 -12.50 4.99
C ARG D 188 2.88 -13.76 4.75
N PRO D 189 2.95 -14.75 5.62
CA PRO D 189 2.05 -15.90 5.49
C PRO D 189 0.62 -15.53 5.81
N GLY D 190 -0.30 -16.26 5.20
CA GLY D 190 -1.72 -16.17 5.46
C GLY D 190 -2.12 -17.22 6.46
N LEU D 191 -3.01 -18.12 6.10
CA LEU D 191 -3.51 -19.16 7.00
C LEU D 191 -2.69 -20.42 6.75
N ILE D 192 -1.70 -20.69 7.60
CA ILE D 192 -0.78 -21.81 7.44
C ILE D 192 -1.08 -22.84 8.52
N ASP D 193 -1.04 -24.11 8.14
CA ASP D 193 -1.40 -25.20 9.05
C ASP D 193 -0.27 -25.48 10.04
N THR D 194 -0.30 -24.78 11.18
CA THR D 194 0.60 -25.00 12.28
C THR D 194 -0.23 -24.96 13.56
N GLU D 195 0.44 -25.13 14.70
CA GLU D 195 -0.22 -25.08 16.00
C GLU D 195 -0.56 -23.67 16.45
N ILE D 196 -0.17 -22.63 15.72
CA ILE D 196 -0.36 -21.29 16.26
C ILE D 196 -1.85 -20.97 16.43
N HIS D 197 -2.70 -21.47 15.55
CA HIS D 197 -4.13 -21.11 15.66
C HIS D 197 -4.74 -21.67 16.93
N ALA D 198 -4.40 -22.91 17.26
CA ALA D 198 -4.80 -23.47 18.53
C ALA D 198 -4.26 -22.66 19.70
N SER D 199 -3.05 -22.11 19.57
CA SER D 199 -2.48 -21.33 20.66
C SER D 199 -3.30 -20.07 20.93
N GLY D 200 -4.05 -19.57 19.94
CA GLY D 200 -4.95 -18.46 20.15
C GLY D 200 -6.35 -18.88 20.56
N GLY D 201 -6.56 -20.17 20.80
CA GLY D 201 -7.81 -20.70 21.25
C GLY D 201 -8.71 -21.29 20.19
N GLU D 202 -8.25 -21.39 18.95
CA GLU D 202 -9.10 -21.81 17.83
C GLU D 202 -8.42 -22.85 16.96
N PRO D 203 -8.42 -24.11 17.39
CA PRO D 203 -7.78 -25.15 16.58
C PRO D 203 -8.37 -25.28 15.20
N GLY D 204 -9.65 -24.95 15.02
CA GLY D 204 -10.31 -25.09 13.74
C GLY D 204 -10.32 -23.86 12.86
N ARG D 205 -9.41 -22.92 13.13
CA ARG D 205 -9.45 -21.63 12.43
C ARG D 205 -9.35 -21.78 10.91
N ILE D 206 -8.45 -22.62 10.42
CA ILE D 206 -8.30 -22.74 8.96
C ILE D 206 -9.57 -23.31 8.35
N GLU D 207 -10.13 -24.35 8.96
N GLU D 207 -10.14 -24.34 8.98
CA GLU D 207 -11.38 -24.92 8.44
CA GLU D 207 -11.38 -24.92 8.45
C GLU D 207 -12.50 -23.88 8.41
C GLU D 207 -12.50 -23.89 8.42
N ARG D 208 -12.58 -23.02 9.43
CA ARG D 208 -13.59 -21.98 9.42
C ARG D 208 -13.39 -21.00 8.27
N LEU D 209 -12.15 -20.65 7.97
CA LEU D 209 -11.88 -19.56 7.05
C LEU D 209 -11.53 -20.00 5.63
N LYS D 210 -11.30 -21.30 5.39
CA LYS D 210 -10.72 -21.66 4.09
C LYS D 210 -11.67 -21.36 2.92
N GLY D 211 -12.99 -21.38 3.13
CA GLY D 211 -13.90 -21.08 2.03
C GLY D 211 -13.77 -19.66 1.52
N GLY D 212 -13.19 -18.77 2.31
CA GLY D 212 -12.93 -17.40 1.91
C GLY D 212 -11.57 -17.15 1.30
N ILE D 213 -10.66 -18.12 1.38
CA ILE D 213 -9.33 -17.98 0.78
C ILE D 213 -9.45 -18.18 -0.73
N PRO D 214 -8.94 -17.28 -1.56
CA PRO D 214 -9.07 -17.51 -3.02
C PRO D 214 -8.66 -18.90 -3.50
N LEU D 215 -7.52 -19.42 -3.03
CA LEU D 215 -7.07 -20.74 -3.44
C LEU D 215 -7.82 -21.87 -2.74
N GLY D 216 -8.69 -21.57 -1.79
CA GLY D 216 -9.61 -22.56 -1.25
C GLY D 216 -9.05 -23.53 -0.24
N ARG D 217 -7.85 -23.28 0.29
CA ARG D 217 -7.23 -24.18 1.25
C ARG D 217 -6.25 -23.36 2.08
N GLY D 218 -5.92 -23.89 3.23
CA GLY D 218 -4.79 -23.38 3.99
C GLY D 218 -3.48 -23.68 3.29
N GLY D 219 -2.45 -22.96 3.69
CA GLY D 219 -1.10 -23.19 3.21
C GLY D 219 -0.33 -24.11 4.11
N THR D 220 0.81 -24.56 3.62
CA THR D 220 1.67 -25.43 4.42
C THR D 220 2.92 -24.69 4.87
N ALA D 221 3.51 -25.20 5.95
CA ALA D 221 4.77 -24.66 6.44
C ALA D 221 5.86 -24.75 5.38
N GLU D 222 5.83 -25.82 4.59
N GLU D 222 5.84 -25.81 4.58
CA GLU D 222 6.80 -25.99 3.51
CA GLU D 222 6.83 -25.97 3.51
C GLU D 222 6.67 -24.91 2.46
C GLU D 222 6.67 -24.91 2.44
N GLU D 223 5.43 -24.51 2.14
CA GLU D 223 5.25 -23.42 1.18
C GLU D 223 5.88 -22.12 1.69
N VAL D 224 5.72 -21.82 2.99
CA VAL D 224 6.35 -20.62 3.52
C VAL D 224 7.87 -20.74 3.48
N ALA D 225 8.40 -21.91 3.88
CA ALA D 225 9.84 -22.13 3.86
C ALA D 225 10.43 -21.84 2.50
N ARG D 226 9.75 -22.24 1.42
N ARG D 226 9.75 -22.22 1.42
CA ARG D 226 10.31 -22.02 0.09
CA ARG D 226 10.32 -22.01 0.09
C ARG D 226 10.47 -20.53 -0.20
C ARG D 226 10.45 -20.53 -0.24
N ALA D 227 9.49 -19.71 0.20
CA ALA D 227 9.60 -18.27 -0.02
C ALA D 227 10.73 -17.66 0.81
N ILE D 228 10.85 -18.10 2.05
CA ILE D 228 11.94 -17.63 2.90
C ILE D 228 13.28 -17.96 2.28
N LEU D 229 13.44 -19.21 1.85
CA LEU D 229 14.71 -19.60 1.26
C LEU D 229 15.02 -18.83 -0.01
N TRP D 230 14.01 -18.56 -0.83
CA TRP D 230 14.28 -17.80 -2.05
C TRP D 230 14.81 -16.41 -1.72
N LEU D 231 14.17 -15.72 -0.77
CA LEU D 231 14.60 -14.38 -0.41
C LEU D 231 15.98 -14.39 0.22
N ALA D 232 16.36 -15.48 0.89
CA ALA D 232 17.69 -15.59 1.46
C ALA D 232 18.74 -15.95 0.42
N SER D 233 18.32 -16.40 -0.73
CA SER D 233 19.23 -16.94 -1.74
C SER D 233 19.80 -15.83 -2.62
N ASP D 234 20.87 -16.17 -3.33
CA ASP D 234 21.46 -15.25 -4.28
C ASP D 234 20.56 -14.98 -5.49
N GLU D 235 19.53 -15.78 -5.71
N GLU D 235 19.51 -15.79 -5.69
CA GLU D 235 18.61 -15.43 -6.79
CA GLU D 235 18.54 -15.51 -6.73
C GLU D 235 17.90 -14.12 -6.52
C GLU D 235 17.74 -14.24 -6.48
N ALA D 236 17.74 -13.76 -5.23
CA ALA D 236 17.05 -12.53 -4.84
C ALA D 236 18.02 -11.37 -4.65
N SER D 237 19.12 -11.38 -5.42
CA SER D 237 20.21 -10.44 -5.23
C SER D 237 19.85 -8.98 -5.51
N TYR D 238 18.75 -8.70 -6.19
CA TYR D 238 18.32 -7.32 -6.40
C TYR D 238 17.02 -7.02 -5.66
N SER D 239 16.70 -7.79 -4.63
CA SER D 239 15.49 -7.58 -3.85
C SER D 239 15.88 -7.28 -2.41
N THR D 240 15.52 -6.09 -1.95
CA THR D 240 15.69 -5.73 -0.55
C THR D 240 14.58 -4.73 -0.22
N GLY D 241 14.05 -4.84 0.99
CA GLY D 241 12.90 -4.04 1.35
C GLY D 241 11.62 -4.50 0.70
N THR D 242 11.48 -5.77 0.37
N THR D 242 11.50 -5.78 0.37
CA THR D 242 10.24 -6.25 -0.22
CA THR D 242 10.30 -6.29 -0.29
C THR D 242 9.72 -7.46 0.52
C THR D 242 9.64 -7.35 0.59
N PHE D 243 8.55 -7.91 0.06
CA PHE D 243 7.74 -8.89 0.75
C PHE D 243 7.28 -9.95 -0.23
N ILE D 244 7.23 -11.20 0.20
CA ILE D 244 6.48 -12.23 -0.52
C ILE D 244 5.28 -12.62 0.34
N ASP D 245 4.09 -12.40 -0.18
CA ASP D 245 2.86 -12.81 0.50
CA ASP D 245 2.89 -12.83 0.51
C ASP D 245 2.61 -14.27 0.15
N VAL D 246 2.46 -15.10 1.17
CA VAL D 246 2.24 -16.54 1.03
C VAL D 246 0.91 -16.85 1.68
N SER D 247 -0.16 -16.47 0.99
CA SER D 247 -1.47 -16.38 1.63
C SER D 247 -2.59 -16.92 0.75
N GLY D 248 -2.30 -17.52 -0.38
CA GLY D 248 -3.37 -18.05 -1.21
C GLY D 248 -4.33 -17.03 -1.74
N GLY D 249 -3.90 -15.78 -1.81
CA GLY D 249 -4.74 -14.70 -2.27
C GLY D 249 -5.41 -13.90 -1.18
N ARG D 250 -5.30 -14.33 0.07
CA ARG D 250 -5.85 -13.62 1.22
C ARG D 250 -5.04 -12.35 1.48
O1 TLA E . -16.53 -1.95 -5.61
O1 TLA E . -16.37 -2.07 -5.55
O11 TLA E . -16.52 -0.49 -3.92
O11 TLA E . -16.08 -0.57 -3.94
C1 TLA E . -16.65 -0.79 -5.12
C1 TLA E . -16.14 -0.91 -5.14
C2 TLA E . -17.01 0.36 -6.07
C2 TLA E . -15.96 0.21 -6.19
O2 TLA E . -18.38 0.69 -5.98
O2 TLA E . -15.69 1.46 -5.58
C3 TLA E . -16.66 -0.02 -7.52
C3 TLA E . -17.22 0.29 -7.07
O3 TLA E . -17.41 -1.16 -7.92
O3 TLA E . -18.38 0.38 -6.27
C4 TLA E . -16.93 1.15 -8.47
C4 TLA E . -17.16 1.46 -8.06
O4 TLA E . -16.19 2.16 -8.37
O4 TLA E . -16.04 1.85 -8.41
O41 TLA E . -17.87 1.02 -9.27
O41 TLA E . -18.26 1.90 -8.48
H2 TLA E . -16.46 1.13 -5.82
H2 TLA E . -15.20 -0.01 -6.78
HA TLA E . -18.52 1.39 -6.45
HA TLA E . -15.00 1.37 -5.10
H3 TLA E . -15.70 -0.24 -7.53
H3 TLA E . -17.23 -0.55 -7.60
HB TLA E . -18.24 -0.96 -7.90
HB TLA E . -19.06 0.42 -6.77
PA NAP F . -22.82 8.14 -12.57
PA NAP F . -22.71 8.44 -12.54
O1A NAP F . -24.05 8.37 -11.77
O1A NAP F . -23.81 8.66 -11.55
O2A NAP F . -22.82 7.13 -13.65
O2A NAP F . -22.90 7.45 -13.64
O5B NAP F . -22.34 9.56 -13.16
O5B NAP F . -22.31 9.84 -13.17
C5B NAP F . -21.29 9.58 -14.15
C5B NAP F . -21.24 9.82 -14.13
C4B NAP F . -21.03 11.01 -14.58
C4B NAP F . -21.05 11.23 -14.61
O4B NAP F . -19.88 11.00 -15.47
O4B NAP F . -19.93 11.27 -15.52
C3B NAP F . -22.18 11.68 -15.32
C3B NAP F . -22.25 11.82 -15.36
O3B NAP F . -22.28 13.06 -14.95
O3B NAP F . -22.33 13.21 -15.07
C2B NAP F . -21.76 11.55 -16.77
C2B NAP F . -21.89 11.54 -16.81
O2B NAP F . -22.24 12.61 -17.59
O2B NAP F . -22.48 12.41 -17.76
C1B NAP F . -20.24 11.67 -16.66
C1B NAP F . -20.38 11.79 -16.76
N9A NAP F . -19.51 11.10 -17.77
N9A NAP F . -19.61 11.19 -17.82
C8A NAP F . -19.36 9.79 -18.12
C8A NAP F . -19.49 9.86 -18.15
N7A NAP F . -18.62 9.64 -19.18
N7A NAP F . -18.70 9.68 -19.19
C5A NAP F . -18.25 10.92 -19.55
C5A NAP F . -18.29 10.95 -19.55
C6A NAP F . -17.47 11.43 -20.60
C6A NAP F . -17.46 11.43 -20.58
N6A NAP F . -16.89 10.68 -21.52
N6A NAP F . -16.85 10.65 -21.46
N1A NAP F . -17.32 12.77 -20.67
N1A NAP F . -17.27 12.77 -20.66
C2A NAP F . -17.91 13.54 -19.74
C2A NAP F . -17.88 13.55 -19.76
N3A NAP F . -18.67 13.17 -18.71
N3A NAP F . -18.68 13.23 -18.76
C4A NAP F . -18.80 11.84 -18.68
C4A NAP F . -18.84 11.90 -18.71
O3 NAP F . -21.64 7.70 -11.61
O3 NAP F . -21.35 8.10 -11.75
PN NAP F . -20.90 8.25 -10.32
PN NAP F . -20.93 8.18 -10.22
O1N NAP F . -21.43 9.57 -9.90
O1N NAP F . -21.36 9.47 -9.60
O2N NAP F . -20.93 7.11 -9.37
O2N NAP F . -21.35 6.92 -9.56
O5D NAP F . -19.43 8.44 -10.93
O5D NAP F . -19.33 8.17 -10.31
C5D NAP F . -18.59 9.55 -10.53
C5D NAP F . -18.56 9.40 -10.43
C4D NAP F . -17.19 9.05 -10.30
C4D NAP F . -17.12 9.00 -10.34
O4D NAP F . -17.17 8.22 -9.12
O4D NAP F . -16.92 8.28 -9.11
C3D NAP F . -16.62 8.18 -11.42
C3D NAP F . -16.65 8.07 -11.46
O3D NAP F . -15.24 8.43 -11.65
O3D NAP F . -15.29 8.32 -11.81
C2D NAP F . -16.72 6.75 -10.85
C2D NAP F . -16.73 6.68 -10.82
O2D NAP F . -15.78 5.89 -11.46
O2D NAP F . -15.83 5.77 -11.42
C1D NAP F . -16.41 7.03 -9.40
C1D NAP F . -16.32 7.01 -9.38
N1N NAP F . -16.81 6.01 -8.43
N1N NAP F . -16.76 6.03 -8.37
C2N NAP F . -18.11 5.73 -8.16
C2N NAP F . -18.09 5.81 -8.11
C3N NAP F . -18.44 4.84 -7.16
C3N NAP F . -18.45 4.89 -7.13
C7N NAP F . -19.86 4.51 -6.78
C7N NAP F . -19.88 4.59 -6.77
O7N NAP F . -20.06 3.55 -6.03
O7N NAP F . -20.12 3.65 -6.01
N7N NAP F . -20.84 5.29 -7.21
N7N NAP F . -20.83 5.38 -7.24
C4N NAP F . -17.42 4.18 -6.48
C4N NAP F . -17.46 4.17 -6.47
C5N NAP F . -16.12 4.49 -6.76
C5N NAP F . -16.14 4.42 -6.75
C6N NAP F . -15.82 5.39 -7.74
C6N NAP F . -15.81 5.36 -7.69
P2B NAP F . -23.54 12.37 -18.49
P2B NAP F . -24.02 12.18 -18.26
O1X NAP F . -24.03 13.77 -18.77
O1X NAP F . -24.15 10.73 -18.69
O2X NAP F . -23.10 11.64 -19.74
O2X NAP F . -24.94 12.54 -17.13
O3X NAP F . -24.55 11.57 -17.68
O3X NAP F . -24.14 13.13 -19.46
H51A NAP F . -20.46 9.19 -13.77
H51A NAP F . -20.41 9.47 -13.73
H52A NAP F . -21.56 9.04 -14.94
H52A NAP F . -21.49 9.24 -14.90
H4B NAP F . -20.81 11.56 -13.80
H4B NAP F . -20.83 11.81 -13.85
H3B NAP F . -23.03 11.20 -15.17
H3B NAP F . -23.10 11.36 -15.15
HO3A NAP F . -22.45 13.09 -14.11
HO3A NAP F . -22.47 13.31 -14.23
H2B NAP F . -22.06 10.68 -17.12
H2B NAP F . -22.16 10.61 -17.01
H1B NAP F . -19.99 12.62 -16.59
H1B NAP F . -20.23 12.77 -16.79
H8A NAP F . -19.75 9.07 -17.65
H8A NAP F . -19.91 9.16 -17.69
H61A NAP F . -16.40 11.05 -22.14
H61A NAP F . -16.34 11.00 -22.09
H62A NAP F . -16.98 9.81 -21.48
H62A NAP F . -16.97 9.77 -21.42
H2A NAP F . -17.77 14.47 -19.83
H2A NAP F . -17.72 14.49 -19.86
H51N NAP F . -18.95 9.96 -9.70
H51N NAP F . -18.81 10.02 -9.70
H52N NAP F . -18.59 10.25 -11.24
H52N NAP F . -18.75 9.84 -11.30
H4D NAP F . -16.60 9.82 -10.13
H4D NAP F . -16.55 9.80 -10.32
H3D NAP F . -17.19 8.33 -12.22
H3D NAP F . -17.27 8.16 -12.22
HO3N NAP F . -15.16 9.19 -12.01
HO3N NAP F . -15.26 9.05 -12.27
H2D NAP F . -17.62 6.34 -10.97
H2D NAP F . -17.64 6.29 -10.86
HO2N NAP F . -15.99 5.78 -12.28
HO2N NAP F . -16.08 5.62 -12.22
H1D NAP F . -15.43 7.14 -9.28
H1D NAP F . -15.33 7.06 -9.32
H2N NAP F . -18.79 6.15 -8.65
H2N NAP F . -18.76 6.29 -8.58
H71N NAP F . -21.67 5.14 -6.97
H71N NAP F . -21.68 5.25 -7.00
H72N NAP F . -20.66 5.96 -7.75
H72N NAP F . -20.63 6.05 -7.78
H4N NAP F . -17.63 3.53 -5.83
H4N NAP F . -17.69 3.52 -5.84
H5N NAP F . -15.41 4.08 -6.27
H5N NAP F . -15.46 3.96 -6.30
H6N NAP F . -14.93 5.60 -7.95
H6N NAP F . -14.91 5.55 -7.88
N1 IMD G . 7.36 27.17 -11.13
C2 IMD G . 8.40 26.98 -11.91
N3 IMD G . 8.42 27.96 -12.84
C4 IMD G . 7.31 28.74 -12.65
C5 IMD G . 6.69 28.30 -11.55
HN1 IMD G . 7.12 26.66 -10.46
H2 IMD G . 9.02 26.27 -11.84
HN3 IMD G . 9.04 28.06 -13.44
H4 IMD G . 7.04 29.45 -13.20
H5 IMD G . 5.94 28.69 -11.12
O1 TLA H . 10.01 0.99 -15.64
O1 TLA H . 9.86 1.32 -15.50
O11 TLA H . 11.25 2.30 -16.93
O11 TLA H . 11.72 1.50 -16.70
C1 TLA H . 10.72 1.99 -15.84
C1 TLA H . 11.02 1.73 -15.68
C2 TLA H . 11.00 2.89 -14.63
C2 TLA H . 11.66 2.60 -14.59
O2 TLA H . 11.53 4.13 -15.04
O2 TLA H . 13.05 2.38 -14.51
C3 TLA H . 11.94 2.17 -13.65
C3 TLA H . 11.01 2.37 -13.22
O3 TLA H . 13.17 1.87 -14.30
O3 TLA H . 11.01 1.02 -12.86
C4 TLA H . 12.18 3.02 -12.39
C4 TLA H . 11.74 3.22 -12.15
O4 TLA H . 12.66 2.42 -11.40
O4 TLA H . 12.23 2.60 -11.18
O41 TLA H . 11.89 4.23 -12.45
O41 TLA H . 11.81 4.46 -12.34
H2 TLA H . 10.15 3.06 -14.14
H2 TLA H . 11.48 3.54 -14.84
HA TLA H . 12.20 3.98 -15.54
HA TLA H . 13.40 2.54 -15.27
H3 TLA H . 11.49 1.34 -13.38
H3 TLA H . 10.07 2.68 -13.29
HB TLA H . 13.02 1.32 -14.92
HB TLA H . 10.66 0.93 -12.09
PA NAP I . 13.29 -3.31 -23.78
O1A NAP I . 12.88 -2.05 -24.45
O2A NAP I . 14.73 -3.63 -23.62
O5B NAP I . 12.57 -4.54 -24.51
C5B NAP I . 11.18 -4.38 -24.81
C4B NAP I . 10.68 -5.72 -25.32
O4B NAP I . 9.25 -5.61 -25.52
C3B NAP I . 11.29 -6.15 -26.66
O3B NAP I . 11.53 -7.55 -26.66
C2B NAP I . 10.21 -5.72 -27.63
O2B NAP I . 10.15 -6.55 -28.78
C1B NAP I . 8.93 -5.97 -26.83
N9A NAP I . 7.78 -5.19 -27.25
C8A NAP I . 7.59 -3.83 -27.16
N7A NAP I . 6.41 -3.47 -27.62
C5A NAP I . 5.79 -4.66 -28.00
C6A NAP I . 4.53 -4.94 -28.55
N6A NAP I . 3.63 -4.01 -28.85
N1A NAP I . 4.24 -6.24 -28.82
C2A NAP I . 5.17 -7.17 -28.54
N3A NAP I . 6.38 -7.02 -28.02
C4A NAP I . 6.63 -5.72 -27.77
O3 NAP I . 12.56 -3.29 -22.37
PN NAP I . 12.74 -4.04 -20.98
O1N NAP I . 13.44 -3.11 -20.07
O2N NAP I . 13.31 -5.41 -21.18
O5D NAP I . 11.22 -4.11 -20.57
C5D NAP I . 10.53 -5.36 -20.33
C4D NAP I . 9.43 -5.07 -19.34
O4D NAP I . 10.00 -4.62 -18.09
C3D NAP I . 8.48 -3.97 -19.80
O3D NAP I . 7.14 -4.25 -19.39
C2D NAP I . 8.95 -2.75 -18.99
O2D NAP I . 7.88 -1.84 -18.81
C1D NAP I . 9.35 -3.43 -17.69
N1N NAP I . 10.26 -2.65 -16.83
C2N NAP I . 11.56 -2.38 -17.20
C3N NAP I . 12.39 -1.72 -16.32
C7N NAP I . 13.83 -1.40 -16.64
O7N NAP I . 14.44 -0.64 -15.89
N7N NAP I . 14.40 -2.01 -17.67
C4N NAP I . 11.89 -1.29 -15.11
C5N NAP I . 10.60 -1.60 -14.74
C6N NAP I . 9.81 -2.28 -15.63
P2B NAP I . 10.78 -6.03 -30.16
O1X NAP I . 12.10 -5.42 -29.84
O2X NAP I . 10.84 -7.31 -30.96
O3X NAP I . 9.76 -5.04 -30.71
H51A NAP I . 10.68 -4.13 -23.99
H52A NAP I . 11.05 -3.69 -25.49
H4B NAP I . 10.83 -6.42 -24.66
H3B NAP I . 12.13 -5.67 -26.86
HO3A NAP I . 11.94 -7.76 -27.37
H2B NAP I . 10.36 -4.78 -27.86
H1B NAP I . 8.70 -6.93 -26.88
H8A NAP I . 8.22 -3.22 -26.84
H61A NAP I . 2.87 -4.24 -29.20
H62A NAP I . 3.81 -3.17 -28.68
H2A NAP I . 4.91 -8.06 -28.74
H51N NAP I . 11.16 -6.03 -19.96
H52N NAP I . 10.16 -5.72 -21.17
H4D NAP I . 8.94 -5.90 -19.14
H3D NAP I . 8.58 -3.84 -20.78
HO3N NAP I . 6.81 -4.83 -19.93
H2D NAP I . 9.71 -2.28 -19.39
HO2N NAP I . 7.68 -1.50 -19.56
H1D NAP I . 8.54 -3.62 -17.15
H2N NAP I . 11.87 -2.64 -18.05
H71N NAP I . 15.25 -1.87 -17.85
H72N NAP I . 13.93 -2.56 -18.19
H4N NAP I . 12.45 -0.79 -14.52
H5N NAP I . 10.26 -1.35 -13.90
H6N NAP I . 8.92 -2.48 -15.41
N1 IMD J . -1.38 3.75 -4.73
C2 IMD J . -1.04 3.42 -5.97
N3 IMD J . 0.25 3.70 -6.13
C4 IMD J . 0.76 4.11 -4.92
C5 IMD J . -0.29 4.23 -4.08
HN1 IMD J . -2.18 3.67 -4.40
H2 IMD J . -1.62 3.06 -6.62
HN3 IMD J . 0.70 3.64 -6.88
H4 IMD J . 1.66 4.28 -4.72
H5 IMD J . -0.26 4.57 -3.21
O1 TLA K . 10.48 11.40 8.53
O1 TLA K . 10.65 11.22 8.45
O11 TLA K . 8.89 12.69 7.69
O11 TLA K . 8.84 12.17 7.59
C1 TLA K . 9.46 12.13 8.63
C1 TLA K . 9.45 11.60 8.52
C2 TLA K . 8.88 12.36 10.03
C2 TLA K . 8.69 11.36 9.83
O2 TLA K . 9.03 13.71 10.43
O2 TLA K . 7.35 11.77 9.72
C3 TLA K . 9.55 11.44 11.05
C3 TLA K . 9.42 12.10 10.97
O3 TLA K . 10.94 11.70 11.10
O3 TLA K . 9.60 13.46 10.61
C4 TLA K . 8.92 11.63 12.44
C4 TLA K . 8.69 11.99 12.31
O4 TLA K . 9.61 12.19 13.30
O4 TLA K . 8.94 12.87 13.18
O41 TLA K . 7.77 11.19 12.60
O41 TLA K . 7.92 11.03 12.46
H2 TLA K . 7.91 12.13 10.01
H2 TLA K . 8.70 10.39 10.06
HA TLA K . 8.65 13.82 11.17
HA TLA K . 6.98 11.33 9.09
H3 TLA K . 9.40 10.51 10.76
H3 TLA K . 10.29 11.65 11.08
HB TLA K . 11.07 12.45 11.48
HB TLA K . 10.01 13.86 11.23
PA NAP L . 6.30 17.05 20.41
O1A NAP L . 7.54 16.35 20.89
O2A NAP L . 6.37 18.46 19.98
O5B NAP L . 5.17 16.92 21.51
C5B NAP L . 4.95 15.62 22.09
C4B NAP L . 3.72 15.68 22.96
O4B NAP L . 3.46 14.35 23.47
C3B NAP L . 3.85 16.60 24.19
O3B NAP L . 2.57 17.15 24.50
C2B NAP L . 4.30 15.61 25.25
O2B NAP L . 4.00 15.96 26.59
C1B NAP L . 3.47 14.38 24.89
N9A NAP L . 3.92 13.12 25.37
C8A NAP L . 5.10 12.47 25.08
N7A NAP L . 5.20 11.33 25.72
C5A NAP L . 4.02 11.20 26.44
C6A NAP L . 3.53 10.23 27.31
N6A NAP L . 4.19 9.11 27.63
N1A NAP L . 2.32 10.44 27.88
C2A NAP L . 1.66 11.56 27.58
N3A NAP L . 2.02 12.55 26.76
C4A NAP L . 3.23 12.31 26.23
O3 NAP L . 5.73 16.13 19.24
PN NAP L . 4.94 16.38 17.90
O1N NAP L . 3.88 17.41 18.08
O2N NAP L . 5.92 16.59 16.82
O5D NAP L . 4.31 14.94 17.67
C5D NAP L . 2.93 14.64 17.93
C4D NAP L . 2.67 13.32 17.24
O4D NAP L . 2.97 13.47 15.84
C3D NAP L . 3.55 12.17 17.73
O3D NAP L . 2.82 10.95 17.71
C2D NAP L . 4.65 12.05 16.66
O2D NAP L . 5.19 10.75 16.61
C1D NAP L . 3.85 12.41 15.41
N1N NAP L . 4.63 12.89 14.27
C2N NAP L . 5.31 14.08 14.31
C3N NAP L . 6.00 14.50 13.18
C7N NAP L . 6.78 15.78 13.12
O7N NAP L . 7.50 15.99 12.16
N7N NAP L . 6.61 16.66 14.11
C4N NAP L . 5.98 13.71 12.05
C5N NAP L . 5.24 12.55 12.02
C6N NAP L . 4.57 12.16 13.13
P2B NAP L . 4.99 16.98 27.36
O1X NAP L . 6.42 16.48 27.20
O2X NAP L . 4.80 18.35 26.75
O3X NAP L . 4.49 16.95 28.80
H51A NAP L . 5.74 15.36 22.64
H52A NAP L . 4.83 14.93 21.39
H4B NAP L . 2.96 15.97 22.43
H3B NAP L . 4.52 17.30 24.05
HO3A NAP L . 2.31 17.62 23.85
H2B NAP L . 5.27 15.54 25.14
H1B NAP L . 2.56 14.50 25.24
H8A NAP L . 5.77 12.80 24.51
H61A NAP L . 3.83 8.55 28.19
H62A NAP L . 4.97 8.95 27.27
H2A NAP L . 0.82 11.67 27.99
H51N NAP L . 2.34 15.34 17.57
H52N NAP L . 2.76 14.55 18.90
H4D NAP L . 1.73 13.09 17.32
H3D NAP L . 3.92 12.41 18.63
HO3N NAP L . 2.28 10.94 18.35
H2D NAP L . 5.40 12.68 16.79
HO2N NAP L . 5.64 10.59 17.32
H1D NAP L . 3.35 11.61 15.12
H2N NAP L . 5.32 14.60 15.09
H71N NAP L . 6.08 16.48 14.79
H72N NAP L . 7.04 17.44 14.08
H4N NAP L . 6.48 13.96 11.29
H5N NAP L . 5.19 12.02 11.24
H6N NAP L . 4.05 11.38 13.13
N1 IMD M . 5.21 -0.24 5.34
C2 IMD M . 5.41 -0.02 4.05
N3 IMD M . 4.95 -1.09 3.39
C4 IMD M . 4.38 -1.96 4.28
C5 IMD M . 4.51 -1.40 5.50
HN1 IMD M . 5.49 0.28 5.99
H2 IMD M . 5.79 0.75 3.67
HN3 IMD M . 5.01 -1.21 2.52
H4 IMD M . 3.98 -2.78 4.08
H5 IMD M . 4.18 -1.74 6.31
O1 TLA N . -4.15 -15.11 7.87
O1 TLA N . -4.00 -14.41 7.69
O11 TLA N . -4.98 -14.12 9.67
O11 TLA N . -5.07 -13.84 9.57
C1 TLA N . -4.12 -14.79 9.07
C1 TLA N . -4.03 -14.15 8.92
C2 TLA N . -2.90 -15.25 9.88
C2 TLA N . -2.71 -14.24 9.70
O2 TLA N . -2.91 -16.65 10.07
O2 TLA N . -1.64 -14.58 8.84
C3 TLA N . -2.86 -14.54 11.23
C3 TLA N . -2.84 -15.26 10.83
O3 TLA N . -4.08 -14.77 11.94
O3 TLA N . -3.28 -16.51 10.30
C4 TLA N . -1.65 -15.04 12.03
C4 TLA N . -1.53 -15.42 11.61
O4 TLA N . -1.87 -15.79 13.00
O4 TLA N . -1.39 -16.46 12.30
O41 TLA N . -0.53 -14.65 11.65
O41 TLA N . -0.71 -14.50 11.51
H2 TLA N . -2.08 -14.99 9.37
H2 TLA N . -2.52 -13.36 10.10
HA TLA N . -3.00 -17.02 9.31
HA TLA N . -1.60 -14.01 8.22
H3 TLA N . -2.77 -13.57 11.09
H3 TLA N . -3.52 -14.92 11.46
HB TLA N . -4.15 -15.61 12.08
HB TLA N . -3.30 -17.08 10.93
PA NAP O . 4.53 -22.18 16.01
PA NAP O . 4.06 -22.13 15.99
O1A NAP O . 3.80 -21.81 17.26
O1A NAP O . 3.29 -21.63 17.16
O2A NAP O . 4.15 -23.44 15.31
O2A NAP O . 3.63 -23.37 15.28
O5B NAP O . 6.09 -22.18 16.30
O5B NAP O . 5.60 -22.25 16.39
C5B NAP O . 6.64 -21.02 16.96
C5B NAP O . 6.21 -21.15 17.10
C4B NAP O . 8.12 -21.19 17.12
C4B NAP O . 7.70 -21.35 17.13
O4B NAP O . 8.64 -19.97 17.73
O4B NAP O . 8.32 -20.17 17.69
C3B NAP O . 8.57 -22.33 18.02
C3B NAP O . 8.20 -22.54 17.99
O3B NAP O . 9.77 -22.90 17.52
O3B NAP O . 9.40 -23.04 17.43
C2B NAP O . 8.82 -21.65 19.35
C2B NAP O . 8.40 -21.87 19.33
O2B NAP O . 9.83 -22.29 20.13
O2B NAP O . 9.33 -22.46 20.22
C1B NAP O . 9.38 -20.30 18.88
C1B NAP O . 9.01 -20.53 18.88
N9A NAP O . 9.28 -19.23 19.84
N9A NAP O . 8.96 -19.43 19.81
C8A NAP O . 8.15 -18.63 20.36
C8A NAP O . 7.86 -18.80 20.33
N7A NAP O . 8.44 -17.67 21.21
N7A NAP O . 8.19 -17.84 21.16
C5A NAP O . 9.83 -17.63 21.24
C5A NAP O . 9.57 -17.82 21.17
C6A NAP O . 10.73 -16.82 21.94
C6A NAP O . 10.52 -17.03 21.83
N6A NAP O . 10.36 -15.87 22.79
N6A NAP O . 10.20 -16.04 22.67
N1A NAP O . 12.06 -17.05 21.74
N1A NAP O . 11.84 -17.29 21.60
C2A NAP O . 12.42 -18.01 20.88
C2A NAP O . 12.15 -18.27 20.75
N3A NAP O . 11.65 -18.83 20.17
N3A NAP O . 11.35 -19.07 20.07
C4A NAP O . 10.35 -18.58 20.39
C4A NAP O . 10.06 -18.80 20.31
O3 NAP O . 4.37 -20.95 15.03
O3 NAP O . 4.13 -20.93 14.92
PN NAP O . 4.43 -20.77 13.45
PN NAP O . 4.03 -20.83 13.33
O1N NAP O . 3.05 -20.74 12.89
O1N NAP O . 2.59 -20.93 12.99
O2N NAP O . 5.45 -21.71 12.88
O2N NAP O . 5.01 -21.75 12.67
O5D NAP O . 4.99 -19.28 13.48
O5D NAP O . 4.51 -19.32 13.07
C5D NAP O . 6.22 -18.94 12.80
C5D NAP O . 5.91 -19.03 12.85
C4D NAP O . 6.09 -17.48 12.38
C4D NAP O . 6.00 -17.57 12.47
O4D NAP O . 5.07 -17.40 11.36
O4D NAP O . 5.10 -17.34 11.37
C3D NAP O . 5.66 -16.54 13.51
C3D NAP O . 5.60 -16.59 13.56
O3D NAP O . 6.37 -15.31 13.45
O3D NAP O . 6.30 -15.36 13.46
C2D NAP O . 4.19 -16.26 13.18
C2D NAP O . 4.12 -16.32 13.25
O2D NAP O . 3.80 -15.00 13.70
O2D NAP O . 3.70 -15.08 13.79
C1D NAP O . 4.22 -16.31 11.67
C1D NAP O . 4.20 -16.31 11.73
N1N NAP O . 2.90 -16.54 11.02
N1N NAP O . 2.91 -16.53 11.03
C2N NAP O . 2.28 -17.75 11.11
C2N NAP O . 2.24 -17.73 11.13
C3N NAP O . 1.08 -17.96 10.43
C3N NAP O . 1.07 -17.92 10.42
C7N NAP O . 0.36 -19.28 10.45
C7N NAP O . 0.25 -19.18 10.46
O7N NAP O . -0.75 -19.34 9.94
O7N NAP O . -0.88 -19.16 9.98
N7N NAP O . 0.97 -20.33 11.00
N7N NAP O . 0.80 -20.25 11.01
C4N NAP O . 0.53 -16.90 9.72
C4N NAP O . 0.58 -16.88 9.62
C5N NAP O . 1.19 -15.70 9.63
C5N NAP O . 1.28 -15.69 9.54
C6N NAP O . 2.37 -15.54 10.30
C6N NAP O . 2.44 -15.55 10.25
P2B NAP O . 9.37 -23.36 21.23
P2B NAP O . 8.84 -23.75 21.10
O1X NAP O . 8.38 -24.32 20.62
O1X NAP O . 8.71 -24.93 20.16
O2X NAP O . 8.74 -22.58 22.38
O2X NAP O . 7.56 -23.36 21.75
O3X NAP O . 10.65 -24.03 21.66
O3X NAP O . 9.98 -23.95 22.13
H51A NAP O . 6.44 -20.21 16.41
H51A NAP O . 6.00 -20.29 16.66
H52A NAP O . 6.21 -20.90 17.84
H52A NAP O . 5.86 -21.11 18.03
H4B NAP O . 8.54 -21.31 16.24
H4B NAP O . 8.03 -21.46 16.21
H3B NAP O . 7.84 -23.00 18.10
H3B NAP O . 7.51 -23.24 18.06
HO3A NAP O . 9.63 -23.21 16.75
HO3A NAP O . 9.26 -23.27 16.63
H2B NAP O . 7.97 -21.60 19.84
H2B NAP O . 7.52 -21.86 19.76
H1B NAP O . 10.33 -20.41 18.66
H1B NAP O . 9.96 -20.69 18.69
H8A NAP O . 7.27 -18.88 20.14
H8A NAP O . 6.97 -19.04 20.14
H61A NAP O . 10.97 -15.40 23.21
H61A NAP O . 10.84 -15.58 23.07
H62A NAP O . 9.51 -15.72 22.92
H62A NAP O . 9.36 -15.87 22.84
H2A NAP O . 13.35 -18.12 20.78
H2A NAP O . 13.08 -18.41 20.62
H51N NAP O . 7.00 -19.04 13.41
H51N NAP O . 6.43 -19.20 13.67
H52N NAP O . 6.35 -19.51 12.01
H52N NAP O . 6.27 -19.60 12.12
H4D NAP O . 6.93 -17.18 11.98
H4D NAP O . 6.92 -17.36 12.17
H3D NAP O . 5.78 -17.01 14.37
H3D NAP O . 5.73 -17.04 14.44
HO3N NAP O . 7.15 -15.44 13.75
HO3N NAP O . 7.10 -15.48 13.74
H2D NAP O . 3.56 -16.93 13.54
H2D NAP O . 3.49 -17.01 13.57
HO2N NAP O . 3.83 -15.02 14.54
HO2N NAP O . 3.71 -15.14 14.64
H1D NAP O . 4.56 -15.45 11.31
H1D NAP O . 4.54 -15.42 11.43
H2N NAP O . 2.66 -18.45 11.62
H2N NAP O . 2.57 -18.42 11.68
H71N NAP O . 0.57 -21.11 11.00
H71N NAP O . 0.34 -21.01 11.04
H72N NAP O . 1.77 -20.24 11.36
H72N NAP O . 1.61 -20.22 11.35
H4N NAP O . -0.31 -17.01 9.29
H4N NAP O . -0.22 -16.99 9.14
H5N NAP O . 0.84 -14.99 9.12
H5N NAP O . 0.97 -14.98 9.00
H6N NAP O . 2.84 -14.72 10.27
H6N NAP O . 2.94 -14.75 10.20
#